data_6QMR
#
_entry.id   6QMR
#
_cell.length_a   66.151
_cell.length_b   66.613
_cell.length_c   76.377
_cell.angle_alpha   83.690
_cell.angle_beta   64.360
_cell.angle_gamma   74.650
#
_symmetry.space_group_name_H-M   'P 1'
#
loop_
_entity.id
_entity.type
_entity.pdbx_description
1 polymer 'Complement factor D'
2 non-polymer '2-[2-[[3-[3-[(1~{S})-1-azanyl-2-oxidanyl-ethyl]phenyl]phenyl]methoxy]phenyl]ethanoic acid'
3 water water
#
_entity_poly.entity_id   1
_entity_poly.type   'polypeptide(L)'
_entity_poly.pdbx_seq_one_letter_code
;HSWERLAVLVLLGAAACAAPPRGRILGGREAEAHARPYMASVQLNGAHLCGGVLVAEQWVLSAAHCLEDAADGKVQVLLG
AHSLSQPEPSKRLYDVLRAVPHPDSQPDTIDHDLLLLQLSEKATLGPAVRPLPWQRVDRDVAPGTLCDVAGWGIVNHAGR
RPDSLQHVLLPVLDRATCNRRTHHDGAITERLMCAESNRRDSCKGDSGGPLVCGGVLEGVVTSGSRVCGNRKKPGIYTRV
ASYAAWIDSVLASA
;
_entity_poly.pdbx_strand_id   A,B,C,D,E,F
#
# COMPACT_ATOMS: atom_id res chain seq x y z
N ILE A 25 -21.03 -11.18 -12.73
CA ILE A 25 -21.92 -10.92 -11.59
C ILE A 25 -22.96 -9.89 -11.99
N LEU A 26 -24.24 -10.28 -11.98
CA LEU A 26 -25.35 -9.35 -12.26
C LEU A 26 -25.88 -8.85 -10.95
N GLY A 27 -26.29 -7.57 -10.91
CA GLY A 27 -26.87 -6.92 -9.74
C GLY A 27 -25.93 -6.75 -8.56
N GLY A 28 -24.64 -6.85 -8.80
CA GLY A 28 -23.65 -6.70 -7.76
C GLY A 28 -23.04 -5.32 -7.75
N ARG A 29 -21.91 -5.20 -7.08
CA ARG A 29 -21.15 -3.96 -7.03
C ARG A 29 -19.66 -4.29 -7.03
N GLU A 30 -18.83 -3.27 -7.27
CA GLU A 30 -17.40 -3.43 -7.29
C GLU A 30 -16.93 -3.83 -5.91
N ALA A 31 -16.13 -4.90 -5.85
CA ALA A 31 -15.58 -5.38 -4.60
C ALA A 31 -14.52 -4.39 -4.10
N GLU A 32 -14.26 -4.38 -2.80
CA GLU A 32 -13.19 -3.56 -2.20
C GLU A 32 -11.90 -4.25 -2.71
N ALA A 33 -10.96 -3.47 -3.28
CA ALA A 33 -9.73 -4.02 -3.83
C ALA A 33 -8.99 -4.90 -2.83
N HIS A 34 -8.70 -6.16 -3.23
CA HIS A 34 -7.90 -7.17 -2.50
C HIS A 34 -8.51 -7.65 -1.18
N ALA A 35 -9.81 -7.37 -0.94
CA ALA A 35 -10.54 -7.80 0.26
C ALA A 35 -10.85 -9.32 0.22
N ARG A 36 -10.67 -9.95 -0.95
CA ARG A 36 -10.87 -11.39 -1.18
C ARG A 36 -9.55 -11.92 -1.75
N PRO A 37 -8.52 -12.08 -0.87
CA PRO A 37 -7.17 -12.47 -1.34
C PRO A 37 -7.03 -13.84 -1.97
N TYR A 38 -8.07 -14.65 -1.83
CA TYR A 38 -8.17 -16.00 -2.40
C TYR A 38 -8.71 -15.98 -3.83
N MET A 39 -9.28 -14.84 -4.28
N MET A 39 -9.19 -14.81 -4.29
CA MET A 39 -9.89 -14.72 -5.61
CA MET A 39 -9.75 -14.64 -5.63
C MET A 39 -8.83 -14.80 -6.70
C MET A 39 -8.73 -14.85 -6.72
N ALA A 40 -9.05 -15.70 -7.69
CA ALA A 40 -8.16 -15.96 -8.82
C ALA A 40 -8.88 -15.75 -10.15
N SER A 41 -8.13 -15.34 -11.17
CA SER A 41 -8.61 -15.21 -12.53
C SER A 41 -7.95 -16.31 -13.35
N VAL A 42 -8.71 -17.34 -13.70
CA VAL A 42 -8.19 -18.41 -14.53
C VAL A 42 -8.27 -17.84 -15.95
N GLN A 43 -7.14 -17.81 -16.64
CA GLN A 43 -7.06 -17.16 -17.94
C GLN A 43 -6.57 -18.07 -19.06
N LEU A 44 -7.02 -17.79 -20.30
CA LEU A 44 -6.63 -18.55 -21.49
C LEU A 44 -6.10 -17.51 -22.50
N ASN A 45 -4.81 -17.64 -22.89
CA ASN A 45 -4.13 -16.73 -23.81
C ASN A 45 -4.24 -15.25 -23.38
N GLY A 46 -4.06 -15.01 -22.08
CA GLY A 46 -4.09 -13.69 -21.47
C GLY A 46 -5.46 -13.12 -21.15
N ALA A 47 -6.54 -13.84 -21.53
CA ALA A 47 -7.91 -13.35 -21.31
C ALA A 47 -8.62 -14.08 -20.18
N HIS A 48 -9.35 -13.33 -19.32
CA HIS A 48 -10.11 -13.92 -18.21
C HIS A 48 -11.13 -14.88 -18.80
N LEU A 49 -11.16 -16.10 -18.28
CA LEU A 49 -12.06 -17.14 -18.75
C LEU A 49 -13.07 -17.54 -17.66
N CYS A 50 -12.55 -17.78 -16.47
CA CYS A 50 -13.33 -18.27 -15.34
C CYS A 50 -12.73 -17.74 -14.08
N GLY A 51 -13.50 -17.82 -13.00
CA GLY A 51 -12.99 -17.51 -11.67
C GLY A 51 -12.26 -18.73 -11.15
N GLY A 52 -11.56 -18.56 -10.05
CA GLY A 52 -10.85 -19.63 -9.39
C GLY A 52 -10.70 -19.25 -7.94
N VAL A 53 -10.36 -20.23 -7.09
CA VAL A 53 -10.15 -20.00 -5.66
C VAL A 53 -8.81 -20.59 -5.30
N LEU A 54 -7.94 -19.79 -4.69
CA LEU A 54 -6.67 -20.30 -4.16
C LEU A 54 -7.03 -21.08 -2.89
N VAL A 55 -6.77 -22.39 -2.85
CA VAL A 55 -7.14 -23.27 -1.70
C VAL A 55 -5.91 -23.78 -0.92
N ALA A 56 -4.73 -23.67 -1.54
CA ALA A 56 -3.44 -24.06 -0.95
C ALA A 56 -2.41 -23.16 -1.62
N GLU A 57 -1.18 -23.09 -1.09
CA GLU A 57 -0.12 -22.24 -1.64
C GLU A 57 0.13 -22.43 -3.13
N GLN A 58 0.00 -23.67 -3.64
CA GLN A 58 0.30 -23.97 -5.05
C GLN A 58 -0.90 -24.47 -5.86
N TRP A 59 -2.11 -24.43 -5.27
CA TRP A 59 -3.28 -24.98 -5.94
C TRP A 59 -4.46 -24.01 -6.00
N VAL A 60 -5.13 -23.99 -7.17
CA VAL A 60 -6.31 -23.18 -7.44
C VAL A 60 -7.46 -24.10 -7.87
N LEU A 61 -8.61 -23.94 -7.22
CA LEU A 61 -9.79 -24.72 -7.54
C LEU A 61 -10.65 -23.89 -8.50
N SER A 62 -11.13 -24.54 -9.55
CA SER A 62 -11.97 -23.89 -10.55
C SER A 62 -13.00 -24.92 -11.03
N ALA A 63 -13.65 -24.65 -12.18
CA ALA A 63 -14.68 -25.54 -12.73
C ALA A 63 -14.07 -26.27 -13.96
N ALA A 64 -14.32 -27.57 -14.09
CA ALA A 64 -13.75 -28.38 -15.17
C ALA A 64 -14.13 -27.91 -16.57
N HIS A 65 -15.40 -27.47 -16.78
CA HIS A 65 -15.92 -27.02 -18.08
C HIS A 65 -15.18 -25.80 -18.62
N CYS A 66 -14.50 -25.04 -17.74
CA CYS A 66 -13.73 -23.86 -18.14
C CYS A 66 -12.67 -24.20 -19.17
N LEU A 67 -11.99 -25.36 -19.05
CA LEU A 67 -10.91 -25.76 -19.95
C LEU A 67 -11.32 -26.71 -21.08
N GLU A 68 -12.64 -26.91 -21.30
CA GLU A 68 -13.14 -27.86 -22.30
C GLU A 68 -12.76 -27.49 -23.74
N ASP A 69 -13.00 -26.23 -24.17
CA ASP A 69 -12.62 -25.78 -25.51
C ASP A 69 -11.39 -24.86 -25.46
N ALA A 70 -10.39 -25.26 -24.63
CA ALA A 70 -9.14 -24.53 -24.40
C ALA A 70 -7.92 -25.29 -24.89
N ALA A 71 -7.97 -26.64 -24.84
CA ALA A 71 -6.89 -27.61 -25.18
C ALA A 71 -6.12 -27.20 -26.42
N ASP A 72 -5.01 -26.46 -26.18
CA ASP A 72 -4.05 -25.82 -27.10
C ASP A 72 -3.40 -24.61 -26.40
N GLY A 73 -4.22 -23.58 -26.12
CA GLY A 73 -3.86 -22.30 -25.53
C GLY A 73 -3.14 -22.32 -24.21
N LYS A 74 -2.54 -21.16 -23.86
CA LYS A 74 -1.78 -21.02 -22.61
C LYS A 74 -2.75 -20.77 -21.43
N VAL A 75 -2.83 -21.74 -20.51
CA VAL A 75 -3.68 -21.60 -19.31
C VAL A 75 -2.80 -21.02 -18.20
N GLN A 76 -3.22 -19.88 -17.63
CA GLN A 76 -2.51 -19.19 -16.55
C GLN A 76 -3.49 -18.78 -15.45
N VAL A 77 -2.96 -18.50 -14.25
CA VAL A 77 -3.81 -18.09 -13.14
C VAL A 77 -3.30 -16.75 -12.63
N LEU A 78 -4.19 -15.75 -12.63
CA LEU A 78 -3.87 -14.42 -12.09
C LEU A 78 -4.28 -14.32 -10.60
N LEU A 79 -3.30 -14.10 -9.73
CA LEU A 79 -3.54 -13.92 -8.30
C LEU A 79 -3.28 -12.46 -7.87
N GLY A 80 -3.85 -12.07 -6.74
CA GLY A 80 -3.71 -10.75 -6.13
C GLY A 80 -4.28 -9.59 -6.92
N ALA A 81 -5.26 -9.86 -7.79
CA ALA A 81 -5.81 -8.83 -8.63
C ALA A 81 -7.12 -8.23 -8.20
N HIS A 82 -7.29 -6.96 -8.57
CA HIS A 82 -8.56 -6.28 -8.47
C HIS A 82 -8.95 -5.97 -9.90
N SER A 83 -8.07 -5.22 -10.61
CA SER A 83 -8.21 -4.87 -12.01
C SER A 83 -7.57 -5.94 -12.86
N LEU A 84 -8.24 -6.35 -13.96
CA LEU A 84 -7.66 -7.32 -14.90
C LEU A 84 -6.58 -6.71 -15.77
N SER A 85 -6.72 -5.42 -16.08
CA SER A 85 -5.81 -4.79 -17.04
C SER A 85 -4.75 -3.88 -16.45
N GLN A 86 -5.00 -3.32 -15.27
CA GLN A 86 -4.13 -2.34 -14.68
C GLN A 86 -3.04 -2.90 -13.76
N PRO A 87 -1.84 -2.28 -13.75
CA PRO A 87 -0.77 -2.74 -12.85
C PRO A 87 -1.12 -2.56 -11.38
N GLU A 88 -0.80 -3.58 -10.57
CA GLU A 88 -1.01 -3.58 -9.13
C GLU A 88 0.16 -4.35 -8.53
N PRO A 89 0.77 -3.85 -7.43
CA PRO A 89 1.93 -4.55 -6.83
C PRO A 89 1.73 -6.03 -6.49
N SER A 90 0.51 -6.39 -6.05
CA SER A 90 0.15 -7.74 -5.68
C SER A 90 -0.19 -8.66 -6.86
N LYS A 91 -0.48 -8.09 -8.05
CA LYS A 91 -0.84 -8.90 -9.23
C LYS A 91 0.31 -9.77 -9.72
N ARG A 92 0.02 -11.06 -9.92
CA ARG A 92 1.02 -11.98 -10.44
C ARG A 92 0.34 -13.06 -11.23
N LEU A 93 0.78 -13.23 -12.47
CA LEU A 93 0.27 -14.25 -13.38
C LEU A 93 1.19 -15.48 -13.25
N TYR A 94 0.60 -16.64 -12.92
CA TYR A 94 1.34 -17.88 -12.73
C TYR A 94 1.02 -18.85 -13.85
N ASP A 95 2.01 -19.67 -14.25
CA ASP A 95 1.77 -20.72 -15.22
C ASP A 95 1.20 -21.93 -14.48
N VAL A 96 0.48 -22.79 -15.17
CA VAL A 96 -0.09 -24.00 -14.57
C VAL A 96 0.79 -25.16 -15.03
N LEU A 97 1.25 -25.99 -14.06
CA LEU A 97 2.08 -27.17 -14.33
C LEU A 97 1.28 -28.42 -14.62
N ARG A 98 0.07 -28.49 -14.05
CA ARG A 98 -0.85 -29.59 -14.33
C ARG A 98 -2.29 -29.24 -13.94
N ALA A 99 -3.20 -29.75 -14.75
CA ALA A 99 -4.65 -29.53 -14.63
C ALA A 99 -5.28 -30.84 -14.29
N VAL A 100 -6.01 -30.86 -13.17
CA VAL A 100 -6.65 -32.05 -12.64
C VAL A 100 -8.18 -31.86 -12.64
N PRO A 101 -8.88 -32.20 -13.75
CA PRO A 101 -10.35 -32.15 -13.70
C PRO A 101 -10.86 -33.33 -12.84
N HIS A 102 -12.03 -33.16 -12.19
CA HIS A 102 -12.58 -34.26 -11.42
C HIS A 102 -12.79 -35.48 -12.35
N PRO A 103 -12.36 -36.69 -11.92
CA PRO A 103 -12.46 -37.88 -12.80
C PRO A 103 -13.85 -38.29 -13.23
N ASP A 104 -14.90 -37.86 -12.52
CA ASP A 104 -16.29 -38.17 -12.86
C ASP A 104 -16.95 -37.08 -13.72
N SER A 105 -16.22 -35.97 -14.01
CA SER A 105 -16.78 -34.89 -14.82
CA SER A 105 -16.74 -34.88 -14.82
C SER A 105 -16.93 -35.36 -16.26
N GLN A 106 -17.99 -34.93 -16.91
CA GLN A 106 -18.31 -35.22 -18.32
C GLN A 106 -18.60 -33.85 -18.96
N PRO A 107 -18.28 -33.61 -20.27
CA PRO A 107 -18.55 -32.31 -20.88
C PRO A 107 -20.04 -32.02 -21.02
N ASP A 108 -20.42 -30.74 -20.84
CA ASP A 108 -21.78 -30.19 -20.91
C ASP A 108 -22.74 -30.82 -19.91
N THR A 109 -22.17 -31.30 -18.79
CA THR A 109 -22.89 -31.85 -17.66
C THR A 109 -22.54 -30.99 -16.50
N ILE A 110 -23.45 -30.91 -15.55
CA ILE A 110 -23.23 -30.00 -14.43
C ILE A 110 -22.64 -30.69 -13.19
N ASP A 111 -22.54 -32.04 -13.24
CA ASP A 111 -22.03 -32.86 -12.15
C ASP A 111 -20.53 -32.94 -12.11
N HIS A 112 -19.97 -32.93 -10.87
CA HIS A 112 -18.54 -33.06 -10.56
C HIS A 112 -17.69 -32.05 -11.36
N ASP A 113 -18.25 -30.83 -11.55
CA ASP A 113 -17.62 -29.80 -12.37
C ASP A 113 -16.53 -29.04 -11.60
N LEU A 114 -15.51 -29.79 -11.18
CA LEU A 114 -14.39 -29.24 -10.42
C LEU A 114 -13.10 -29.47 -11.13
N LEU A 115 -12.19 -28.53 -10.95
CA LEU A 115 -10.88 -28.57 -11.59
C LEU A 115 -9.84 -28.04 -10.62
N LEU A 116 -8.73 -28.79 -10.45
CA LEU A 116 -7.62 -28.35 -9.61
C LEU A 116 -6.41 -28.01 -10.47
N LEU A 117 -5.88 -26.80 -10.30
CA LEU A 117 -4.78 -26.28 -11.09
C LEU A 117 -3.55 -26.09 -10.24
N GLN A 118 -2.45 -26.77 -10.64
CA GLN A 118 -1.19 -26.64 -9.89
C GLN A 118 -0.39 -25.52 -10.46
N LEU A 119 -0.05 -24.54 -9.64
CA LEU A 119 0.73 -23.39 -10.09
C LEU A 119 2.20 -23.77 -10.43
N SER A 120 2.93 -22.89 -11.13
CA SER A 120 4.33 -23.13 -11.50
C SER A 120 5.22 -23.23 -10.27
N GLU A 121 4.83 -22.51 -9.20
CA GLU A 121 5.51 -22.49 -7.91
C GLU A 121 4.49 -22.07 -6.87
N LYS A 122 4.84 -22.23 -5.57
CA LYS A 122 3.99 -21.78 -4.48
C LYS A 122 3.81 -20.28 -4.63
N ALA A 123 2.55 -19.82 -4.53
CA ALA A 123 2.18 -18.41 -4.67
C ALA A 123 2.82 -17.59 -3.56
N THR A 124 3.29 -16.38 -3.89
CA THR A 124 3.83 -15.46 -2.89
C THR A 124 2.64 -14.95 -2.10
N LEU A 125 2.60 -15.27 -0.82
CA LEU A 125 1.50 -14.90 0.07
C LEU A 125 1.72 -13.54 0.71
N GLY A 126 0.60 -12.86 0.96
CA GLY A 126 0.58 -11.54 1.57
C GLY A 126 -0.84 -11.10 1.84
N PRO A 127 -1.07 -9.80 2.17
CA PRO A 127 -2.45 -9.35 2.43
C PRO A 127 -3.40 -9.48 1.23
N ALA A 128 -2.88 -9.45 -0.01
CA ALA A 128 -3.69 -9.56 -1.23
C ALA A 128 -3.72 -10.96 -1.86
N VAL A 129 -2.92 -11.92 -1.34
CA VAL A 129 -2.81 -13.31 -1.84
C VAL A 129 -2.79 -14.26 -0.64
N ARG A 130 -3.88 -14.99 -0.45
CA ARG A 130 -4.01 -15.90 0.70
C ARG A 130 -5.03 -17.00 0.38
N PRO A 131 -4.70 -18.29 0.61
CA PRO A 131 -5.68 -19.35 0.39
C PRO A 131 -6.88 -19.27 1.33
N LEU A 132 -8.02 -19.74 0.85
CA LEU A 132 -9.25 -19.69 1.62
C LEU A 132 -9.55 -21.05 2.20
N PRO A 133 -9.82 -21.14 3.52
CA PRO A 133 -10.26 -22.42 4.11
C PRO A 133 -11.60 -22.83 3.50
N TRP A 134 -11.74 -24.12 3.22
CA TRP A 134 -12.91 -24.68 2.58
C TRP A 134 -13.62 -25.70 3.46
N GLN A 135 -14.94 -25.81 3.30
CA GLN A 135 -15.80 -26.67 4.10
C GLN A 135 -15.51 -28.14 3.90
N ARG A 136 -15.23 -28.84 5.00
CA ARG A 136 -14.90 -30.26 5.02
C ARG A 136 -16.01 -31.09 5.64
N VAL A 137 -16.94 -30.43 6.36
CA VAL A 137 -18.07 -31.07 7.01
C VAL A 137 -19.19 -31.12 5.99
N ASP A 138 -19.53 -32.33 5.54
CA ASP A 138 -20.55 -32.51 4.51
C ASP A 138 -21.99 -32.38 5.06
N ARG A 139 -22.41 -31.14 5.27
CA ARG A 139 -23.76 -30.77 5.73
C ARG A 139 -24.15 -29.52 4.98
N ASP A 140 -25.38 -29.48 4.47
CA ASP A 140 -25.87 -28.34 3.68
C ASP A 140 -25.82 -27.03 4.46
N VAL A 141 -25.60 -25.92 3.74
CA VAL A 141 -25.66 -24.58 4.31
C VAL A 141 -27.17 -24.32 4.45
N ALA A 142 -27.58 -23.78 5.62
CA ALA A 142 -28.99 -23.50 5.91
C ALA A 142 -29.65 -22.61 4.83
N PRO A 143 -30.88 -22.93 4.38
CA PRO A 143 -31.52 -22.05 3.39
C PRO A 143 -31.71 -20.65 3.98
N GLY A 144 -31.59 -19.63 3.14
CA GLY A 144 -31.70 -18.26 3.56
C GLY A 144 -30.40 -17.60 3.96
N THR A 145 -29.34 -18.40 4.26
CA THR A 145 -27.99 -17.91 4.60
C THR A 145 -27.46 -17.05 3.46
N LEU A 146 -26.96 -15.87 3.79
CA LEU A 146 -26.38 -14.97 2.82
C LEU A 146 -24.92 -15.37 2.55
N CYS A 147 -24.64 -15.72 1.30
CA CYS A 147 -23.30 -16.11 0.91
C CYS A 147 -22.76 -15.19 -0.18
N ASP A 148 -21.47 -14.88 -0.10
CA ASP A 148 -20.79 -13.96 -1.00
C ASP A 148 -20.21 -14.65 -2.23
N VAL A 149 -20.63 -14.21 -3.42
N VAL A 149 -20.62 -14.20 -3.43
CA VAL A 149 -20.09 -14.69 -4.69
CA VAL A 149 -20.15 -14.70 -4.73
C VAL A 149 -19.34 -13.54 -5.34
C VAL A 149 -19.41 -13.57 -5.44
N ALA A 150 -18.15 -13.81 -5.86
CA ALA A 150 -17.33 -12.80 -6.53
C ALA A 150 -16.83 -13.30 -7.88
N GLY A 151 -16.60 -12.38 -8.79
CA GLY A 151 -16.10 -12.72 -10.13
C GLY A 151 -15.95 -11.56 -11.08
N TRP A 152 -15.29 -11.86 -12.20
CA TRP A 152 -15.07 -10.93 -13.31
C TRP A 152 -15.97 -11.31 -14.47
N GLY A 153 -17.06 -12.01 -14.16
CA GLY A 153 -18.05 -12.38 -15.17
C GLY A 153 -18.87 -11.18 -15.62
N ILE A 154 -19.71 -11.37 -16.65
CA ILE A 154 -20.52 -10.30 -17.24
C ILE A 154 -21.44 -9.65 -16.21
N VAL A 155 -21.59 -8.30 -16.30
CA VAL A 155 -22.33 -7.47 -15.34
C VAL A 155 -23.71 -7.03 -15.83
N ASN A 156 -24.09 -7.37 -17.08
CA ASN A 156 -25.42 -7.10 -17.64
C ASN A 156 -25.74 -8.14 -18.69
N HIS A 157 -27.01 -8.22 -19.12
CA HIS A 157 -27.40 -9.23 -20.13
C HIS A 157 -26.79 -8.97 -21.51
N ALA A 158 -26.35 -7.73 -21.77
CA ALA A 158 -25.69 -7.35 -23.03
C ALA A 158 -24.25 -7.95 -23.12
N GLY A 159 -23.74 -8.49 -22.01
CA GLY A 159 -22.42 -9.12 -21.95
C GLY A 159 -21.26 -8.21 -21.61
N ARG A 160 -21.51 -7.05 -20.96
CA ARG A 160 -20.43 -6.13 -20.56
C ARG A 160 -19.51 -6.84 -19.54
N ARG A 161 -18.22 -6.91 -19.85
CA ARG A 161 -17.22 -7.55 -19.02
C ARG A 161 -16.55 -6.50 -18.14
N PRO A 162 -16.59 -6.64 -16.79
CA PRO A 162 -15.97 -5.63 -15.92
C PRO A 162 -14.45 -5.78 -15.90
N ASP A 163 -13.76 -4.67 -15.68
CA ASP A 163 -12.32 -4.73 -15.57
C ASP A 163 -11.98 -5.10 -14.11
N SER A 164 -12.78 -4.61 -13.17
CA SER A 164 -12.58 -4.82 -11.74
CA SER A 164 -12.56 -4.84 -11.75
C SER A 164 -13.50 -5.89 -11.17
N LEU A 165 -13.03 -6.58 -10.11
CA LEU A 165 -13.76 -7.65 -9.41
C LEU A 165 -15.08 -7.15 -8.84
N GLN A 166 -16.15 -7.91 -9.10
CA GLN A 166 -17.49 -7.63 -8.60
C GLN A 166 -17.88 -8.68 -7.59
N HIS A 167 -18.89 -8.38 -6.77
CA HIS A 167 -19.39 -9.34 -5.80
C HIS A 167 -20.86 -9.09 -5.51
N VAL A 168 -21.52 -10.08 -4.95
CA VAL A 168 -22.91 -9.94 -4.52
C VAL A 168 -23.19 -10.98 -3.41
N LEU A 169 -24.02 -10.58 -2.46
CA LEU A 169 -24.46 -11.50 -1.42
C LEU A 169 -25.74 -12.11 -1.94
N LEU A 170 -25.82 -13.44 -1.93
CA LEU A 170 -26.99 -14.18 -2.41
C LEU A 170 -27.51 -15.09 -1.32
N PRO A 171 -28.84 -15.23 -1.19
CA PRO A 171 -29.35 -16.17 -0.20
C PRO A 171 -29.35 -17.60 -0.74
N VAL A 172 -28.99 -18.58 0.11
CA VAL A 172 -29.02 -20.02 -0.24
C VAL A 172 -30.49 -20.40 -0.36
N LEU A 173 -30.81 -21.19 -1.37
CA LEU A 173 -32.16 -21.69 -1.65
C LEU A 173 -32.16 -23.18 -1.33
N ASP A 174 -33.18 -23.66 -0.60
CA ASP A 174 -33.28 -25.07 -0.24
C ASP A 174 -33.35 -25.96 -1.49
N ARG A 175 -32.69 -27.13 -1.43
CA ARG A 175 -32.59 -28.06 -2.57
C ARG A 175 -33.97 -28.46 -3.11
N ALA A 176 -34.94 -28.69 -2.20
CA ALA A 176 -36.33 -29.05 -2.55
C ALA A 176 -36.96 -28.03 -3.49
N THR A 177 -36.90 -26.72 -3.12
CA THR A 177 -37.42 -25.63 -3.96
C THR A 177 -36.67 -25.58 -5.32
N CYS A 178 -35.33 -25.69 -5.25
CA CYS A 178 -34.49 -25.69 -6.44
C CYS A 178 -34.79 -26.83 -7.42
N ASN A 179 -35.19 -28.00 -6.88
CA ASN A 179 -35.49 -29.20 -7.63
C ASN A 179 -36.90 -29.29 -8.20
N ARG A 180 -37.77 -28.29 -7.95
CA ARG A 180 -39.14 -28.29 -8.47
C ARG A 180 -39.14 -28.26 -10.00
N ARG A 181 -40.19 -28.82 -10.64
CA ARG A 181 -40.36 -28.86 -12.10
C ARG A 181 -40.23 -27.47 -12.76
N THR A 182 -40.73 -26.43 -12.08
CA THR A 182 -40.67 -25.02 -12.49
C THR A 182 -39.26 -24.44 -12.38
N HIS A 183 -38.37 -25.10 -11.59
CA HIS A 183 -37.00 -24.66 -11.35
C HIS A 183 -35.99 -25.54 -12.10
N HIS A 184 -35.22 -26.41 -11.37
CA HIS A 184 -34.23 -27.25 -12.04
C HIS A 184 -34.66 -28.71 -12.16
N ASP A 185 -35.93 -29.00 -11.86
CA ASP A 185 -36.59 -30.30 -12.07
C ASP A 185 -35.71 -31.56 -11.79
N GLY A 186 -35.39 -31.79 -10.52
CA GLY A 186 -34.62 -32.94 -10.07
C GLY A 186 -33.13 -33.00 -10.34
N ALA A 187 -32.55 -32.01 -11.08
CA ALA A 187 -31.11 -31.99 -11.41
C ALA A 187 -30.15 -31.69 -10.24
N ILE A 188 -30.67 -31.11 -9.14
CA ILE A 188 -29.82 -30.73 -8.02
C ILE A 188 -29.61 -31.92 -7.13
N THR A 189 -28.42 -32.51 -7.21
CA THR A 189 -28.01 -33.66 -6.42
C THR A 189 -27.60 -33.15 -5.03
N GLU A 190 -27.22 -34.07 -4.14
CA GLU A 190 -26.71 -33.74 -2.80
C GLU A 190 -25.35 -33.04 -2.86
N ARG A 191 -24.67 -33.10 -4.03
CA ARG A 191 -23.34 -32.52 -4.27
C ARG A 191 -23.41 -31.10 -4.81
N LEU A 192 -24.62 -30.58 -4.98
CA LEU A 192 -24.88 -29.25 -5.50
C LEU A 192 -25.76 -28.48 -4.56
N MET A 193 -25.60 -27.16 -4.57
CA MET A 193 -26.41 -26.21 -3.80
C MET A 193 -26.88 -25.11 -4.73
N CYS A 194 -27.97 -24.45 -4.33
CA CYS A 194 -28.57 -23.37 -5.11
C CYS A 194 -28.59 -22.09 -4.32
N ALA A 195 -28.53 -20.99 -5.04
CA ALA A 195 -28.68 -19.66 -4.47
C ALA A 195 -29.71 -18.93 -5.31
N GLU A 196 -30.44 -17.99 -4.67
CA GLU A 196 -31.46 -17.21 -5.38
C GLU A 196 -30.84 -16.45 -6.54
N SER A 197 -31.58 -16.39 -7.66
CA SER A 197 -31.10 -15.77 -8.90
C SER A 197 -31.97 -14.61 -9.36
N ASN A 198 -32.81 -14.08 -8.47
CA ASN A 198 -33.67 -12.96 -8.85
C ASN A 198 -32.87 -11.66 -8.98
N ARG A 199 -32.61 -11.25 -10.24
CA ARG A 199 -31.84 -10.05 -10.63
C ARG A 199 -30.36 -10.23 -10.32
N ARG A 200 -30.02 -10.37 -9.00
CA ARG A 200 -28.66 -10.61 -8.49
C ARG A 200 -28.29 -12.04 -8.82
N ASP A 201 -27.14 -12.27 -9.46
CA ASP A 201 -26.75 -13.64 -9.81
C ASP A 201 -25.32 -13.72 -10.31
N SER A 202 -24.78 -14.96 -10.39
CA SER A 202 -23.51 -15.24 -10.99
C SER A 202 -23.84 -15.44 -12.51
N CYS A 203 -22.91 -15.05 -13.41
CA CYS A 203 -23.15 -15.25 -14.85
C CYS A 203 -21.85 -15.59 -15.58
N LYS A 204 -21.88 -15.68 -16.92
CA LYS A 204 -20.75 -16.09 -17.78
C LYS A 204 -19.46 -15.35 -17.40
N GLY A 205 -18.44 -16.12 -17.08
CA GLY A 205 -17.15 -15.65 -16.62
C GLY A 205 -16.98 -15.83 -15.12
N ASP A 206 -18.06 -16.20 -14.40
CA ASP A 206 -18.04 -16.42 -12.95
C ASP A 206 -17.83 -17.87 -12.51
N SER A 207 -18.07 -18.84 -13.40
CA SER A 207 -17.86 -20.26 -13.03
C SER A 207 -16.44 -20.50 -12.51
N GLY A 208 -16.31 -21.40 -11.56
CA GLY A 208 -15.00 -21.72 -10.98
C GLY A 208 -14.67 -20.83 -9.80
N GLY A 209 -15.36 -19.69 -9.67
CA GLY A 209 -15.19 -18.75 -8.57
C GLY A 209 -15.88 -19.21 -7.32
N PRO A 210 -15.70 -18.48 -6.21
CA PRO A 210 -16.24 -18.93 -4.93
C PRO A 210 -17.59 -18.43 -4.45
N LEU A 211 -18.24 -19.27 -3.63
CA LEU A 211 -19.46 -18.98 -2.88
CA LEU A 211 -19.47 -18.97 -2.88
C LEU A 211 -19.02 -19.13 -1.43
N VAL A 212 -18.87 -18.04 -0.73
CA VAL A 212 -18.33 -18.04 0.62
C VAL A 212 -19.39 -17.73 1.64
N CYS A 213 -19.50 -18.57 2.68
CA CYS A 213 -20.49 -18.35 3.74
C CYS A 213 -19.73 -18.24 5.06
N GLY A 214 -19.85 -17.09 5.73
CA GLY A 214 -19.16 -16.85 7.00
C GLY A 214 -17.65 -17.05 6.94
N GLY A 215 -17.05 -16.62 5.83
CA GLY A 215 -15.61 -16.72 5.64
C GLY A 215 -15.05 -18.05 5.21
N VAL A 216 -15.91 -19.04 4.91
CA VAL A 216 -15.48 -20.38 4.50
C VAL A 216 -16.04 -20.66 3.11
N LEU A 217 -15.20 -21.29 2.25
CA LEU A 217 -15.64 -21.68 0.89
C LEU A 217 -16.64 -22.83 1.02
N GLU A 218 -17.85 -22.62 0.51
CA GLU A 218 -18.92 -23.63 0.52
C GLU A 218 -19.22 -24.14 -0.88
N GLY A 219 -19.16 -23.26 -1.86
CA GLY A 219 -19.44 -23.64 -3.23
C GLY A 219 -18.53 -23.04 -4.25
N VAL A 220 -18.50 -23.67 -5.44
CA VAL A 220 -17.75 -23.27 -6.63
C VAL A 220 -18.81 -23.06 -7.69
N VAL A 221 -18.82 -21.90 -8.30
CA VAL A 221 -19.82 -21.53 -9.30
C VAL A 221 -19.78 -22.50 -10.50
N THR A 222 -20.95 -22.96 -10.93
CA THR A 222 -21.06 -23.71 -12.18
C THR A 222 -22.05 -22.97 -13.07
N SER A 223 -22.06 -23.30 -14.38
CA SER A 223 -22.82 -22.65 -15.43
C SER A 223 -24.30 -23.00 -15.46
N GLY A 224 -24.71 -24.04 -14.72
CA GLY A 224 -26.10 -24.48 -14.60
C GLY A 224 -26.80 -24.67 -15.93
N SER A 225 -27.94 -23.97 -16.13
CA SER A 225 -28.74 -24.01 -17.36
C SER A 225 -28.33 -22.89 -18.32
N ARG A 226 -27.23 -22.18 -17.99
CA ARG A 226 -26.61 -21.09 -18.74
C ARG A 226 -27.58 -19.90 -18.92
N VAL A 227 -28.42 -19.69 -17.90
CA VAL A 227 -29.40 -18.61 -17.81
C VAL A 227 -29.06 -17.84 -16.54
N CYS A 228 -29.02 -16.51 -16.61
CA CYS A 228 -28.72 -15.66 -15.46
C CYS A 228 -29.80 -14.64 -15.17
N GLY A 229 -29.98 -14.32 -13.89
CA GLY A 229 -30.93 -13.31 -13.42
C GLY A 229 -32.39 -13.69 -13.47
N ASN A 230 -32.70 -14.96 -13.80
CA ASN A 230 -34.06 -15.49 -13.88
C ASN A 230 -34.30 -16.29 -12.61
N ARG A 231 -35.23 -15.78 -11.74
CA ARG A 231 -35.59 -16.40 -10.46
C ARG A 231 -36.01 -17.86 -10.58
N LYS A 232 -36.62 -18.25 -11.71
CA LYS A 232 -37.06 -19.63 -11.95
C LYS A 232 -35.90 -20.54 -12.29
N LYS A 233 -34.71 -19.98 -12.57
CA LYS A 233 -33.51 -20.79 -12.83
C LYS A 233 -32.40 -20.41 -11.85
N PRO A 234 -32.49 -20.87 -10.57
CA PRO A 234 -31.46 -20.50 -9.56
C PRO A 234 -30.01 -20.83 -9.91
N GLY A 235 -29.07 -20.07 -9.34
CA GLY A 235 -27.64 -20.32 -9.53
C GLY A 235 -27.27 -21.66 -8.95
N ILE A 236 -26.41 -22.41 -9.64
CA ILE A 236 -25.97 -23.74 -9.19
C ILE A 236 -24.49 -23.67 -8.82
N TYR A 237 -24.16 -24.16 -7.63
CA TYR A 237 -22.82 -24.13 -7.04
C TYR A 237 -22.44 -25.52 -6.58
N THR A 238 -21.23 -25.96 -6.94
CA THR A 238 -20.74 -27.29 -6.52
C THR A 238 -20.34 -27.19 -5.05
N ARG A 239 -20.89 -28.09 -4.19
CA ARG A 239 -20.57 -28.11 -2.76
C ARG A 239 -19.19 -28.73 -2.57
N VAL A 240 -18.22 -27.94 -2.10
CA VAL A 240 -16.84 -28.37 -1.88
C VAL A 240 -16.71 -29.50 -0.84
N ALA A 241 -17.58 -29.48 0.21
CA ALA A 241 -17.62 -30.48 1.29
C ALA A 241 -17.83 -31.89 0.73
N SER A 242 -18.64 -32.01 -0.34
CA SER A 242 -18.94 -33.27 -1.03
C SER A 242 -17.70 -33.87 -1.70
N TYR A 243 -16.67 -33.05 -1.93
CA TYR A 243 -15.45 -33.47 -2.64
C TYR A 243 -14.19 -33.37 -1.80
N ALA A 244 -14.35 -33.36 -0.46
CA ALA A 244 -13.26 -33.23 0.51
C ALA A 244 -12.14 -34.25 0.30
N ALA A 245 -12.51 -35.55 0.14
CA ALA A 245 -11.57 -36.66 -0.11
C ALA A 245 -10.75 -36.43 -1.39
N TRP A 246 -11.40 -36.06 -2.52
CA TRP A 246 -10.73 -35.80 -3.79
C TRP A 246 -9.81 -34.59 -3.70
N ILE A 247 -10.29 -33.44 -3.15
CA ILE A 247 -9.46 -32.24 -3.00
C ILE A 247 -8.21 -32.57 -2.18
N ASP A 248 -8.36 -33.21 -1.00
CA ASP A 248 -7.24 -33.63 -0.12
C ASP A 248 -6.22 -34.52 -0.84
N SER A 249 -6.71 -35.52 -1.60
CA SER A 249 -5.87 -36.45 -2.35
C SER A 249 -5.06 -35.74 -3.42
N VAL A 250 -5.69 -34.79 -4.16
CA VAL A 250 -5.02 -34.01 -5.22
C VAL A 250 -3.98 -33.04 -4.60
N LEU A 251 -4.33 -32.39 -3.49
CA LEU A 251 -3.41 -31.47 -2.79
C LEU A 251 -2.20 -32.18 -2.15
N ALA A 252 -2.35 -33.48 -1.81
CA ALA A 252 -1.29 -34.29 -1.19
C ALA A 252 -0.31 -34.88 -2.21
N SER A 253 -0.69 -34.92 -3.50
CA SER A 253 0.12 -35.50 -4.59
C SER A 253 1.04 -34.46 -5.26
N ALA A 254 1.95 -33.88 -4.46
CA ALA A 254 2.95 -32.87 -4.85
C ALA A 254 3.71 -33.28 -6.11
N ILE B 25 22.42 8.79 12.39
CA ILE B 25 22.52 9.96 11.51
C ILE B 25 22.30 11.25 12.30
N LEU B 26 23.31 12.13 12.34
CA LEU B 26 23.18 13.43 12.99
C LEU B 26 22.84 14.47 11.94
N GLY B 27 22.01 15.44 12.33
CA GLY B 27 21.60 16.55 11.46
C GLY B 27 20.75 16.19 10.27
N GLY B 28 20.21 14.98 10.28
CA GLY B 28 19.36 14.51 9.19
C GLY B 28 17.90 14.66 9.53
N ARG B 29 17.08 13.93 8.79
CA ARG B 29 15.65 13.92 8.97
C ARG B 29 15.11 12.53 8.68
N GLU B 30 13.86 12.27 9.10
CA GLU B 30 13.23 10.99 8.88
C GLU B 30 13.10 10.77 7.39
N ALA B 31 13.54 9.60 6.93
CA ALA B 31 13.45 9.23 5.52
C ALA B 31 11.98 8.97 5.19
N GLU B 32 11.61 9.11 3.91
CA GLU B 32 10.27 8.80 3.43
C GLU B 32 10.20 7.27 3.56
N ALA B 33 9.14 6.73 4.19
CA ALA B 33 9.01 5.28 4.38
C ALA B 33 9.17 4.49 3.09
N HIS B 34 10.12 3.53 3.08
CA HIS B 34 10.40 2.56 2.00
C HIS B 34 10.91 3.18 0.69
N ALA B 35 11.37 4.44 0.71
CA ALA B 35 11.90 5.13 -0.46
C ALA B 35 13.33 4.63 -0.80
N ARG B 36 13.95 3.88 0.14
CA ARG B 36 15.29 3.27 -0.03
C ARG B 36 15.11 1.76 0.22
N PRO B 37 14.54 1.07 -0.79
CA PRO B 37 14.21 -0.35 -0.63
C PRO B 37 15.38 -1.31 -0.44
N TYR B 38 16.59 -0.81 -0.62
CA TYR B 38 17.83 -1.55 -0.48
C TYR B 38 18.35 -1.50 0.93
N MET B 39 17.81 -0.61 1.75
N MET B 39 17.77 -0.65 1.78
CA MET B 39 18.29 -0.43 3.12
CA MET B 39 18.20 -0.48 3.16
C MET B 39 18.01 -1.65 4.01
C MET B 39 18.01 -1.71 4.02
N ALA B 40 19.06 -2.14 4.73
CA ALA B 40 18.98 -3.29 5.63
C ALA B 40 19.39 -2.94 7.06
N SER B 41 18.74 -3.58 8.05
CA SER B 41 19.14 -3.47 9.43
C SER B 41 19.79 -4.78 9.80
N VAL B 42 21.07 -4.72 10.16
CA VAL B 42 21.80 -5.91 10.60
C VAL B 42 21.55 -5.92 12.12
N GLN B 43 20.96 -7.01 12.60
CA GLN B 43 20.54 -7.14 14.00
C GLN B 43 21.17 -8.29 14.75
N LEU B 44 21.46 -8.05 16.02
CA LEU B 44 22.03 -9.05 16.91
C LEU B 44 21.04 -9.21 18.06
N ASN B 45 20.49 -10.44 18.20
CA ASN B 45 19.50 -10.80 19.22
C ASN B 45 18.27 -9.86 19.19
N GLY B 46 17.79 -9.56 17.98
CA GLY B 46 16.64 -8.71 17.73
C GLY B 46 16.87 -7.22 17.86
N ALA B 47 18.13 -6.79 18.13
CA ALA B 47 18.43 -5.35 18.25
C ALA B 47 19.24 -4.85 17.05
N HIS B 48 18.91 -3.64 16.57
CA HIS B 48 19.65 -3.02 15.47
C HIS B 48 21.10 -2.82 15.93
N LEU B 49 22.04 -3.26 15.10
CA LEU B 49 23.46 -3.15 15.40
C LEU B 49 24.15 -2.25 14.37
N CYS B 50 23.88 -2.51 13.08
CA CYS B 50 24.53 -1.83 11.98
C CYS B 50 23.57 -1.72 10.81
N GLY B 51 23.90 -0.88 9.85
CA GLY B 51 23.18 -0.80 8.61
C GLY B 51 23.74 -1.86 7.68
N GLY B 52 23.03 -2.06 6.59
CA GLY B 52 23.38 -2.96 5.52
C GLY B 52 22.74 -2.50 4.23
N VAL B 53 23.23 -3.04 3.13
CA VAL B 53 22.72 -2.75 1.80
C VAL B 53 22.42 -4.06 1.10
N LEU B 54 21.20 -4.23 0.61
CA LEU B 54 20.86 -5.40 -0.20
C LEU B 54 21.49 -5.16 -1.59
N VAL B 55 22.44 -6.02 -2.01
CA VAL B 55 23.18 -5.83 -3.29
C VAL B 55 22.81 -6.92 -4.34
N ALA B 56 22.17 -8.00 -3.90
CA ALA B 56 21.69 -9.09 -4.74
C ALA B 56 20.50 -9.68 -3.99
N GLU B 57 19.68 -10.53 -4.65
CA GLU B 57 18.50 -11.13 -4.03
C GLU B 57 18.76 -11.84 -2.71
N GLN B 58 19.90 -12.56 -2.59
CA GLN B 58 20.23 -13.31 -1.37
C GLN B 58 21.44 -12.75 -0.60
N TRP B 59 21.96 -11.56 -0.94
CA TRP B 59 23.16 -11.00 -0.30
C TRP B 59 23.03 -9.55 0.20
N VAL B 60 23.54 -9.30 1.40
CA VAL B 60 23.54 -8.00 2.07
C VAL B 60 24.98 -7.62 2.38
N LEU B 61 25.37 -6.40 1.99
CA LEU B 61 26.70 -5.90 2.24
C LEU B 61 26.64 -5.02 3.48
N SER B 62 27.60 -5.23 4.39
CA SER B 62 27.69 -4.46 5.62
C SER B 62 29.18 -4.25 5.95
N ALA B 63 29.49 -3.88 7.21
CA ALA B 63 30.86 -3.62 7.67
C ALA B 63 31.31 -4.79 8.54
N ALA B 64 32.54 -5.28 8.33
CA ALA B 64 33.06 -6.43 9.07
C ALA B 64 33.12 -6.22 10.61
N HIS B 65 33.47 -5.00 11.09
CA HIS B 65 33.59 -4.69 12.52
C HIS B 65 32.26 -4.84 13.27
N CYS B 66 31.14 -4.80 12.55
CA CYS B 66 29.82 -4.96 13.14
C CYS B 66 29.66 -6.28 13.90
N LEU B 67 30.22 -7.38 13.36
CA LEU B 67 30.12 -8.70 13.97
C LEU B 67 31.33 -9.15 14.83
N GLU B 68 32.24 -8.21 15.17
CA GLU B 68 33.45 -8.50 15.96
C GLU B 68 33.14 -8.96 17.39
N ASP B 69 32.31 -8.23 18.14
CA ASP B 69 31.90 -8.61 19.49
C ASP B 69 30.44 -9.13 19.47
N ALA B 70 30.14 -9.97 18.46
CA ALA B 70 28.83 -10.58 18.26
C ALA B 70 28.86 -12.10 18.47
N ALA B 71 29.98 -12.75 18.04
CA ALA B 71 30.25 -14.20 18.05
C ALA B 71 29.70 -14.91 19.27
N ASP B 72 28.43 -15.36 19.13
CA ASP B 72 27.55 -16.05 20.10
C ASP B 72 26.08 -15.85 19.67
N GLY B 73 25.61 -14.59 19.76
CA GLY B 73 24.25 -14.16 19.46
C GLY B 73 23.71 -14.43 18.06
N LYS B 74 22.37 -14.30 17.91
CA LYS B 74 21.66 -14.53 16.65
C LYS B 74 21.78 -13.33 15.70
N VAL B 75 22.47 -13.50 14.59
CA VAL B 75 22.63 -12.47 13.57
C VAL B 75 21.51 -12.64 12.53
N GLN B 76 20.70 -11.58 12.34
CA GLN B 76 19.60 -11.54 11.39
C GLN B 76 19.61 -10.24 10.62
N VAL B 77 18.98 -10.25 9.44
CA VAL B 77 18.89 -9.04 8.61
C VAL B 77 17.43 -8.67 8.41
N LEU B 78 17.07 -7.43 8.77
CA LEU B 78 15.72 -6.91 8.56
C LEU B 78 15.62 -6.12 7.25
N LEU B 79 14.78 -6.59 6.33
CA LEU B 79 14.55 -5.92 5.04
C LEU B 79 13.14 -5.31 5.00
N GLY B 80 12.94 -4.34 4.11
CA GLY B 80 11.67 -3.65 3.88
C GLY B 80 11.15 -2.82 5.05
N ALA B 81 12.03 -2.35 5.90
CA ALA B 81 11.63 -1.62 7.08
C ALA B 81 11.76 -0.13 7.01
N HIS B 82 10.86 0.56 7.73
CA HIS B 82 10.97 1.97 8.02
C HIS B 82 11.18 2.06 9.53
N SER B 83 10.22 1.49 10.29
CA SER B 83 10.23 1.39 11.74
C SER B 83 10.87 0.10 12.17
N LEU B 84 11.78 0.16 13.15
CA LEU B 84 12.43 -1.03 13.70
C LEU B 84 11.49 -1.89 14.57
N SER B 85 10.56 -1.25 15.27
CA SER B 85 9.70 -1.93 16.23
C SER B 85 8.28 -2.21 15.79
N GLN B 86 7.75 -1.40 14.86
CA GLN B 86 6.36 -1.51 14.45
C GLN B 86 6.12 -2.41 13.25
N PRO B 87 4.96 -3.13 13.25
CA PRO B 87 4.64 -4.00 12.10
C PRO B 87 4.39 -3.22 10.81
N GLU B 88 4.92 -3.73 9.71
CA GLU B 88 4.79 -3.16 8.36
C GLU B 88 4.70 -4.31 7.41
N PRO B 89 3.78 -4.26 6.41
CA PRO B 89 3.62 -5.41 5.48
C PRO B 89 4.89 -5.87 4.77
N SER B 90 5.79 -4.93 4.46
CA SER B 90 7.03 -5.22 3.73
C SER B 90 8.17 -5.73 4.64
N LYS B 91 8.06 -5.52 5.97
CA LYS B 91 9.10 -5.94 6.92
C LYS B 91 9.25 -7.45 6.98
N ARG B 92 10.49 -7.91 6.83
CA ARG B 92 10.82 -9.33 6.91
CA ARG B 92 10.81 -9.33 6.90
C ARG B 92 12.21 -9.52 7.50
N LEU B 93 12.28 -10.30 8.58
CA LEU B 93 13.53 -10.61 9.26
C LEU B 93 14.06 -11.92 8.68
N TYR B 94 15.28 -11.91 8.15
CA TYR B 94 15.89 -13.10 7.53
C TYR B 94 17.02 -13.59 8.39
N ASP B 95 17.22 -14.91 8.41
CA ASP B 95 18.37 -15.50 9.09
C ASP B 95 19.56 -15.44 8.12
N VAL B 96 20.77 -15.44 8.67
CA VAL B 96 21.96 -15.44 7.87
C VAL B 96 22.52 -16.87 7.73
N LEU B 97 22.63 -17.32 6.49
CA LEU B 97 23.13 -18.62 6.09
C LEU B 97 24.64 -18.69 6.22
N ARG B 98 25.34 -17.59 5.87
CA ARG B 98 26.80 -17.49 6.04
C ARG B 98 27.28 -16.05 6.01
N ALA B 99 28.32 -15.77 6.80
CA ALA B 99 28.94 -14.44 6.95
C ALA B 99 30.32 -14.49 6.31
N VAL B 100 30.54 -13.59 5.35
CA VAL B 100 31.80 -13.51 4.60
C VAL B 100 32.48 -12.16 4.86
N PRO B 101 33.30 -12.05 5.92
CA PRO B 101 34.04 -10.79 6.13
C PRO B 101 35.16 -10.72 5.09
N HIS B 102 35.54 -9.50 4.65
CA HIS B 102 36.65 -9.36 3.71
C HIS B 102 37.91 -10.03 4.33
N PRO B 103 38.61 -10.89 3.56
CA PRO B 103 39.77 -11.62 4.11
C PRO B 103 40.96 -10.77 4.60
N ASP B 104 41.02 -9.49 4.19
CA ASP B 104 42.08 -8.58 4.64
C ASP B 104 41.64 -7.73 5.83
N SER B 105 40.35 -7.86 6.26
CA SER B 105 39.80 -7.12 7.40
CA SER B 105 39.79 -7.13 7.39
C SER B 105 40.46 -7.61 8.67
N GLN B 106 40.68 -6.70 9.60
CA GLN B 106 41.30 -7.02 10.87
C GLN B 106 40.54 -6.28 11.98
N PRO B 107 40.43 -6.82 13.21
CA PRO B 107 39.75 -6.07 14.27
C PRO B 107 40.56 -4.81 14.63
N ASP B 108 39.86 -3.73 15.04
CA ASP B 108 40.48 -2.45 15.43
C ASP B 108 41.23 -1.72 14.27
N THR B 109 40.97 -2.09 12.99
CA THR B 109 41.51 -1.39 11.81
C THR B 109 40.32 -0.87 10.99
N ILE B 110 40.53 0.17 10.19
CA ILE B 110 39.47 0.75 9.39
C ILE B 110 39.50 0.25 7.93
N ASP B 111 40.52 -0.55 7.61
CA ASP B 111 40.78 -1.05 6.27
C ASP B 111 40.00 -2.29 5.94
N HIS B 112 39.53 -2.42 4.66
CA HIS B 112 38.79 -3.58 4.13
C HIS B 112 37.63 -3.99 5.04
N ASP B 113 36.97 -2.99 5.62
CA ASP B 113 35.89 -3.20 6.57
C ASP B 113 34.57 -3.54 5.91
N LEU B 114 34.56 -4.64 5.15
CA LEU B 114 33.39 -5.12 4.42
C LEU B 114 32.98 -6.48 4.86
N LEU B 115 31.68 -6.72 4.79
CA LEU B 115 31.07 -7.98 5.20
C LEU B 115 29.94 -8.33 4.26
N LEU B 116 29.93 -9.56 3.74
CA LEU B 116 28.84 -10.07 2.90
C LEU B 116 28.04 -11.11 3.65
N LEU B 117 26.72 -10.91 3.72
CA LEU B 117 25.81 -11.79 4.45
C LEU B 117 24.85 -12.47 3.52
N GLN B 118 24.86 -13.83 3.51
CA GLN B 118 23.93 -14.59 2.65
C GLN B 118 22.65 -14.85 3.40
N LEU B 119 21.53 -14.40 2.88
CA LEU B 119 20.25 -14.60 3.57
C LEU B 119 19.80 -16.09 3.50
N SER B 120 18.87 -16.49 4.38
CA SER B 120 18.32 -17.85 4.50
C SER B 120 17.70 -18.35 3.18
N GLU B 121 17.17 -17.39 2.40
CA GLU B 121 16.57 -17.59 1.09
C GLU B 121 16.63 -16.27 0.35
N LYS B 122 16.36 -16.30 -0.98
CA LYS B 122 16.30 -15.07 -1.77
C LYS B 122 15.20 -14.20 -1.18
N ALA B 123 15.50 -12.90 -0.97
CA ALA B 123 14.58 -11.94 -0.41
C ALA B 123 13.38 -11.76 -1.34
N THR B 124 12.19 -11.61 -0.75
CA THR B 124 10.97 -11.33 -1.53
C THR B 124 11.08 -9.87 -1.99
N LEU B 125 11.16 -9.67 -3.31
CA LEU B 125 11.31 -8.36 -3.88
C LEU B 125 9.99 -7.68 -4.17
N GLY B 126 10.00 -6.35 -4.12
CA GLY B 126 8.83 -5.52 -4.36
C GLY B 126 9.17 -4.06 -4.24
N PRO B 127 8.16 -3.14 -4.20
CA PRO B 127 8.47 -1.70 -4.08
C PRO B 127 9.28 -1.30 -2.83
N ALA B 128 9.18 -2.05 -1.73
CA ALA B 128 9.89 -1.77 -0.48
C ALA B 128 11.16 -2.59 -0.25
N VAL B 129 11.46 -3.59 -1.12
CA VAL B 129 12.63 -4.50 -1.05
C VAL B 129 13.22 -4.66 -2.45
N ARG B 130 14.37 -4.06 -2.68
CA ARG B 130 15.01 -4.09 -3.99
C ARG B 130 16.53 -3.90 -3.84
N PRO B 131 17.37 -4.73 -4.49
CA PRO B 131 18.83 -4.52 -4.42
C PRO B 131 19.26 -3.24 -5.11
N LEU B 132 20.36 -2.66 -4.62
CA LEU B 132 20.87 -1.41 -5.14
C LEU B 132 22.07 -1.69 -6.04
N PRO B 133 22.07 -1.17 -7.28
CA PRO B 133 23.27 -1.28 -8.13
C PRO B 133 24.45 -0.54 -7.47
N TRP B 134 25.61 -1.15 -7.50
CA TRP B 134 26.82 -0.64 -6.90
C TRP B 134 27.92 -0.32 -7.94
N GLN B 135 28.75 0.68 -7.64
CA GLN B 135 29.81 1.17 -8.52
C GLN B 135 30.90 0.15 -8.77
N ARG B 136 31.15 -0.10 -10.05
CA ARG B 136 32.14 -1.06 -10.52
C ARG B 136 33.34 -0.41 -11.18
N VAL B 137 33.20 0.87 -11.52
CA VAL B 137 34.26 1.65 -12.14
C VAL B 137 35.07 2.25 -11.03
N ASP B 138 36.32 1.82 -10.90
CA ASP B 138 37.21 2.27 -9.84
C ASP B 138 37.79 3.68 -10.11
N ARG B 139 36.96 4.70 -9.89
CA ARG B 139 37.31 6.12 -10.04
C ARG B 139 36.59 6.85 -8.94
N ASP B 140 37.31 7.74 -8.25
CA ASP B 140 36.76 8.50 -7.12
C ASP B 140 35.53 9.30 -7.52
N VAL B 141 34.59 9.47 -6.60
CA VAL B 141 33.44 10.34 -6.77
C VAL B 141 34.02 11.75 -6.61
N ALA B 142 33.64 12.66 -7.54
CA ALA B 142 34.13 14.05 -7.55
C ALA B 142 33.91 14.76 -6.22
N PRO B 143 34.91 15.54 -5.70
CA PRO B 143 34.67 16.23 -4.42
C PRO B 143 33.51 17.22 -4.60
N GLY B 144 32.74 17.41 -3.55
CA GLY B 144 31.59 18.30 -3.61
C GLY B 144 30.28 17.63 -4.00
N THR B 145 30.33 16.43 -4.63
CA THR B 145 29.14 15.65 -5.01
C THR B 145 28.31 15.34 -3.77
N LEU B 146 27.00 15.63 -3.82
CA LEU B 146 26.11 15.34 -2.72
C LEU B 146 25.69 13.87 -2.75
N CYS B 147 26.02 13.15 -1.68
CA CYS B 147 25.68 11.72 -1.56
C CYS B 147 24.77 11.46 -0.36
N ASP B 148 23.82 10.55 -0.52
CA ASP B 148 22.80 10.22 0.48
C ASP B 148 23.25 9.09 1.39
N VAL B 149 23.29 9.35 2.70
N VAL B 149 23.28 9.34 2.72
CA VAL B 149 23.59 8.33 3.71
CA VAL B 149 23.64 8.37 3.75
C VAL B 149 22.34 8.12 4.53
C VAL B 149 22.42 8.13 4.63
N ALA B 150 21.98 6.86 4.77
CA ALA B 150 20.81 6.51 5.58
C ALA B 150 21.18 5.49 6.67
N GLY B 151 20.43 5.53 7.77
CA GLY B 151 20.65 4.58 8.85
C GLY B 151 19.75 4.79 10.05
N TRP B 152 19.80 3.82 10.97
CA TRP B 152 19.08 3.81 12.23
C TRP B 152 20.07 4.07 13.35
N GLY B 153 21.20 4.69 13.02
CA GLY B 153 22.19 5.06 14.01
C GLY B 153 21.73 6.23 14.87
N ILE B 154 22.51 6.56 15.93
CA ILE B 154 22.15 7.64 16.88
C ILE B 154 21.93 8.99 16.17
N VAL B 155 20.90 9.75 16.64
CA VAL B 155 20.45 11.01 16.05
C VAL B 155 20.92 12.26 16.82
N ASN B 156 21.61 12.09 17.95
CA ASN B 156 22.18 13.18 18.75
C ASN B 156 23.37 12.65 19.52
N HIS B 157 24.20 13.55 20.08
CA HIS B 157 25.39 13.13 20.83
C HIS B 157 25.06 12.42 22.14
N ALA B 158 23.83 12.59 22.66
CA ALA B 158 23.33 11.95 23.87
C ALA B 158 23.06 10.45 23.64
N GLY B 159 23.08 10.01 22.37
CA GLY B 159 22.93 8.61 21.96
C GLY B 159 21.51 8.14 21.72
N ARG B 160 20.57 9.06 21.44
CA ARG B 160 19.18 8.69 21.16
C ARG B 160 19.13 7.86 19.88
N ARG B 161 18.54 6.65 19.97
CA ARG B 161 18.41 5.72 18.86
C ARG B 161 17.03 5.88 18.23
N PRO B 162 16.95 6.22 16.92
CA PRO B 162 15.63 6.43 16.31
C PRO B 162 14.91 5.13 16.04
N ASP B 163 13.58 5.16 16.06
CA ASP B 163 12.83 3.96 15.71
C ASP B 163 12.74 3.87 14.18
N SER B 164 12.62 5.04 13.53
CA SER B 164 12.46 5.16 12.08
CA SER B 164 12.48 5.13 12.08
C SER B 164 13.77 5.54 11.37
N LEU B 165 13.91 5.10 10.11
CA LEU B 165 15.08 5.35 9.26
C LEU B 165 15.29 6.84 9.01
N GLN B 166 16.54 7.29 9.19
CA GLN B 166 16.95 8.67 8.97
C GLN B 166 17.87 8.73 7.77
N HIS B 167 18.06 9.93 7.21
CA HIS B 167 18.97 10.13 6.10
C HIS B 167 19.49 11.55 6.08
N VAL B 168 20.61 11.76 5.37
CA VAL B 168 21.20 13.08 5.18
C VAL B 168 22.05 13.09 3.92
N LEU B 169 21.97 14.21 3.16
CA LEU B 169 22.81 14.41 1.98
C LEU B 169 24.10 15.04 2.50
N LEU B 170 25.25 14.46 2.14
CA LEU B 170 26.57 14.94 2.56
C LEU B 170 27.45 15.17 1.35
N PRO B 171 28.27 16.23 1.35
CA PRO B 171 29.17 16.44 0.21
C PRO B 171 30.45 15.62 0.38
N VAL B 172 30.91 15.01 -0.73
CA VAL B 172 32.17 14.26 -0.77
C VAL B 172 33.30 15.26 -0.55
N LEU B 173 34.29 14.87 0.26
CA LEU B 173 35.48 15.65 0.56
C LEU B 173 36.68 15.00 -0.16
N ASP B 174 37.53 15.80 -0.85
CA ASP B 174 38.72 15.28 -1.53
C ASP B 174 39.65 14.59 -0.51
N ARG B 175 40.28 13.47 -0.95
CA ARG B 175 41.16 12.64 -0.12
C ARG B 175 42.31 13.45 0.47
N ALA B 176 42.91 14.37 -0.32
CA ALA B 176 44.01 15.22 0.12
C ALA B 176 43.63 16.02 1.36
N THR B 177 42.45 16.72 1.35
CA THR B 177 41.96 17.48 2.50
C THR B 177 41.70 16.54 3.70
N CYS B 178 41.03 15.39 3.46
CA CYS B 178 40.76 14.41 4.50
C CYS B 178 42.02 13.85 5.15
N ASN B 179 43.11 13.72 4.37
CA ASN B 179 44.38 13.15 4.82
C ASN B 179 45.30 14.14 5.53
N ARG B 180 44.92 15.42 5.66
CA ARG B 180 45.75 16.43 6.34
C ARG B 180 45.92 16.07 7.82
N ARG B 181 47.05 16.50 8.43
CA ARG B 181 47.37 16.25 9.83
C ARG B 181 46.25 16.67 10.79
N THR B 182 45.56 17.80 10.46
CA THR B 182 44.42 18.34 11.23
C THR B 182 43.16 17.46 11.08
N HIS B 183 43.09 16.66 9.98
CA HIS B 183 41.96 15.78 9.68
C HIS B 183 42.27 14.33 10.07
N HIS B 184 42.45 13.41 9.07
CA HIS B 184 42.71 11.99 9.35
C HIS B 184 44.17 11.57 9.15
N ASP B 185 45.06 12.56 8.97
CA ASP B 185 46.50 12.40 8.91
C ASP B 185 47.01 11.10 8.24
N GLY B 186 46.87 11.03 6.92
CA GLY B 186 47.35 9.92 6.10
C GLY B 186 46.59 8.60 6.12
N ALA B 187 45.55 8.44 6.97
CA ALA B 187 44.81 7.16 7.09
C ALA B 187 43.87 6.82 5.90
N ILE B 188 43.56 7.81 5.06
CA ILE B 188 42.61 7.59 3.96
C ILE B 188 43.38 7.05 2.77
N THR B 189 43.21 5.75 2.51
CA THR B 189 43.84 5.06 1.40
C THR B 189 43.01 5.32 0.15
N GLU B 190 43.43 4.79 -1.01
CA GLU B 190 42.68 4.88 -2.27
C GLU B 190 41.35 4.08 -2.22
N ARG B 191 41.21 3.19 -1.22
CA ARG B 191 40.05 2.32 -1.04
C ARG B 191 39.01 2.92 -0.12
N LEU B 192 39.28 4.13 0.38
CA LEU B 192 38.39 4.87 1.26
C LEU B 192 38.08 6.24 0.65
N MET B 193 36.90 6.75 1.01
CA MET B 193 36.45 8.08 0.62
C MET B 193 35.93 8.78 1.87
N CYS B 194 35.92 10.12 1.83
CA CYS B 194 35.46 10.97 2.92
C CYS B 194 34.29 11.81 2.53
N ALA B 195 33.45 12.14 3.50
CA ALA B 195 32.34 13.07 3.32
C ALA B 195 32.43 14.07 4.44
N GLU B 196 31.96 15.32 4.19
CA GLU B 196 31.95 16.37 5.19
C GLU B 196 31.15 15.94 6.40
N SER B 197 31.66 16.27 7.58
CA SER B 197 31.07 15.88 8.85
C SER B 197 30.65 17.07 9.70
N ASN B 198 30.49 18.24 9.11
CA ASN B 198 30.11 19.42 9.88
C ASN B 198 28.63 19.37 10.22
N ARG B 199 28.33 19.05 11.51
CA ARG B 199 27.00 18.91 12.12
C ARG B 199 26.29 17.67 11.57
N ARG B 200 26.02 17.64 10.25
CA ARG B 200 25.41 16.52 9.53
C ARG B 200 26.46 15.42 9.40
N ASP B 201 26.13 14.18 9.80
CA ASP B 201 27.10 13.09 9.71
C ASP B 201 26.46 11.72 9.96
N SER B 202 27.20 10.65 9.66
CA SER B 202 26.85 9.29 9.99
C SER B 202 27.42 9.08 11.41
N CYS B 203 26.79 8.25 12.24
CA CYS B 203 27.28 7.98 13.61
C CYS B 203 26.97 6.56 14.04
N LYS B 204 27.31 6.19 15.29
CA LYS B 204 27.15 4.85 15.85
C LYS B 204 25.79 4.23 15.52
N GLY B 205 25.82 3.08 14.89
CA GLY B 205 24.65 2.35 14.41
C GLY B 205 24.47 2.49 12.91
N ASP B 206 25.24 3.39 12.26
CA ASP B 206 25.16 3.63 10.81
C ASP B 206 26.18 2.87 9.96
N SER B 207 27.27 2.32 10.58
CA SER B 207 28.27 1.56 9.84
C SER B 207 27.63 0.41 9.09
N GLY B 208 28.17 0.08 7.93
CA GLY B 208 27.62 -0.99 7.10
C GLY B 208 26.55 -0.53 6.15
N GLY B 209 25.97 0.63 6.43
CA GLY B 209 24.93 1.24 5.61
C GLY B 209 25.48 1.93 4.38
N PRO B 210 24.60 2.42 3.50
CA PRO B 210 25.05 2.98 2.23
C PRO B 210 25.29 4.47 2.12
N LEU B 211 26.24 4.78 1.21
CA LEU B 211 26.53 6.12 0.74
CA LEU B 211 26.55 6.13 0.74
C LEU B 211 26.23 6.04 -0.75
N VAL B 212 25.12 6.61 -1.14
CA VAL B 212 24.58 6.55 -2.49
C VAL B 212 24.79 7.85 -3.15
N CYS B 213 25.34 7.83 -4.36
CA CYS B 213 25.56 9.04 -5.17
C CYS B 213 24.84 8.83 -6.48
N GLY B 214 23.87 9.70 -6.80
CA GLY B 214 23.10 9.60 -8.03
C GLY B 214 22.46 8.24 -8.26
N GLY B 215 21.94 7.66 -7.18
CA GLY B 215 21.26 6.37 -7.23
C GLY B 215 22.13 5.13 -7.28
N VAL B 216 23.47 5.28 -7.14
CA VAL B 216 24.38 4.14 -7.17
C VAL B 216 25.14 4.07 -5.85
N LEU B 217 25.34 2.84 -5.31
CA LEU B 217 26.11 2.65 -4.09
C LEU B 217 27.59 2.94 -4.40
N GLU B 218 28.17 3.91 -3.67
CA GLU B 218 29.57 4.28 -3.82
C GLU B 218 30.37 3.89 -2.59
N GLY B 219 29.75 4.02 -1.43
CA GLY B 219 30.38 3.77 -0.16
C GLY B 219 29.55 2.99 0.84
N VAL B 220 30.27 2.39 1.78
CA VAL B 220 29.73 1.65 2.91
C VAL B 220 30.31 2.36 4.14
N VAL B 221 29.45 2.79 5.03
CA VAL B 221 29.82 3.53 6.23
C VAL B 221 30.77 2.72 7.11
N THR B 222 31.86 3.36 7.57
CA THR B 222 32.74 2.75 8.55
C THR B 222 32.79 3.71 9.75
N SER B 223 33.25 3.21 10.92
CA SER B 223 33.28 3.91 12.19
C SER B 223 34.36 4.98 12.31
N GLY B 224 35.36 4.94 11.43
CA GLY B 224 36.46 5.90 11.35
C GLY B 224 37.19 6.07 12.67
N SER B 225 37.25 7.32 13.18
CA SER B 225 37.90 7.66 14.45
C SER B 225 36.92 7.63 15.62
N ARG B 226 35.67 7.15 15.35
CA ARG B 226 34.57 6.99 16.29
C ARG B 226 34.13 8.34 16.90
N VAL B 227 34.23 9.39 16.08
CA VAL B 227 33.85 10.77 16.38
C VAL B 227 32.84 11.20 15.34
N CYS B 228 31.73 11.81 15.76
CA CYS B 228 30.70 12.26 14.82
C CYS B 228 30.39 13.74 14.95
N GLY B 229 30.03 14.37 13.83
CA GLY B 229 29.61 15.77 13.76
C GLY B 229 30.72 16.80 13.91
N ASN B 230 31.98 16.34 13.95
CA ASN B 230 33.16 17.20 14.06
C ASN B 230 33.77 17.36 12.68
N ARG B 231 33.71 18.58 12.11
CA ARG B 231 34.24 18.92 10.77
C ARG B 231 35.70 18.52 10.57
N LYS B 232 36.51 18.54 11.65
CA LYS B 232 37.93 18.17 11.59
C LYS B 232 38.11 16.65 11.51
N LYS B 233 37.04 15.86 11.73
CA LYS B 233 37.12 14.41 11.63
C LYS B 233 36.06 13.91 10.63
N PRO B 234 36.30 14.09 9.30
CA PRO B 234 35.30 13.68 8.30
C PRO B 234 34.86 12.22 8.35
N GLY B 235 33.64 11.94 7.88
CA GLY B 235 33.11 10.58 7.80
C GLY B 235 33.94 9.75 6.86
N ILE B 236 34.19 8.49 7.21
CA ILE B 236 34.99 7.57 6.37
C ILE B 236 34.06 6.47 5.85
N TYR B 237 34.09 6.26 4.53
CA TYR B 237 33.26 5.31 3.81
C TYR B 237 34.15 4.43 2.95
N THR B 238 33.91 3.12 2.99
CA THR B 238 34.66 2.17 2.16
C THR B 238 34.15 2.26 0.71
N ARG B 239 35.06 2.48 -0.26
CA ARG B 239 34.68 2.56 -1.67
C ARG B 239 34.41 1.14 -2.22
N VAL B 240 33.17 0.87 -2.59
CA VAL B 240 32.74 -0.44 -3.12
C VAL B 240 33.45 -0.81 -4.44
N ALA B 241 33.73 0.20 -5.32
CA ALA B 241 34.41 0.04 -6.60
C ALA B 241 35.77 -0.65 -6.45
N SER B 242 36.48 -0.31 -5.34
CA SER B 242 37.78 -0.88 -4.97
C SER B 242 37.72 -2.36 -4.70
N TYR B 243 36.53 -2.90 -4.42
CA TYR B 243 36.30 -4.30 -4.04
C TYR B 243 35.41 -5.06 -4.97
N ALA B 244 35.27 -4.56 -6.21
CA ALA B 244 34.42 -5.14 -7.26
C ALA B 244 34.69 -6.61 -7.50
N ALA B 245 35.99 -7.01 -7.65
CA ALA B 245 36.39 -8.40 -7.89
C ALA B 245 35.99 -9.32 -6.71
N TRP B 246 36.21 -8.88 -5.44
CA TRP B 246 35.84 -9.65 -4.24
C TRP B 246 34.32 -9.80 -4.13
N ILE B 247 33.55 -8.69 -4.30
CA ILE B 247 32.09 -8.75 -4.21
C ILE B 247 31.56 -9.73 -5.26
N ASP B 248 32.00 -9.59 -6.55
CA ASP B 248 31.59 -10.49 -7.66
C ASP B 248 31.87 -11.95 -7.35
N SER B 249 33.10 -12.25 -6.88
CA SER B 249 33.52 -13.60 -6.54
C SER B 249 32.67 -14.18 -5.42
N VAL B 250 32.38 -13.37 -4.38
CA VAL B 250 31.52 -13.81 -3.27
C VAL B 250 30.11 -14.14 -3.76
N LEU B 251 29.49 -13.20 -4.52
CA LEU B 251 28.13 -13.31 -5.04
C LEU B 251 27.96 -14.47 -6.03
N ALA B 252 29.05 -14.88 -6.73
CA ALA B 252 29.07 -15.97 -7.70
C ALA B 252 29.21 -17.36 -7.04
N SER B 253 29.68 -17.43 -5.76
CA SER B 253 29.86 -18.67 -5.00
C SER B 253 28.63 -19.08 -4.17
N ILE C 25 -20.28 27.14 -17.56
CA ILE C 25 -21.18 27.41 -16.44
C ILE C 25 -22.30 28.38 -16.86
N LEU C 26 -23.56 27.93 -16.82
CA LEU C 26 -24.70 28.79 -17.14
C LEU C 26 -25.26 29.31 -15.84
N GLY C 27 -25.70 30.57 -15.84
CA GLY C 27 -26.31 31.23 -14.71
C GLY C 27 -25.39 31.51 -13.54
N GLY C 28 -24.10 31.45 -13.79
CA GLY C 28 -23.12 31.71 -12.74
C GLY C 28 -22.57 33.11 -12.80
N ARG C 29 -21.40 33.29 -12.19
CA ARG C 29 -20.71 34.56 -12.19
C ARG C 29 -19.20 34.31 -12.19
N GLU C 30 -18.42 35.37 -12.50
CA GLU C 30 -16.98 35.28 -12.50
C GLU C 30 -16.50 34.94 -11.09
N ALA C 31 -15.64 33.92 -10.98
CA ALA C 31 -15.05 33.51 -9.72
C ALA C 31 -14.04 34.58 -9.28
N GLU C 32 -13.76 34.65 -7.99
CA GLU C 32 -12.72 35.53 -7.45
C GLU C 32 -11.39 34.88 -7.93
N ALA C 33 -10.50 35.67 -8.54
CA ALA C 33 -9.23 35.17 -9.07
C ALA C 33 -8.44 34.36 -8.01
N HIS C 34 -8.09 33.11 -8.37
CA HIS C 34 -7.24 32.18 -7.59
C HIS C 34 -7.81 31.73 -6.24
N ALA C 35 -9.11 31.94 -6.02
CA ALA C 35 -9.84 31.54 -4.81
C ALA C 35 -10.06 29.99 -4.77
N ARG C 36 -9.88 29.33 -5.94
CA ARG C 36 -9.99 27.87 -6.12
C ARG C 36 -8.63 27.41 -6.70
N PRO C 37 -7.58 27.34 -5.81
CA PRO C 37 -6.23 26.99 -6.29
C PRO C 37 -6.05 25.59 -6.83
N TYR C 38 -7.07 24.77 -6.67
CA TYR C 38 -7.10 23.39 -7.21
C TYR C 38 -7.63 23.31 -8.62
N MET C 39 -8.29 24.38 -9.12
N MET C 39 -8.17 24.43 -9.14
CA MET C 39 -8.93 24.37 -10.44
CA MET C 39 -8.77 24.50 -10.48
C MET C 39 -7.89 24.34 -11.56
C MET C 39 -7.74 24.29 -11.56
N ALA C 40 -8.05 23.40 -12.51
CA ALA C 40 -7.17 23.14 -13.65
C ALA C 40 -7.93 23.28 -14.95
N SER C 41 -7.25 23.74 -15.98
CA SER C 41 -7.77 23.73 -17.33
C SER C 41 -7.04 22.58 -18.03
N VAL C 42 -7.80 21.60 -18.52
CA VAL C 42 -7.27 20.49 -19.28
C VAL C 42 -7.35 20.93 -20.72
N GLN C 43 -6.18 21.00 -21.34
CA GLN C 43 -5.97 21.55 -22.65
C GLN C 43 -5.45 20.58 -23.70
N LEU C 44 -5.86 20.81 -24.97
CA LEU C 44 -5.46 20.11 -26.21
C LEU C 44 -4.99 21.20 -27.19
N ASN C 45 -3.69 21.18 -27.58
CA ASN C 45 -3.10 22.21 -28.47
C ASN C 45 -3.36 23.66 -27.99
N GLY C 46 -3.23 23.88 -26.69
CA GLY C 46 -3.38 25.17 -26.04
C GLY C 46 -4.79 25.71 -25.87
N ALA C 47 -5.81 24.94 -26.29
CA ALA C 47 -7.18 25.40 -26.14
C ALA C 47 -7.78 24.61 -25.00
N HIS C 48 -8.59 25.30 -24.18
CA HIS C 48 -9.29 24.70 -23.05
C HIS C 48 -10.23 23.67 -23.61
N LEU C 49 -10.19 22.47 -23.04
CA LEU C 49 -11.02 21.34 -23.45
C LEU C 49 -11.98 20.95 -22.34
N CYS C 50 -11.44 20.76 -21.15
CA CYS C 50 -12.18 20.29 -19.99
C CYS C 50 -11.64 20.90 -18.74
N GLY C 51 -12.43 20.83 -17.70
CA GLY C 51 -11.98 21.22 -16.37
C GLY C 51 -11.15 20.08 -15.81
N GLY C 52 -10.53 20.38 -14.69
CA GLY C 52 -9.73 19.43 -13.94
C GLY C 52 -9.53 19.87 -12.51
N VAL C 53 -9.14 18.92 -11.66
CA VAL C 53 -8.92 19.20 -10.25
C VAL C 53 -7.55 18.69 -9.87
N LEU C 54 -6.71 19.54 -9.32
CA LEU C 54 -5.41 19.10 -8.81
C LEU C 54 -5.72 18.35 -7.49
N VAL C 55 -5.38 17.04 -7.44
CA VAL C 55 -5.66 16.17 -6.28
C VAL C 55 -4.38 15.69 -5.54
N ALA C 56 -3.22 15.90 -6.13
CA ALA C 56 -1.93 15.59 -5.54
C ALA C 56 -0.95 16.50 -6.24
N GLU C 57 0.30 16.59 -5.79
CA GLU C 57 1.32 17.45 -6.42
C GLU C 57 1.55 17.24 -7.88
N GLN C 58 1.44 16.00 -8.37
CA GLN C 58 1.71 15.68 -9.77
C GLN C 58 0.52 15.06 -10.48
N TRP C 59 -0.65 15.08 -9.85
CA TRP C 59 -1.83 14.45 -10.43
C TRP C 59 -3.07 15.37 -10.49
N VAL C 60 -3.77 15.33 -11.62
CA VAL C 60 -4.97 16.08 -11.90
C VAL C 60 -6.10 15.10 -12.25
N LEU C 61 -7.24 15.25 -11.59
CA LEU C 61 -8.40 14.42 -11.86
C LEU C 61 -9.30 15.17 -12.85
N SER C 62 -9.78 14.46 -13.86
CA SER C 62 -10.68 15.03 -14.85
C SER C 62 -11.69 13.91 -15.29
N ALA C 63 -12.35 14.09 -16.45
CA ALA C 63 -13.34 13.13 -16.98
C ALA C 63 -12.73 12.37 -18.15
N ALA C 64 -12.94 11.06 -18.21
CA ALA C 64 -12.36 10.23 -19.25
C ALA C 64 -12.76 10.59 -20.68
N HIS C 65 -14.05 10.96 -20.89
CA HIS C 65 -14.58 11.31 -22.22
C HIS C 65 -13.88 12.51 -22.85
N CYS C 66 -13.23 13.36 -22.02
CA CYS C 66 -12.48 14.53 -22.51
C CYS C 66 -11.39 14.13 -23.54
N LEU C 67 -10.69 13.01 -23.30
CA LEU C 67 -9.60 12.56 -24.15
C LEU C 67 -9.95 11.41 -25.12
N GLU C 68 -11.23 11.07 -25.29
CA GLU C 68 -11.69 10.03 -26.25
C GLU C 68 -11.56 10.67 -27.64
N ASP C 69 -12.06 11.91 -27.64
CA ASP C 69 -12.07 12.92 -28.65
C ASP C 69 -10.64 13.35 -28.94
N ALA C 70 -10.21 13.36 -30.23
CA ALA C 70 -8.88 13.77 -30.73
C ALA C 70 -7.68 13.38 -29.81
N ALA C 71 -7.17 12.15 -29.96
CA ALA C 71 -6.08 11.61 -29.13
C ALA C 71 -4.65 11.71 -29.77
N ASP C 72 -4.31 12.89 -30.35
CA ASP C 72 -3.01 13.07 -31.01
C ASP C 72 -2.12 14.21 -30.43
N GLY C 73 -2.60 15.46 -30.58
CA GLY C 73 -1.98 16.71 -30.14
C GLY C 73 -1.60 16.83 -28.68
N LYS C 74 -0.90 17.91 -28.33
CA LYS C 74 -0.36 18.12 -27.00
C LYS C 74 -1.42 18.19 -25.87
N VAL C 75 -1.40 17.24 -24.93
CA VAL C 75 -2.31 17.29 -23.75
C VAL C 75 -1.49 17.94 -22.64
N GLN C 76 -2.01 19.05 -22.10
CA GLN C 76 -1.37 19.87 -21.09
C GLN C 76 -2.37 20.33 -20.06
N VAL C 77 -1.86 20.65 -18.87
CA VAL C 77 -2.75 21.11 -17.82
C VAL C 77 -2.30 22.50 -17.42
N LEU C 78 -3.24 23.44 -17.41
CA LEU C 78 -2.96 24.79 -16.95
C LEU C 78 -3.34 24.91 -15.49
N LEU C 79 -2.35 25.23 -14.64
CA LEU C 79 -2.62 25.44 -13.21
C LEU C 79 -2.41 26.92 -12.84
N GLY C 80 -3.02 27.32 -11.71
CA GLY C 80 -2.89 28.67 -11.16
C GLY C 80 -3.51 29.78 -11.98
N ALA C 81 -4.49 29.44 -12.82
CA ALA C 81 -5.09 30.41 -13.70
C ALA C 81 -6.44 30.97 -13.30
N HIS C 82 -6.68 32.20 -13.71
CA HIS C 82 -7.97 32.83 -13.62
C HIS C 82 -8.40 33.05 -15.07
N SER C 83 -7.56 33.81 -15.82
CA SER C 83 -7.73 34.10 -17.23
C SER C 83 -7.03 33.01 -18.03
N LEU C 84 -7.68 32.53 -19.10
CA LEU C 84 -7.05 31.53 -19.97
C LEU C 84 -5.99 32.16 -20.88
N SER C 85 -6.19 33.41 -21.27
CA SER C 85 -5.33 34.03 -22.26
C SER C 85 -4.36 35.07 -21.74
N GLN C 86 -4.61 35.64 -20.56
CA GLN C 86 -3.77 36.72 -20.04
CA GLN C 86 -3.77 36.72 -20.04
C GLN C 86 -2.65 36.28 -19.08
N PRO C 87 -1.52 37.04 -19.06
CA PRO C 87 -0.42 36.65 -18.16
C PRO C 87 -0.74 36.85 -16.67
N GLU C 88 -0.35 35.89 -15.86
CA GLU C 88 -0.57 35.90 -14.40
C GLU C 88 0.64 35.19 -13.80
N PRO C 89 1.23 35.76 -12.71
CA PRO C 89 2.42 35.15 -12.10
C PRO C 89 2.30 33.67 -11.70
N SER C 90 1.10 33.26 -11.26
CA SER C 90 0.81 31.90 -10.83
C SER C 90 0.50 30.93 -11.96
N LYS C 91 0.22 31.42 -13.19
CA LYS C 91 -0.11 30.56 -14.31
C LYS C 91 1.07 29.73 -14.77
N ARG C 92 0.83 28.42 -14.92
CA ARG C 92 1.84 27.52 -15.43
C ARG C 92 1.21 26.36 -16.18
N LEU C 93 1.62 26.19 -17.43
CA LEU C 93 1.16 25.12 -18.30
C LEU C 93 2.08 23.92 -18.12
N TYR C 94 1.53 22.76 -17.76
CA TYR C 94 2.36 21.56 -17.56
C TYR C 94 2.07 20.54 -18.63
N ASP C 95 3.10 19.84 -19.11
CA ASP C 95 2.96 18.72 -20.04
C ASP C 95 2.47 17.51 -19.25
N VAL C 96 1.60 16.72 -19.84
CA VAL C 96 1.06 15.50 -19.23
C VAL C 96 1.99 14.36 -19.68
N LEU C 97 2.52 13.59 -18.71
CA LEU C 97 3.43 12.45 -18.83
C LEU C 97 2.65 11.16 -19.11
N ARG C 98 1.44 11.02 -18.50
CA ARG C 98 0.58 9.85 -18.71
C ARG C 98 -0.85 10.10 -18.31
N ALA C 99 -1.75 9.50 -19.07
CA ALA C 99 -3.20 9.62 -18.89
C ALA C 99 -3.74 8.26 -18.46
N VAL C 100 -4.45 8.26 -17.34
CA VAL C 100 -5.04 7.06 -16.76
C VAL C 100 -6.57 7.15 -16.72
N PRO C 101 -7.25 6.75 -17.81
CA PRO C 101 -8.74 6.76 -17.76
C PRO C 101 -9.21 5.61 -16.87
N HIS C 102 -10.36 5.76 -16.20
CA HIS C 102 -10.87 4.65 -15.38
C HIS C 102 -11.04 3.42 -16.30
N PRO C 103 -10.55 2.23 -15.87
CA PRO C 103 -10.59 1.06 -16.76
C PRO C 103 -11.97 0.56 -17.19
N ASP C 104 -13.03 0.98 -16.48
CA ASP C 104 -14.41 0.60 -16.79
C ASP C 104 -15.13 1.67 -17.59
N SER C 105 -14.45 2.79 -17.88
CA SER C 105 -15.02 3.88 -18.67
CA SER C 105 -15.01 3.88 -18.67
C SER C 105 -15.21 3.40 -20.10
N GLN C 106 -16.31 3.79 -20.73
CA GLN C 106 -16.60 3.38 -22.10
C GLN C 106 -17.07 4.59 -22.86
N PRO C 107 -16.86 4.69 -24.19
CA PRO C 107 -17.36 5.86 -24.91
C PRO C 107 -18.88 5.88 -24.93
N ASP C 108 -19.46 7.09 -24.79
CA ASP C 108 -20.90 7.35 -24.80
C ASP C 108 -21.70 6.64 -23.66
N THR C 109 -21.05 6.40 -22.50
CA THR C 109 -21.63 5.85 -21.27
C THR C 109 -21.25 6.82 -20.18
N ILE C 110 -22.20 7.06 -19.27
CA ILE C 110 -22.00 8.05 -18.24
C ILE C 110 -21.32 7.50 -16.99
N ASP C 111 -21.08 6.18 -16.96
CA ASP C 111 -20.45 5.45 -15.88
C ASP C 111 -18.94 5.48 -15.91
N HIS C 112 -18.33 5.57 -14.70
CA HIS C 112 -16.89 5.54 -14.42
C HIS C 112 -16.12 6.58 -15.26
N ASP C 113 -16.72 7.75 -15.49
CA ASP C 113 -16.14 8.79 -16.35
C ASP C 113 -15.07 9.62 -15.65
N LEU C 114 -14.02 8.95 -15.18
CA LEU C 114 -12.92 9.58 -14.49
C LEU C 114 -11.61 9.38 -15.21
N LEU C 115 -10.73 10.36 -15.06
CA LEU C 115 -9.42 10.37 -15.71
C LEU C 115 -8.38 10.97 -14.81
N LEU C 116 -7.25 10.28 -14.63
CA LEU C 116 -6.14 10.80 -13.86
C LEU C 116 -4.97 11.16 -14.74
N LEU C 117 -4.47 12.38 -14.60
CA LEU C 117 -3.40 12.91 -15.43
C LEU C 117 -2.18 13.19 -14.62
N GLN C 118 -1.07 12.57 -15.00
CA GLN C 118 0.20 12.78 -14.31
C GLN C 118 0.97 13.85 -15.04
N LEU C 119 1.36 14.87 -14.31
CA LEU C 119 2.14 15.98 -14.87
C LEU C 119 3.59 15.55 -15.08
N SER C 120 4.34 16.33 -15.87
CA SER C 120 5.74 16.12 -16.28
C SER C 120 6.67 16.20 -15.10
N GLU C 121 6.26 17.00 -14.11
CA GLU C 121 6.93 17.19 -12.83
C GLU C 121 5.88 17.60 -11.82
N LYS C 122 6.25 17.53 -10.52
CA LYS C 122 5.38 17.97 -9.44
C LYS C 122 5.09 19.46 -9.68
N ALA C 123 3.81 19.86 -9.55
CA ALA C 123 3.36 21.24 -9.71
C ALA C 123 3.99 22.13 -8.65
N THR C 124 4.37 23.36 -9.03
CA THR C 124 4.90 24.31 -8.06
C THR C 124 3.70 24.80 -7.26
N LEU C 125 3.70 24.51 -5.96
CA LEU C 125 2.60 24.87 -5.06
C LEU C 125 2.78 26.25 -4.45
N GLY C 126 1.65 26.89 -4.13
CA GLY C 126 1.59 28.23 -3.56
C GLY C 126 0.17 28.64 -3.30
N PRO C 127 -0.12 29.94 -3.01
CA PRO C 127 -1.50 30.34 -2.70
C PRO C 127 -2.49 30.16 -3.87
N ALA C 128 -2.00 30.19 -5.13
CA ALA C 128 -2.86 30.02 -6.30
C ALA C 128 -2.84 28.59 -6.89
N VAL C 129 -1.99 27.67 -6.35
CA VAL C 129 -1.82 26.28 -6.82
C VAL C 129 -1.75 25.37 -5.60
N ARG C 130 -2.81 24.61 -5.34
CA ARG C 130 -2.88 23.76 -4.16
C ARG C 130 -3.86 22.62 -4.44
N PRO C 131 -3.50 21.35 -4.12
CA PRO C 131 -4.47 20.24 -4.33
C PRO C 131 -5.67 20.36 -3.40
N LEU C 132 -6.79 19.81 -3.82
CA LEU C 132 -8.02 19.86 -3.03
C LEU C 132 -8.28 18.53 -2.37
N PRO C 133 -8.55 18.52 -1.04
CA PRO C 133 -8.93 17.26 -0.38
C PRO C 133 -10.24 16.74 -0.99
N TRP C 134 -10.28 15.44 -1.26
CA TRP C 134 -11.43 14.79 -1.87
C TRP C 134 -12.08 13.80 -0.91
N GLN C 135 -13.40 13.63 -1.04
CA GLN C 135 -14.20 12.78 -0.18
C GLN C 135 -13.83 11.31 -0.29
N ARG C 136 -13.48 10.71 0.85
CA ARG C 136 -13.06 9.31 0.97
C ARG C 136 -14.20 8.48 1.54
N VAL C 137 -15.05 9.14 2.36
CA VAL C 137 -16.18 8.51 3.03
C VAL C 137 -17.31 8.35 2.05
N ASP C 138 -17.61 7.10 1.69
CA ASP C 138 -18.65 6.81 0.71
C ASP C 138 -20.08 6.94 1.29
N ARG C 139 -20.54 8.20 1.41
CA ARG C 139 -21.87 8.57 1.88
C ARG C 139 -22.34 9.71 1.03
N ASP C 140 -23.57 9.64 0.55
CA ASP C 140 -24.20 10.66 -0.29
C ASP C 140 -24.20 12.04 0.36
N VAL C 141 -24.13 13.10 -0.47
CA VAL C 141 -24.24 14.47 0.01
C VAL C 141 -25.76 14.63 0.13
N ALA C 142 -26.22 15.19 1.26
CA ALA C 142 -27.65 15.37 1.52
C ALA C 142 -28.37 16.20 0.43
N PRO C 143 -29.59 15.79 -0.01
CA PRO C 143 -30.27 16.59 -1.03
C PRO C 143 -30.54 18.00 -0.48
N GLY C 144 -30.48 18.99 -1.37
CA GLY C 144 -30.66 20.39 -1.00
C GLY C 144 -29.39 21.12 -0.65
N THR C 145 -28.29 20.37 -0.32
CA THR C 145 -26.97 20.95 0.00
C THR C 145 -26.49 21.77 -1.20
N LEU C 146 -26.05 22.99 -0.93
CA LEU C 146 -25.51 23.84 -1.98
C LEU C 146 -24.03 23.47 -2.23
N CYS C 147 -23.75 23.02 -3.45
CA CYS C 147 -22.39 22.63 -3.85
C CYS C 147 -21.86 23.56 -4.97
N ASP C 148 -20.58 23.94 -4.89
CA ASP C 148 -19.91 24.87 -5.80
C ASP C 148 -19.29 24.15 -7.02
N VAL C 149 -19.74 24.53 -8.23
N VAL C 149 -19.73 24.54 -8.24
CA VAL C 149 -19.19 24.02 -9.46
CA VAL C 149 -19.24 24.01 -9.51
C VAL C 149 -18.48 25.19 -10.17
C VAL C 149 -18.54 25.14 -10.27
N ALA C 150 -17.26 24.96 -10.64
CA ALA C 150 -16.47 25.98 -11.34
C ALA C 150 -15.94 25.44 -12.68
N GLY C 151 -15.72 26.33 -13.62
CA GLY C 151 -15.24 25.96 -14.94
C GLY C 151 -15.14 27.08 -15.95
N TRP C 152 -14.48 26.79 -17.08
CA TRP C 152 -14.30 27.69 -18.20
C TRP C 152 -15.20 27.21 -19.35
N GLY C 153 -16.24 26.47 -19.00
CA GLY C 153 -17.24 26.02 -19.96
C GLY C 153 -18.11 27.15 -20.45
N ILE C 154 -18.93 26.88 -21.49
CA ILE C 154 -19.81 27.90 -22.11
C ILE C 154 -20.76 28.56 -21.07
N VAL C 155 -20.95 29.87 -21.20
CA VAL C 155 -21.75 30.70 -20.28
C VAL C 155 -23.17 31.06 -20.78
N ASN C 156 -23.54 30.64 -22.00
CA ASN C 156 -24.88 30.83 -22.57
C ASN C 156 -25.14 29.73 -23.59
N HIS C 157 -26.40 29.54 -24.01
CA HIS C 157 -26.75 28.51 -24.99
C HIS C 157 -26.17 28.78 -26.39
N ALA C 158 -25.78 30.04 -26.67
CA ALA C 158 -25.16 30.42 -27.95
C ALA C 158 -23.68 29.91 -28.04
N GLY C 159 -23.13 29.43 -26.92
CA GLY C 159 -21.80 28.85 -26.84
C GLY C 159 -20.67 29.82 -26.55
N ARG C 160 -20.98 30.99 -25.93
CA ARG C 160 -19.95 31.97 -25.57
C ARG C 160 -19.00 31.34 -24.53
N ARG C 161 -17.70 31.32 -24.87
CA ARG C 161 -16.65 30.75 -24.02
C ARG C 161 -16.03 31.86 -23.18
N PRO C 162 -16.05 31.76 -21.83
CA PRO C 162 -15.48 32.84 -21.01
C PRO C 162 -13.96 32.77 -21.00
N ASP C 163 -13.31 33.91 -20.85
CA ASP C 163 -11.86 33.91 -20.74
C ASP C 163 -11.48 33.61 -19.29
N SER C 164 -12.29 34.14 -18.34
CA SER C 164 -12.09 33.98 -16.90
CA SER C 164 -12.07 33.96 -16.91
C SER C 164 -12.95 32.88 -16.28
N LEU C 165 -12.45 32.25 -15.21
CA LEU C 165 -13.12 31.19 -14.47
C LEU C 165 -14.46 31.64 -13.89
N GLN C 166 -15.49 30.82 -14.11
CA GLN C 166 -16.85 31.06 -13.62
C GLN C 166 -17.18 30.02 -12.56
N HIS C 167 -18.23 30.28 -11.78
CA HIS C 167 -18.69 29.34 -10.77
C HIS C 167 -20.16 29.55 -10.49
N VAL C 168 -20.82 28.52 -9.94
CA VAL C 168 -22.20 28.62 -9.51
C VAL C 168 -22.46 27.63 -8.36
N LEU C 169 -23.29 28.03 -7.41
CA LEU C 169 -23.70 27.15 -6.35
C LEU C 169 -24.97 26.46 -6.83
N LEU C 170 -25.00 25.13 -6.79
CA LEU C 170 -26.15 24.35 -7.22
C LEU C 170 -26.64 23.47 -6.10
N PRO C 171 -27.96 23.28 -5.95
CA PRO C 171 -28.45 22.37 -4.90
C PRO C 171 -28.42 20.93 -5.38
N VAL C 172 -27.99 20.03 -4.50
CA VAL C 172 -27.94 18.59 -4.77
C VAL C 172 -29.41 18.13 -4.86
N LEU C 173 -29.68 17.28 -5.85
CA LEU C 173 -30.99 16.69 -6.10
C LEU C 173 -30.94 15.24 -5.68
N ASP C 174 -31.98 14.78 -4.93
CA ASP C 174 -32.05 13.39 -4.47
C ASP C 174 -32.06 12.43 -5.67
N ARG C 175 -31.33 11.31 -5.55
CA ARG C 175 -31.18 10.30 -6.58
C ARG C 175 -32.54 9.79 -7.10
N ALA C 176 -33.52 9.57 -6.20
CA ALA C 176 -34.86 9.12 -6.55
C ALA C 176 -35.53 10.06 -7.58
N THR C 177 -35.53 11.40 -7.31
CA THR C 177 -36.09 12.40 -8.24
C THR C 177 -35.33 12.38 -9.57
N CYS C 178 -33.98 12.34 -9.49
CA CYS C 178 -33.12 12.31 -10.66
C CYS C 178 -33.34 11.06 -11.55
N ASN C 179 -33.71 9.94 -10.92
CA ASN C 179 -33.94 8.67 -11.58
C ASN C 179 -35.34 8.46 -12.16
N ARG C 180 -36.24 9.45 -12.02
CA ARG C 180 -37.61 9.35 -12.56
C ARG C 180 -37.58 9.24 -14.08
N ARG C 181 -38.58 8.55 -14.69
CA ARG C 181 -38.69 8.36 -16.14
C ARG C 181 -38.60 9.69 -16.94
N THR C 182 -39.19 10.77 -16.37
CA THR C 182 -39.20 12.13 -16.92
C THR C 182 -37.81 12.82 -16.80
N HIS C 183 -36.92 12.28 -15.93
CA HIS C 183 -35.58 12.79 -15.69
C HIS C 183 -34.51 11.90 -16.34
N HIS C 184 -33.72 11.14 -15.55
CA HIS C 184 -32.67 10.29 -16.11
C HIS C 184 -33.03 8.79 -16.10
N ASP C 185 -34.30 8.47 -15.82
CA ASP C 185 -34.88 7.13 -15.90
C ASP C 185 -33.96 5.95 -15.49
N GLY C 186 -33.68 5.84 -14.19
CA GLY C 186 -32.86 4.77 -13.62
C GLY C 186 -31.37 4.74 -13.89
N ALA C 187 -30.82 5.68 -14.70
CA ALA C 187 -29.39 5.72 -15.03
C ALA C 187 -28.46 6.19 -13.90
N ILE C 188 -29.02 6.87 -12.87
CA ILE C 188 -28.20 7.38 -11.77
C ILE C 188 -27.95 6.28 -10.77
N THR C 189 -26.74 5.73 -10.80
CA THR C 189 -26.32 4.67 -9.91
C THR C 189 -25.92 5.30 -8.58
N GLU C 190 -25.50 4.48 -7.61
CA GLU C 190 -25.00 4.91 -6.31
C GLU C 190 -23.63 5.66 -6.47
N ARG C 191 -22.99 5.55 -7.65
CA ARG C 191 -21.67 6.14 -7.95
C ARG C 191 -21.78 7.52 -8.60
N LEU C 192 -23.02 7.96 -8.78
CA LEU C 192 -23.35 9.24 -9.40
C LEU C 192 -24.23 10.05 -8.50
N MET C 193 -24.12 11.36 -8.63
CA MET C 193 -24.96 12.32 -7.94
C MET C 193 -25.50 13.35 -8.94
N CYS C 194 -26.64 13.96 -8.60
CA CYS C 194 -27.31 14.96 -9.44
C CYS C 194 -27.41 16.27 -8.73
N ALA C 195 -27.42 17.35 -9.53
CA ALA C 195 -27.64 18.71 -9.04
C ALA C 195 -28.68 19.33 -9.93
N GLU C 196 -29.46 20.31 -9.39
CA GLU C 196 -30.51 21.03 -10.12
C GLU C 196 -29.93 21.70 -11.35
N SER C 197 -30.67 21.63 -12.46
CA SER C 197 -30.23 22.20 -13.72
C SER C 197 -31.14 23.33 -14.28
N ASN C 198 -31.96 24.00 -13.45
CA ASN C 198 -32.80 25.10 -13.98
C ASN C 198 -32.07 26.45 -13.87
N ARG C 199 -31.92 27.18 -15.03
CA ARG C 199 -31.20 28.46 -15.21
C ARG C 199 -29.68 28.35 -14.92
N ARG C 200 -29.33 27.70 -13.82
CA ARG C 200 -27.97 27.50 -13.36
C ARG C 200 -27.57 26.06 -13.65
N ASP C 201 -26.41 25.86 -14.30
CA ASP C 201 -25.94 24.51 -14.60
C ASP C 201 -24.48 24.48 -15.06
N SER C 202 -23.88 23.29 -15.10
CA SER C 202 -22.58 23.05 -15.69
C SER C 202 -22.88 22.79 -17.20
N CYS C 203 -21.96 23.12 -18.10
CA CYS C 203 -22.18 22.89 -19.54
C CYS C 203 -20.87 22.59 -20.27
N LYS C 204 -20.90 22.43 -21.60
CA LYS C 204 -19.75 22.09 -22.46
C LYS C 204 -18.51 22.92 -22.09
N GLY C 205 -17.46 22.19 -21.74
CA GLY C 205 -16.19 22.75 -21.31
C GLY C 205 -16.00 22.63 -19.80
N ASP C 206 -17.05 22.23 -19.07
CA ASP C 206 -17.01 22.07 -17.60
C ASP C 206 -16.74 20.66 -17.11
N SER C 207 -16.93 19.62 -17.98
CA SER C 207 -16.70 18.24 -17.54
C SER C 207 -15.27 18.09 -17.02
N GLY C 208 -15.10 17.25 -16.02
CA GLY C 208 -13.79 17.03 -15.42
C GLY C 208 -13.50 17.97 -14.26
N GLY C 209 -14.26 19.07 -14.20
CA GLY C 209 -14.12 20.05 -13.16
C GLY C 209 -14.79 19.62 -11.85
N PRO C 210 -14.61 20.41 -10.80
CA PRO C 210 -15.09 20.00 -9.48
C PRO C 210 -16.48 20.45 -9.05
N LEU C 211 -17.12 19.61 -8.24
CA LEU C 211 -18.37 19.91 -7.55
CA LEU C 211 -18.37 19.90 -7.54
C LEU C 211 -17.93 19.83 -6.09
N VAL C 212 -17.88 20.95 -5.43
CA VAL C 212 -17.34 20.98 -4.08
C VAL C 212 -18.44 21.22 -3.07
N CYS C 213 -18.48 20.42 -1.99
CA CYS C 213 -19.47 20.58 -0.91
C CYS C 213 -18.72 20.69 0.41
N GLY C 214 -18.95 21.78 1.12
CA GLY C 214 -18.28 22.04 2.38
C GLY C 214 -16.76 22.06 2.27
N GLY C 215 -16.23 22.59 1.16
CA GLY C 215 -14.78 22.69 0.91
C GLY C 215 -14.05 21.40 0.49
N VAL C 216 -14.80 20.34 0.22
CA VAL C 216 -14.26 19.04 -0.16
C VAL C 216 -14.79 18.65 -1.53
N LEU C 217 -13.92 18.06 -2.36
CA LEU C 217 -14.33 17.56 -3.66
C LEU C 217 -15.30 16.37 -3.46
N GLU C 218 -16.53 16.49 -4.00
CA GLU C 218 -17.53 15.42 -3.92
C GLU C 218 -17.79 14.84 -5.28
N GLY C 219 -17.84 15.70 -6.28
CA GLY C 219 -18.18 15.28 -7.64
C GLY C 219 -17.27 15.84 -8.70
N VAL C 220 -17.21 15.12 -9.82
CA VAL C 220 -16.48 15.50 -11.02
C VAL C 220 -17.55 15.60 -12.08
N VAL C 221 -17.63 16.77 -12.72
CA VAL C 221 -18.63 17.05 -13.75
C VAL C 221 -18.55 16.04 -14.90
N THR C 222 -19.72 15.51 -15.32
CA THR C 222 -19.80 14.69 -16.51
C THR C 222 -20.85 15.32 -17.44
N SER C 223 -20.89 14.91 -18.73
CA SER C 223 -21.72 15.53 -19.79
C SER C 223 -23.17 14.99 -19.98
N GLY C 224 -23.39 13.72 -19.64
CA GLY C 224 -24.68 13.05 -19.78
C GLY C 224 -25.14 13.02 -21.23
N SER C 225 -26.42 13.39 -21.45
CA SER C 225 -27.07 13.45 -22.77
C SER C 225 -26.62 14.70 -23.56
N ARG C 226 -25.79 15.55 -22.92
CA ARG C 226 -25.18 16.76 -23.49
C ARG C 226 -26.22 17.87 -23.62
N VAL C 227 -27.06 17.98 -22.58
CA VAL C 227 -28.12 18.98 -22.46
C VAL C 227 -27.82 19.79 -21.21
N CYS C 228 -27.89 21.14 -21.31
CA CYS C 228 -27.67 22.05 -20.18
C CYS C 228 -28.83 23.00 -20.00
N GLY C 229 -29.11 23.35 -18.76
CA GLY C 229 -30.13 24.33 -18.46
C GLY C 229 -31.55 23.84 -18.59
N ASN C 230 -31.73 22.53 -18.68
CA ASN C 230 -33.05 21.94 -18.75
C ASN C 230 -33.30 21.24 -17.43
N ARG C 231 -34.27 21.75 -16.63
CA ARG C 231 -34.63 21.19 -15.32
C ARG C 231 -34.97 19.70 -15.34
N LYS C 232 -35.53 19.20 -16.46
CA LYS C 232 -35.89 17.79 -16.61
C LYS C 232 -34.67 16.91 -16.87
N LYS C 233 -33.50 17.53 -17.18
CA LYS C 233 -32.27 16.77 -17.37
C LYS C 233 -31.19 17.29 -16.39
N PRO C 234 -31.28 16.90 -15.08
CA PRO C 234 -30.30 17.40 -14.08
C PRO C 234 -28.83 17.11 -14.40
N GLY C 235 -27.95 17.95 -13.86
CA GLY C 235 -26.50 17.76 -14.01
C GLY C 235 -26.07 16.47 -13.36
N ILE C 236 -25.16 15.74 -14.00
CA ILE C 236 -24.64 14.47 -13.51
C ILE C 236 -23.17 14.66 -13.12
N TYR C 237 -22.83 14.25 -11.90
CA TYR C 237 -21.48 14.36 -11.34
C TYR C 237 -21.06 13.01 -10.81
N THR C 238 -19.83 12.59 -11.15
CA THR C 238 -19.29 11.32 -10.66
C THR C 238 -18.86 11.49 -9.19
N ARG C 239 -19.36 10.63 -8.30
CA ARG C 239 -19.01 10.70 -6.85
C ARG C 239 -17.61 10.15 -6.64
N VAL C 240 -16.66 11.02 -6.27
CA VAL C 240 -15.26 10.66 -6.03
C VAL C 240 -15.08 9.60 -4.92
N ALA C 241 -15.91 9.66 -3.85
CA ALA C 241 -15.90 8.74 -2.71
C ALA C 241 -16.04 7.27 -3.18
N SER C 242 -16.90 7.04 -4.21
CA SER C 242 -17.15 5.73 -4.84
C SER C 242 -15.92 5.17 -5.51
N TYR C 243 -14.91 6.03 -5.82
CA TYR C 243 -13.71 5.62 -6.54
C TYR C 243 -12.46 5.84 -5.76
N ALA C 244 -12.57 5.90 -4.41
CA ALA C 244 -11.46 6.10 -3.47
C ALA C 244 -10.33 5.11 -3.68
N ALA C 245 -10.67 3.81 -3.77
CA ALA C 245 -9.69 2.72 -3.99
C ALA C 245 -8.90 2.91 -5.30
N TRP C 246 -9.60 3.22 -6.43
CA TRP C 246 -8.96 3.44 -7.73
C TRP C 246 -8.06 4.69 -7.72
N ILE C 247 -8.57 5.83 -7.20
CA ILE C 247 -7.78 7.06 -7.11
C ILE C 247 -6.51 6.82 -6.33
N ASP C 248 -6.61 6.21 -5.11
CA ASP C 248 -5.46 5.88 -4.25
C ASP C 248 -4.43 5.01 -4.95
N SER C 249 -4.91 3.95 -5.63
CA SER C 249 -4.05 3.00 -6.34
C SER C 249 -3.27 3.68 -7.48
N VAL C 250 -3.92 4.62 -8.21
CA VAL C 250 -3.26 5.33 -9.31
C VAL C 250 -2.22 6.35 -8.73
N LEU C 251 -2.62 7.08 -7.67
CA LEU C 251 -1.73 8.06 -7.04
C LEU C 251 -0.50 7.40 -6.36
N ALA C 252 -0.60 6.09 -6.02
CA ALA C 252 0.47 5.32 -5.39
C ALA C 252 1.45 4.73 -6.40
N SER C 253 1.05 4.65 -7.70
CA SER C 253 1.88 4.09 -8.78
C SER C 253 2.75 5.12 -9.50
N ILE D 25 -9.30 25.97 26.41
CA ILE D 25 -9.21 27.13 25.53
C ILE D 25 -9.32 28.43 26.33
N LEU D 26 -8.28 29.27 26.31
CA LEU D 26 -8.33 30.58 26.98
C LEU D 26 -8.67 31.63 25.94
N GLY D 27 -9.46 32.63 26.34
CA GLY D 27 -9.86 33.75 25.50
C GLY D 27 -10.74 33.39 24.32
N GLY D 28 -11.38 32.23 24.39
CA GLY D 28 -12.27 31.80 23.32
C GLY D 28 -13.72 32.06 23.65
N ARG D 29 -14.60 31.31 22.98
CA ARG D 29 -16.02 31.36 23.23
C ARG D 29 -16.62 29.99 22.97
N GLU D 30 -17.86 29.77 23.44
CA GLU D 30 -18.56 28.52 23.25
C GLU D 30 -18.77 28.30 21.78
N ALA D 31 -18.41 27.09 21.31
CA ALA D 31 -18.60 26.70 19.92
C ALA D 31 -20.08 26.49 19.66
N GLU D 32 -20.48 26.62 18.38
CA GLU D 32 -21.85 26.31 17.97
C GLU D 32 -21.95 24.78 18.13
N ALA D 33 -23.03 24.31 18.77
CA ALA D 33 -23.20 22.87 19.00
C ALA D 33 -23.12 22.05 17.70
N HIS D 34 -22.21 21.04 17.69
CA HIS D 34 -22.03 20.06 16.59
C HIS D 34 -21.54 20.64 15.26
N ALA D 35 -21.02 21.90 15.28
CA ALA D 35 -20.50 22.57 14.08
C ALA D 35 -19.11 22.01 13.70
N ARG D 36 -18.49 21.26 14.63
CA ARG D 36 -17.20 20.59 14.42
C ARG D 36 -17.45 19.08 14.64
N PRO D 37 -18.10 18.39 13.65
CA PRO D 37 -18.48 16.99 13.83
C PRO D 37 -17.32 16.00 13.97
N TYR D 38 -16.12 16.47 13.71
CA TYR D 38 -14.89 15.69 13.82
C TYR D 38 -14.33 15.74 15.25
N MET D 39 -14.79 16.71 16.08
N MET D 39 -14.85 16.68 16.09
CA MET D 39 -14.25 16.93 17.43
CA MET D 39 -14.36 16.89 17.47
C MET D 39 -14.53 15.75 18.35
C MET D 39 -14.54 15.67 18.33
N ALA D 40 -13.49 15.25 19.03
CA ALA D 40 -13.60 14.10 19.95
C ALA D 40 -13.10 14.44 21.35
N SER D 41 -13.71 13.84 22.42
CA SER D 41 -13.18 13.96 23.77
C SER D 41 -12.57 12.58 24.06
N VAL D 42 -11.27 12.55 24.28
CA VAL D 42 -10.55 11.35 24.69
C VAL D 42 -10.67 11.35 26.22
N GLN D 43 -11.32 10.29 26.69
CA GLN D 43 -11.63 10.18 28.11
C GLN D 43 -10.94 9.02 28.85
N LEU D 44 -10.65 9.26 30.16
CA LEU D 44 -10.04 8.29 31.08
C LEU D 44 -10.93 8.19 32.30
N ASN D 45 -11.52 6.99 32.51
CA ASN D 45 -12.46 6.67 33.60
C ASN D 45 -13.67 7.63 33.61
N GLY D 46 -14.20 7.93 32.41
CA GLY D 46 -15.34 8.80 32.21
C GLY D 46 -15.06 10.30 32.29
N ALA D 47 -13.80 10.70 32.53
CA ALA D 47 -13.42 12.11 32.61
C ALA D 47 -12.68 12.57 31.33
N HIS D 48 -12.98 13.78 30.86
CA HIS D 48 -12.31 14.33 29.70
C HIS D 48 -10.84 14.50 30.06
N LEU D 49 -9.96 14.01 29.18
CA LEU D 49 -8.52 14.08 29.41
C LEU D 49 -7.86 14.92 28.35
N CYS D 50 -8.20 14.65 27.08
CA CYS D 50 -7.57 15.31 25.95
C CYS D 50 -8.60 15.45 24.84
N GLY D 51 -8.29 16.31 23.87
CA GLY D 51 -9.08 16.40 22.66
C GLY D 51 -8.65 15.30 21.72
N GLY D 52 -9.40 15.16 20.64
CA GLY D 52 -9.14 14.20 19.58
C GLY D 52 -9.82 14.66 18.31
N VAL D 53 -9.42 14.05 17.20
CA VAL D 53 -9.98 14.38 15.88
C VAL D 53 -10.35 13.08 15.20
N LEU D 54 -11.60 12.93 14.81
CA LEU D 54 -12.02 11.77 14.02
C LEU D 54 -11.44 11.98 12.59
N VAL D 55 -10.51 11.10 12.14
CA VAL D 55 -9.84 11.24 10.81
C VAL D 55 -10.26 10.16 9.81
N ALA D 56 -10.95 9.11 10.29
CA ALA D 56 -11.48 8.01 9.48
C ALA D 56 -12.66 7.46 10.28
N GLU D 57 -13.49 6.59 9.70
CA GLU D 57 -14.66 6.03 10.40
C GLU D 57 -14.37 5.33 11.71
N GLN D 58 -13.20 4.70 11.84
CA GLN D 58 -12.89 3.94 13.04
C GLN D 58 -11.66 4.45 13.76
N TRP D 59 -11.11 5.61 13.32
CA TRP D 59 -9.87 6.12 13.87
C TRP D 59 -9.94 7.57 14.33
N VAL D 60 -9.36 7.83 15.52
CA VAL D 60 -9.27 9.13 16.14
C VAL D 60 -7.82 9.49 16.37
N LEU D 61 -7.42 10.67 15.94
CA LEU D 61 -6.06 11.15 16.13
C LEU D 61 -6.03 12.04 17.38
N SER D 62 -5.06 11.81 18.24
CA SER D 62 -4.86 12.58 19.47
C SER D 62 -3.35 12.75 19.71
N ALA D 63 -2.95 13.11 20.95
CA ALA D 63 -1.55 13.33 21.31
C ALA D 63 -1.09 12.17 22.17
N ALA D 64 0.11 11.66 21.92
CA ALA D 64 0.63 10.48 22.62
C ALA D 64 0.78 10.65 24.12
N HIS D 65 1.22 11.85 24.58
CA HIS D 65 1.41 12.13 26.02
C HIS D 65 0.12 12.01 26.83
N CYS D 66 -1.04 12.10 26.16
CA CYS D 66 -2.34 11.99 26.83
C CYS D 66 -2.49 10.65 27.59
N LEU D 67 -2.00 9.55 27.00
CA LEU D 67 -2.12 8.22 27.59
C LEU D 67 -0.86 7.71 28.33
N GLU D 68 0.12 8.57 28.60
CA GLU D 68 1.36 8.22 29.30
C GLU D 68 1.13 7.67 30.71
N ASP D 69 0.41 8.43 31.58
CA ASP D 69 0.11 8.00 32.95
C ASP D 69 -1.36 7.54 33.04
N ALA D 70 -1.82 6.80 32.01
CA ALA D 70 -3.18 6.29 31.90
C ALA D 70 -3.27 4.79 32.04
N ALA D 71 -2.26 4.06 31.49
CA ALA D 71 -2.12 2.59 31.45
C ALA D 71 -2.58 1.89 32.73
N ASP D 72 -3.90 1.56 32.76
CA ASP D 72 -4.70 0.95 33.83
C ASP D 72 -6.20 1.27 33.59
N GLY D 73 -6.55 2.56 33.68
CA GLY D 73 -7.92 3.07 33.51
C GLY D 73 -8.61 2.83 32.18
N LYS D 74 -9.94 3.03 32.15
CA LYS D 74 -10.73 2.83 30.93
C LYS D 74 -10.60 4.03 29.94
N VAL D 75 -9.98 3.79 28.79
CA VAL D 75 -9.83 4.81 27.75
C VAL D 75 -11.01 4.66 26.78
N GLN D 76 -11.77 5.76 26.62
CA GLN D 76 -12.93 5.82 25.73
C GLN D 76 -12.92 7.10 24.93
N VAL D 77 -13.63 7.10 23.81
CA VAL D 77 -13.68 8.28 22.95
C VAL D 77 -15.14 8.69 22.81
N LEU D 78 -15.43 9.93 23.16
CA LEU D 78 -16.78 10.50 23.05
C LEU D 78 -16.91 11.27 21.76
N LEU D 79 -17.81 10.82 20.88
CA LEU D 79 -18.08 11.52 19.61
C LEU D 79 -19.46 12.16 19.62
N GLY D 80 -19.66 13.13 18.73
CA GLY D 80 -20.91 13.85 18.52
C GLY D 80 -21.35 14.72 19.68
N ALA D 81 -20.39 15.16 20.53
CA ALA D 81 -20.73 15.93 21.71
C ALA D 81 -20.54 17.40 21.61
N HIS D 82 -21.38 18.14 22.37
CA HIS D 82 -21.20 19.55 22.61
C HIS D 82 -20.95 19.66 24.11
N SER D 83 -21.91 19.19 24.91
CA SER D 83 -21.84 19.12 26.36
C SER D 83 -21.20 17.79 26.77
N LEU D 84 -20.29 17.83 27.73
CA LEU D 84 -19.67 16.60 28.25
C LEU D 84 -20.62 15.83 29.20
N SER D 85 -21.52 16.53 29.89
CA SER D 85 -22.37 15.90 30.88
C SER D 85 -23.82 15.71 30.49
N GLN D 86 -24.31 16.52 29.56
CA GLN D 86 -25.75 16.52 29.21
C GLN D 86 -26.12 15.57 28.07
N PRO D 87 -27.37 15.03 28.11
CA PRO D 87 -27.80 14.12 27.04
C PRO D 87 -27.99 14.83 25.72
N GLU D 88 -27.48 14.21 24.64
CA GLU D 88 -27.60 14.74 23.27
C GLU D 88 -27.79 13.56 22.35
N PRO D 89 -28.75 13.64 21.41
CA PRO D 89 -29.00 12.47 20.52
C PRO D 89 -27.77 11.95 19.76
N SER D 90 -26.84 12.85 19.39
CA SER D 90 -25.64 12.50 18.64
C SER D 90 -24.49 11.95 19.49
N LYS D 91 -24.54 12.14 20.81
CA LYS D 91 -23.46 11.70 21.71
C LYS D 91 -23.35 10.18 21.78
N ARG D 92 -22.13 9.66 21.54
CA ARG D 92 -21.85 8.23 21.63
CA ARG D 92 -21.85 8.23 21.61
C ARG D 92 -20.43 7.99 22.14
N LEU D 93 -20.31 7.22 23.21
CA LEU D 93 -19.06 6.87 23.85
C LEU D 93 -18.60 5.53 23.25
N TYR D 94 -17.39 5.52 22.68
CA TYR D 94 -16.83 4.29 22.06
C TYR D 94 -15.69 3.76 22.89
N ASP D 95 -15.54 2.44 22.90
CA ASP D 95 -14.39 1.84 23.54
C ASP D 95 -13.25 1.87 22.54
N VAL D 96 -12.03 1.84 23.03
CA VAL D 96 -10.87 1.82 22.17
C VAL D 96 -10.39 0.37 22.10
N LEU D 97 -10.26 -0.14 20.86
CA LEU D 97 -9.81 -1.48 20.48
C LEU D 97 -8.28 -1.56 20.59
N ARG D 98 -7.56 -0.47 20.23
CA ARG D 98 -6.09 -0.37 20.31
C ARG D 98 -5.61 1.06 20.17
N ALA D 99 -4.50 1.33 20.87
CA ALA D 99 -3.86 2.65 20.93
C ALA D 99 -2.53 2.55 20.25
N VAL D 100 -2.32 3.40 19.25
CA VAL D 100 -1.10 3.42 18.45
C VAL D 100 -0.35 4.76 18.65
N PRO D 101 0.52 4.86 19.67
CA PRO D 101 1.31 6.10 19.81
C PRO D 101 2.38 6.12 18.73
N HIS D 102 2.82 7.33 18.31
CA HIS D 102 3.89 7.39 17.32
C HIS D 102 5.13 6.66 17.89
N PRO D 103 5.78 5.75 17.10
CA PRO D 103 6.90 4.97 17.66
C PRO D 103 8.13 5.75 18.13
N ASP D 104 8.27 7.03 17.70
CA ASP D 104 9.36 7.90 18.10
C ASP D 104 8.99 8.83 19.24
N SER D 105 7.72 8.76 19.70
CA SER D 105 7.25 9.58 20.82
CA SER D 105 7.25 9.57 20.81
C SER D 105 7.94 9.09 22.10
N GLN D 106 8.29 10.02 22.97
CA GLN D 106 8.97 9.68 24.22
C GLN D 106 8.31 10.47 25.33
N PRO D 107 8.29 9.97 26.58
CA PRO D 107 7.69 10.78 27.65
C PRO D 107 8.57 12.01 27.93
N ASP D 108 7.93 13.15 28.28
CA ASP D 108 8.59 14.42 28.58
C ASP D 108 9.34 15.06 27.37
N THR D 109 8.91 14.74 26.12
CA THR D 109 9.44 15.30 24.87
C THR D 109 8.26 15.75 24.01
N ILE D 110 8.45 16.83 23.27
CA ILE D 110 7.36 17.39 22.49
C ILE D 110 7.32 16.88 21.03
N ASP D 111 8.32 16.09 20.64
CA ASP D 111 8.47 15.53 19.31
C ASP D 111 7.61 14.29 19.08
N HIS D 112 7.06 14.16 17.85
CA HIS D 112 6.27 13.02 17.37
C HIS D 112 5.12 12.68 18.34
N ASP D 113 4.51 13.72 18.95
CA ASP D 113 3.48 13.57 19.94
C ASP D 113 2.09 13.30 19.33
N LEU D 114 2.00 12.19 18.59
CA LEU D 114 0.76 11.76 17.95
C LEU D 114 0.31 10.41 18.44
N LEU D 115 -1.00 10.21 18.44
CA LEU D 115 -1.60 8.98 18.90
C LEU D 115 -2.81 8.64 18.03
N LEU D 116 -2.89 7.40 17.55
CA LEU D 116 -4.04 6.91 16.78
C LEU D 116 -4.84 5.91 17.57
N LEU D 117 -6.13 6.17 17.70
CA LEU D 117 -7.03 5.32 18.48
C LEU D 117 -8.07 4.67 17.61
N GLN D 118 -8.11 3.33 17.62
CA GLN D 118 -9.07 2.58 16.83
C GLN D 118 -10.26 2.32 17.72
N LEU D 119 -11.44 2.77 17.28
CA LEU D 119 -12.69 2.59 18.01
C LEU D 119 -13.17 1.16 17.90
N SER D 120 -14.00 0.71 18.88
CA SER D 120 -14.57 -0.64 19.01
C SER D 120 -15.28 -1.12 17.73
N GLU D 121 -15.85 -0.16 17.02
CA GLU D 121 -16.53 -0.36 15.76
C GLU D 121 -16.46 0.98 15.03
N LYS D 122 -16.79 0.96 13.73
CA LYS D 122 -16.85 2.17 12.91
C LYS D 122 -17.88 3.09 13.55
N ALA D 123 -17.54 4.37 13.67
CA ALA D 123 -18.41 5.38 14.25
C ALA D 123 -19.65 5.57 13.41
N THR D 124 -20.81 5.76 14.07
CA THR D 124 -22.06 6.06 13.36
C THR D 124 -21.92 7.50 12.86
N LEU D 125 -21.91 7.66 11.54
CA LEU D 125 -21.76 8.97 10.91
C LEU D 125 -23.08 9.67 10.70
N GLY D 126 -23.04 11.00 10.71
CA GLY D 126 -24.20 11.86 10.55
C GLY D 126 -23.82 13.32 10.60
N PRO D 127 -24.81 14.24 10.75
CA PRO D 127 -24.47 15.69 10.77
C PRO D 127 -23.57 16.12 11.93
N ALA D 128 -23.62 15.38 13.06
CA ALA D 128 -22.81 15.70 14.25
C ALA D 128 -21.55 14.83 14.41
N VAL D 129 -21.36 13.80 13.54
CA VAL D 129 -20.22 12.87 13.56
C VAL D 129 -19.69 12.67 12.15
N ARG D 130 -18.53 13.23 11.85
CA ARG D 130 -17.96 13.15 10.51
C ARG D 130 -16.45 13.32 10.59
N PRO D 131 -15.64 12.47 9.89
CA PRO D 131 -14.18 12.67 9.89
C PRO D 131 -13.75 13.94 9.18
N LEU D 132 -12.63 14.48 9.60
CA LEU D 132 -12.08 15.72 9.03
C LEU D 132 -10.94 15.40 8.08
N PRO D 133 -10.96 15.92 6.83
CA PRO D 133 -9.82 15.75 5.93
C PRO D 133 -8.58 16.44 6.55
N TRP D 134 -7.44 15.76 6.44
CA TRP D 134 -6.19 16.24 7.02
C TRP D 134 -5.15 16.50 5.95
N GLN D 135 -4.25 17.47 6.21
CA GLN D 135 -3.22 17.90 5.27
C GLN D 135 -2.21 16.84 4.97
N ARG D 136 -2.05 16.54 3.69
CA ARG D 136 -1.11 15.51 3.21
C ARG D 136 0.07 16.12 2.48
N VAL D 137 -0.08 17.39 2.06
CA VAL D 137 0.94 18.14 1.36
C VAL D 137 1.84 18.76 2.40
N ASP D 138 3.10 18.31 2.46
CA ASP D 138 4.04 18.79 3.45
C ASP D 138 4.62 20.16 3.10
N ARG D 139 3.82 21.21 3.37
CA ARG D 139 4.18 22.61 3.17
C ARG D 139 3.58 23.38 4.33
N ASP D 140 4.38 24.28 4.93
CA ASP D 140 3.98 25.09 6.06
C ASP D 140 2.76 25.93 5.77
N VAL D 141 1.94 26.20 6.82
CA VAL D 141 0.79 27.10 6.70
C VAL D 141 1.43 28.48 6.80
N ALA D 142 1.05 29.40 5.90
CA ALA D 142 1.58 30.77 5.89
C ALA D 142 1.45 31.48 7.24
N PRO D 143 2.51 32.19 7.72
CA PRO D 143 2.37 32.93 8.98
C PRO D 143 1.24 33.98 8.86
N GLY D 144 0.54 34.22 9.96
CA GLY D 144 -0.59 35.13 10.00
C GLY D 144 -1.94 34.50 9.66
N THR D 145 -1.96 33.30 9.02
CA THR D 145 -3.20 32.56 8.69
C THR D 145 -3.97 32.27 10.00
N LEU D 146 -5.26 32.58 10.00
CA LEU D 146 -6.11 32.33 11.14
C LEU D 146 -6.59 30.88 11.12
N CYS D 147 -6.21 30.13 12.17
CA CYS D 147 -6.59 28.73 12.30
C CYS D 147 -7.47 28.50 13.53
N ASP D 148 -8.47 27.62 13.40
CA ASP D 148 -9.43 27.33 14.45
C ASP D 148 -9.00 26.18 15.35
N VAL D 149 -8.87 26.45 16.65
N VAL D 149 -8.89 26.45 16.67
CA VAL D 149 -8.55 25.45 17.66
CA VAL D 149 -8.49 25.48 17.70
C VAL D 149 -9.78 25.30 18.55
C VAL D 149 -9.70 25.30 18.65
N ALA D 150 -10.17 24.06 18.81
CA ALA D 150 -11.31 23.75 19.68
C ALA D 150 -10.93 22.74 20.75
N GLY D 151 -11.64 22.78 21.88
CA GLY D 151 -11.42 21.85 22.96
C GLY D 151 -12.24 22.08 24.20
N TRP D 152 -12.18 21.10 25.10
CA TRP D 152 -12.83 21.13 26.41
C TRP D 152 -11.75 21.38 27.48
N GLY D 153 -10.64 21.96 27.09
CA GLY D 153 -9.57 22.29 28.04
C GLY D 153 -9.94 23.46 28.93
N ILE D 154 -9.08 23.78 29.92
CA ILE D 154 -9.35 24.85 30.90
C ILE D 154 -9.57 26.22 30.23
N VAL D 155 -10.52 27.00 30.74
CA VAL D 155 -10.95 28.29 30.18
C VAL D 155 -10.41 29.53 30.95
N ASN D 156 -9.69 29.31 32.05
CA ASN D 156 -9.06 30.40 32.81
C ASN D 156 -7.82 29.84 33.53
N HIS D 157 -6.98 30.74 34.06
CA HIS D 157 -5.75 30.35 34.77
C HIS D 157 -6.04 29.72 36.14
N ALA D 158 -7.27 29.73 36.62
CA ALA D 158 -7.63 29.05 37.87
C ALA D 158 -7.88 27.53 37.60
N GLY D 159 -8.00 27.15 36.32
CA GLY D 159 -8.23 25.77 35.92
C GLY D 159 -9.68 25.34 35.76
N ARG D 160 -10.61 26.31 35.56
CA ARG D 160 -12.04 26.02 35.35
C ARG D 160 -12.21 25.20 34.06
N ARG D 161 -12.86 24.03 34.18
CA ARG D 161 -13.10 23.13 33.07
C ARG D 161 -14.51 23.39 32.50
N PRO D 162 -14.64 23.73 31.18
CA PRO D 162 -15.97 23.98 30.62
C PRO D 162 -16.75 22.69 30.40
N ASP D 163 -18.07 22.76 30.49
CA ASP D 163 -18.89 21.59 30.20
C ASP D 163 -19.09 21.48 28.69
N SER D 164 -19.19 22.64 28.01
CA SER D 164 -19.42 22.74 26.57
CA SER D 164 -19.40 22.72 26.57
C SER D 164 -18.14 23.06 25.80
N LEU D 165 -18.05 22.59 24.55
CA LEU D 165 -16.94 22.80 23.64
C LEU D 165 -16.67 24.29 23.36
N GLN D 166 -15.41 24.68 23.47
CA GLN D 166 -14.96 26.06 23.21
C GLN D 166 -14.08 26.08 21.97
N HIS D 167 -13.87 27.27 21.41
CA HIS D 167 -13.00 27.42 20.25
C HIS D 167 -12.42 28.83 20.20
N VAL D 168 -11.33 28.97 19.48
CA VAL D 168 -10.70 30.28 19.26
C VAL D 168 -9.92 30.24 17.92
N LEU D 169 -9.94 31.35 17.21
CA LEU D 169 -9.15 31.50 16.01
C LEU D 169 -7.81 32.07 16.45
N LEU D 170 -6.71 31.44 16.04
CA LEU D 170 -5.38 31.90 16.40
C LEU D 170 -4.55 32.10 15.14
N PRO D 171 -3.72 33.16 15.09
CA PRO D 171 -2.85 33.34 13.92
C PRO D 171 -1.60 32.48 14.01
N VAL D 172 -1.21 31.87 12.89
CA VAL D 172 0.01 31.07 12.77
C VAL D 172 1.21 32.02 12.92
N LEU D 173 2.23 31.60 13.66
CA LEU D 173 3.46 32.34 13.91
C LEU D 173 4.58 31.65 13.11
N ASP D 174 5.42 32.45 12.41
CA ASP D 174 6.54 31.90 11.64
C ASP D 174 7.52 31.16 12.57
N ARG D 175 8.05 30.01 12.09
CA ARG D 175 8.95 29.14 12.85
C ARG D 175 10.16 29.90 13.39
N ALA D 176 10.76 30.80 12.57
CA ALA D 176 11.91 31.62 12.94
C ALA D 176 11.65 32.42 14.22
N THR D 177 10.51 33.16 14.30
CA THR D 177 10.11 33.92 15.49
C THR D 177 9.89 32.98 16.68
N CYS D 178 9.18 31.86 16.44
CA CYS D 178 8.90 30.86 17.46
C CYS D 178 10.16 30.23 18.05
N ASN D 179 11.21 30.10 17.24
CA ASN D 179 12.48 29.49 17.61
C ASN D 179 13.49 30.42 18.27
N ARG D 180 13.15 31.71 18.47
CA ARG D 180 14.04 32.68 19.13
C ARG D 180 14.31 32.27 20.58
N ARG D 181 15.49 32.64 21.13
CA ARG D 181 15.88 32.33 22.51
C ARG D 181 14.82 32.80 23.54
N THR D 182 14.17 33.95 23.26
CA THR D 182 13.11 34.54 24.10
C THR D 182 11.79 33.74 24.01
N HIS D 183 11.64 32.90 22.96
CA HIS D 183 10.46 32.08 22.71
C HIS D 183 10.70 30.60 23.01
N HIS D 184 10.83 29.73 21.99
CA HIS D 184 11.04 28.30 22.23
C HIS D 184 12.47 27.83 21.92
N ASP D 185 13.39 28.79 21.71
CA ASP D 185 14.84 28.58 21.57
C ASP D 185 15.26 27.28 20.82
N GLY D 186 15.01 27.25 19.52
CA GLY D 186 15.38 26.14 18.64
C GLY D 186 14.61 24.83 18.74
N ALA D 187 13.63 24.70 19.64
CA ALA D 187 12.86 23.45 19.80
C ALA D 187 11.84 23.16 18.67
N ILE D 188 11.47 24.18 17.88
CA ILE D 188 10.47 24.01 16.83
C ILE D 188 11.11 23.47 15.59
N THR D 189 10.92 22.18 15.36
CA THR D 189 11.45 21.50 14.18
C THR D 189 10.54 21.81 13.00
N GLU D 190 10.89 21.28 11.81
CA GLU D 190 10.07 21.39 10.60
C GLU D 190 8.73 20.59 10.74
N ARG D 191 8.63 19.72 11.77
CA ARG D 191 7.46 18.85 12.01
C ARG D 191 6.48 19.49 12.99
N LEU D 192 6.79 20.70 13.44
CA LEU D 192 5.99 21.47 14.39
C LEU D 192 5.67 22.82 13.82
N MET D 193 4.55 23.37 14.26
CA MET D 193 4.11 24.72 13.91
C MET D 193 3.69 25.46 15.17
N CYS D 194 3.74 26.79 15.12
CA CYS D 194 3.38 27.64 16.25
C CYS D 194 2.23 28.53 15.90
N ALA D 195 1.45 28.89 16.93
CA ALA D 195 0.36 29.86 16.81
C ALA D 195 0.55 30.85 17.94
N GLU D 196 0.12 32.11 17.71
CA GLU D 196 0.20 33.15 18.71
C GLU D 196 -0.55 32.74 19.99
N SER D 197 0.03 33.05 21.13
CA SER D 197 -0.51 32.69 22.43
C SER D 197 -0.84 33.91 23.29
N ASN D 198 -0.97 35.09 22.70
CA ASN D 198 -1.27 36.29 23.47
C ASN D 198 -2.73 36.31 23.92
N ARG D 199 -2.97 36.00 25.22
CA ARG D 199 -4.27 35.90 25.90
C ARG D 199 -5.09 34.70 25.39
N ARG D 200 -5.42 34.69 24.08
CA ARG D 200 -6.13 33.60 23.40
C ARG D 200 -5.13 32.43 23.21
N ASP D 201 -5.50 31.21 23.64
CA ASP D 201 -4.57 30.08 23.50
C ASP D 201 -5.25 28.74 23.78
N SER D 202 -4.57 27.65 23.40
CA SER D 202 -4.95 26.30 23.77
C SER D 202 -4.33 26.07 25.17
N CYS D 203 -4.96 25.26 26.03
CA CYS D 203 -4.41 24.98 27.36
C CYS D 203 -4.74 23.57 27.82
N LYS D 204 -4.34 23.19 29.06
CA LYS D 204 -4.55 21.85 29.63
C LYS D 204 -5.95 21.31 29.35
N GLY D 205 -5.99 20.13 28.70
CA GLY D 205 -7.20 19.46 28.30
C GLY D 205 -7.48 19.63 26.82
N ASP D 206 -6.70 20.49 26.13
CA ASP D 206 -6.82 20.74 24.67
C ASP D 206 -5.87 19.92 23.80
N SER D 207 -4.79 19.34 24.38
CA SER D 207 -3.84 18.54 23.58
C SER D 207 -4.57 17.42 22.89
N GLY D 208 -4.12 17.08 21.70
CA GLY D 208 -4.76 16.03 20.92
C GLY D 208 -5.85 16.53 20.02
N GLY D 209 -6.38 17.72 20.34
CA GLY D 209 -7.43 18.36 19.56
C GLY D 209 -6.89 18.99 18.28
N PRO D 210 -7.81 19.50 17.44
CA PRO D 210 -7.39 20.04 16.14
C PRO D 210 -7.09 21.52 16.00
N LEU D 211 -6.21 21.82 15.06
CA LEU D 211 -5.87 23.17 14.61
CA LEU D 211 -5.85 23.18 14.61
C LEU D 211 -6.23 23.12 13.13
N VAL D 212 -7.34 23.71 12.79
CA VAL D 212 -7.89 23.64 11.43
C VAL D 212 -7.67 24.95 10.70
N CYS D 213 -7.12 24.88 9.49
CA CYS D 213 -6.87 26.05 8.66
C CYS D 213 -7.57 25.82 7.35
N GLY D 214 -8.47 26.73 7.00
CA GLY D 214 -9.25 26.65 5.78
C GLY D 214 -10.00 25.33 5.61
N GLY D 215 -10.57 24.84 6.72
CA GLY D 215 -11.37 23.60 6.76
C GLY D 215 -10.61 22.28 6.72
N VAL D 216 -9.27 22.33 6.81
CA VAL D 216 -8.42 21.14 6.78
C VAL D 216 -7.60 21.05 8.05
N LEU D 217 -7.44 19.82 8.59
CA LEU D 217 -6.62 19.62 9.78
C LEU D 217 -5.15 19.86 9.41
N GLU D 218 -4.51 20.81 10.12
CA GLU D 218 -3.10 21.13 9.90
C GLU D 218 -2.27 20.73 11.08
N GLY D 219 -2.84 20.92 12.26
CA GLY D 219 -2.11 20.61 13.48
C GLY D 219 -2.92 19.88 14.53
N VAL D 220 -2.18 19.22 15.43
CA VAL D 220 -2.71 18.54 16.60
C VAL D 220 -2.04 19.24 17.77
N VAL D 221 -2.85 19.72 18.69
CA VAL D 221 -2.39 20.46 19.87
C VAL D 221 -1.41 19.59 20.69
N THR D 222 -0.30 20.20 21.12
CA THR D 222 0.62 19.55 22.05
C THR D 222 0.77 20.51 23.22
N SER D 223 1.27 19.99 24.36
CA SER D 223 1.38 20.71 25.62
C SER D 223 2.52 21.73 25.68
N GLY D 224 3.46 21.66 24.73
CA GLY D 224 4.59 22.58 24.62
C GLY D 224 5.39 22.71 25.90
N SER D 225 5.55 23.96 26.38
CA SER D 225 6.26 24.27 27.63
C SER D 225 5.33 24.30 28.84
N ARG D 226 4.06 23.86 28.64
CA ARG D 226 3.00 23.72 29.64
C ARG D 226 2.62 25.07 30.27
N VAL D 227 2.73 26.15 29.47
CA VAL D 227 2.40 27.52 29.85
C VAL D 227 1.36 27.99 28.84
N CYS D 228 0.29 28.65 29.30
CA CYS D 228 -0.77 29.14 28.42
C CYS D 228 -1.01 30.63 28.57
N GLY D 229 -1.38 31.27 27.45
CA GLY D 229 -1.72 32.69 27.41
C GLY D 229 -0.56 33.67 27.49
N ASN D 230 0.67 33.16 27.45
CA ASN D 230 1.89 33.96 27.49
C ASN D 230 2.43 34.08 26.07
N ARG D 231 2.42 35.30 25.51
CA ARG D 231 2.89 35.59 24.15
C ARG D 231 4.34 35.13 23.88
N LYS D 232 5.20 35.12 24.92
CA LYS D 232 6.59 34.68 24.78
C LYS D 232 6.71 33.17 24.71
N LYS D 233 5.61 32.43 25.02
CA LYS D 233 5.61 30.97 24.89
C LYS D 233 4.48 30.53 23.94
N PRO D 234 4.68 30.67 22.60
CA PRO D 234 3.60 30.32 21.65
C PRO D 234 3.10 28.87 21.71
N GLY D 235 1.86 28.67 21.30
CA GLY D 235 1.26 27.34 21.27
C GLY D 235 2.01 26.48 20.27
N ILE D 236 2.23 25.20 20.60
CA ILE D 236 2.94 24.25 19.73
C ILE D 236 1.95 23.20 19.24
N TYR D 237 1.92 22.99 17.91
CA TYR D 237 1.01 22.07 17.24
C TYR D 237 1.81 21.17 16.34
N THR D 238 1.54 19.86 16.41
CA THR D 238 2.22 18.88 15.55
C THR D 238 1.63 18.98 14.15
N ARG D 239 2.50 19.19 13.12
CA ARG D 239 2.05 19.29 11.73
C ARG D 239 1.71 17.90 11.21
N VAL D 240 0.43 17.64 10.94
CA VAL D 240 -0.07 16.33 10.47
C VAL D 240 0.56 15.92 9.14
N ALA D 241 0.83 16.89 8.22
CA ALA D 241 1.44 16.68 6.90
C ALA D 241 2.79 15.98 7.01
N SER D 242 3.58 16.34 8.04
CA SER D 242 4.88 15.72 8.35
C SER D 242 4.79 14.26 8.70
N TYR D 243 3.58 13.76 9.05
CA TYR D 243 3.36 12.38 9.49
C TYR D 243 2.36 11.65 8.62
N ALA D 244 2.17 12.12 7.37
CA ALA D 244 1.27 11.54 6.38
C ALA D 244 1.50 10.07 6.15
N ALA D 245 2.76 9.64 5.96
CA ALA D 245 3.17 8.25 5.76
C ALA D 245 2.81 7.37 6.97
N TRP D 246 3.08 7.83 8.20
CA TRP D 246 2.74 7.07 9.42
C TRP D 246 1.22 6.95 9.61
N ILE D 247 0.47 8.08 9.47
CA ILE D 247 -0.99 8.05 9.62
C ILE D 247 -1.60 7.05 8.61
N ASP D 248 -1.21 7.15 7.31
CA ASP D 248 -1.67 6.24 6.25
C ASP D 248 -1.37 4.78 6.56
N SER D 249 -0.15 4.49 7.04
CA SER D 249 0.27 3.12 7.37
C SER D 249 -0.58 2.52 8.51
N VAL D 250 -0.89 3.33 9.53
CA VAL D 250 -1.70 2.88 10.66
C VAL D 250 -3.19 2.67 10.21
N LEU D 251 -3.74 3.64 9.43
CA LEU D 251 -5.11 3.55 8.93
C LEU D 251 -5.31 2.38 7.96
N ALA D 252 -4.21 1.92 7.28
CA ALA D 252 -4.23 0.80 6.34
C ALA D 252 -4.16 -0.57 7.03
N SER D 253 -3.71 -0.62 8.29
CA SER D 253 -3.57 -1.86 9.09
C SER D 253 -4.83 -2.23 9.92
N ILE E 25 14.33 12.07 -30.30
CA ILE E 25 13.41 12.23 -29.16
C ILE E 25 12.27 13.19 -29.52
N LEU E 26 11.02 12.70 -29.50
CA LEU E 26 9.83 13.51 -29.76
C LEU E 26 9.22 13.94 -28.43
N GLY E 27 8.73 15.17 -28.38
CA GLY E 27 8.08 15.73 -27.19
C GLY E 27 8.99 15.96 -26.01
N GLY E 28 10.29 15.95 -26.24
CA GLY E 28 11.28 16.19 -25.20
C GLY E 28 11.80 17.61 -25.17
N ARG E 29 12.95 17.80 -24.49
CA ARG E 29 13.63 19.10 -24.40
C ARG E 29 15.13 18.89 -24.43
N GLU E 30 15.89 19.98 -24.61
CA GLU E 30 17.35 19.91 -24.64
C GLU E 30 17.84 19.46 -23.27
N ALA E 31 18.74 18.47 -23.26
CA ALA E 31 19.32 17.99 -22.02
C ALA E 31 20.30 19.05 -21.50
N GLU E 32 20.56 19.04 -20.19
CA GLU E 32 21.55 19.92 -19.57
C GLU E 32 22.90 19.38 -20.10
N ALA E 33 23.77 20.26 -20.64
CA ALA E 33 25.05 19.85 -21.18
C ALA E 33 25.87 19.05 -20.19
N HIS E 34 26.28 17.85 -20.63
CA HIS E 34 27.16 16.90 -19.93
C HIS E 34 26.61 16.33 -18.63
N ALA E 35 25.28 16.46 -18.38
CA ALA E 35 24.58 15.94 -17.20
C ALA E 35 24.39 14.43 -17.30
N ARG E 36 24.61 13.86 -18.50
CA ARG E 36 24.52 12.41 -18.75
C ARG E 36 25.90 12.00 -19.36
N PRO E 37 26.94 11.92 -18.49
CA PRO E 37 28.31 11.68 -18.98
C PRO E 37 28.54 10.31 -19.63
N TYR E 38 27.55 9.43 -19.54
CA TYR E 38 27.56 8.09 -20.10
C TYR E 38 27.03 8.04 -21.54
N MET E 39 26.37 9.10 -21.98
N MET E 39 26.50 9.16 -22.02
CA MET E 39 25.76 9.16 -23.31
CA MET E 39 25.94 9.26 -23.35
C MET E 39 26.81 9.18 -24.43
C MET E 39 26.96 9.13 -24.46
N ALA E 40 26.66 8.29 -25.43
CA ALA E 40 27.57 8.16 -26.58
C ALA E 40 26.81 8.36 -27.87
N SER E 41 27.50 8.92 -28.87
CA SER E 41 26.94 8.99 -30.21
C SER E 41 27.73 7.95 -31.02
N VAL E 42 27.04 6.93 -31.54
CA VAL E 42 27.63 5.90 -32.40
C VAL E 42 27.51 6.50 -33.82
N GLN E 43 28.66 6.71 -34.47
CA GLN E 43 28.72 7.40 -35.75
C GLN E 43 29.28 6.55 -36.87
N LEU E 44 28.75 6.78 -38.07
CA LEU E 44 29.17 6.10 -39.30
C LEU E 44 29.56 7.19 -40.29
N ASN E 45 30.84 7.19 -40.71
CA ASN E 45 31.43 8.16 -41.65
C ASN E 45 31.26 9.61 -41.17
N GLY E 46 31.46 9.83 -39.87
CA GLY E 46 31.35 11.15 -39.26
C GLY E 46 29.94 11.62 -38.93
N ALA E 47 28.90 10.81 -39.22
CA ALA E 47 27.50 11.17 -38.95
C ALA E 47 26.89 10.34 -37.83
N HIS E 48 26.14 11.00 -36.93
CA HIS E 48 25.42 10.32 -35.84
C HIS E 48 24.46 9.30 -36.45
N LEU E 49 24.51 8.07 -35.94
CA LEU E 49 23.67 7.01 -36.47
C LEU E 49 22.75 6.48 -35.37
N CYS E 50 23.30 6.23 -34.20
CA CYS E 50 22.58 5.66 -33.09
C CYS E 50 23.13 6.20 -31.79
N GLY E 51 22.35 6.01 -30.72
CA GLY E 51 22.82 6.34 -29.38
C GLY E 51 23.65 5.18 -28.87
N GLY E 52 24.30 5.40 -27.75
CA GLY E 52 25.12 4.39 -27.11
C GLY E 52 25.27 4.75 -25.65
N VAL E 53 25.68 3.77 -24.83
CA VAL E 53 25.87 3.98 -23.39
C VAL E 53 27.27 3.49 -23.02
N LEU E 54 28.07 4.33 -22.40
CA LEU E 54 29.38 3.94 -21.89
C LEU E 54 29.09 3.11 -20.62
N VAL E 55 29.44 1.81 -20.61
CA VAL E 55 29.14 0.90 -19.50
C VAL E 55 30.40 0.49 -18.70
N ALA E 56 31.58 0.71 -19.29
CA ALA E 56 32.89 0.43 -18.67
C ALA E 56 33.84 1.37 -19.37
N GLU E 57 35.06 1.50 -18.88
CA GLU E 57 36.05 2.42 -19.44
C GLU E 57 36.32 2.25 -20.91
N GLN E 58 36.30 1.01 -21.46
CA GLN E 58 36.62 0.78 -22.88
C GLN E 58 35.44 0.16 -23.66
N TRP E 59 34.23 0.16 -23.05
CA TRP E 59 33.07 -0.46 -23.65
C TRP E 59 31.85 0.42 -23.73
N VAL E 60 31.20 0.43 -24.93
CA VAL E 60 29.96 1.16 -25.21
C VAL E 60 28.90 0.16 -25.64
N LEU E 61 27.74 0.20 -24.99
CA LEU E 61 26.62 -0.65 -25.33
C LEU E 61 25.68 0.14 -26.27
N SER E 62 25.27 -0.51 -27.34
CA SER E 62 24.37 0.07 -28.32
C SER E 62 23.43 -1.04 -28.82
N ALA E 63 22.74 -0.82 -29.96
CA ALA E 63 21.82 -1.76 -30.55
C ALA E 63 22.46 -2.40 -31.77
N ALA E 64 22.34 -3.72 -31.93
CA ALA E 64 22.97 -4.46 -33.03
C ALA E 64 22.51 -3.98 -34.43
N HIS E 65 21.21 -3.68 -34.61
CA HIS E 65 20.65 -3.24 -35.90
C HIS E 65 21.26 -1.95 -36.43
N CYS E 66 21.89 -1.15 -35.55
CA CYS E 66 22.55 0.11 -35.94
C CYS E 66 23.64 -0.11 -36.98
N LEU E 67 24.40 -1.22 -36.86
CA LEU E 67 25.49 -1.50 -37.78
C LEU E 67 25.16 -2.51 -38.90
N GLU E 68 23.86 -2.81 -39.13
CA GLU E 68 23.41 -3.78 -40.14
C GLU E 68 23.75 -3.37 -41.57
N ASP E 69 23.37 -2.15 -41.99
CA ASP E 69 23.73 -1.68 -43.33
C ASP E 69 24.88 -0.63 -43.26
N ALA E 70 25.86 -0.93 -42.39
CA ALA E 70 27.04 -0.10 -42.16
C ALA E 70 28.32 -0.72 -42.69
N ALA E 71 28.47 -2.07 -42.58
CA ALA E 71 29.63 -2.88 -42.98
C ALA E 71 30.26 -2.44 -44.29
N ASP E 72 31.24 -1.51 -44.17
CA ASP E 72 32.01 -0.79 -45.19
C ASP E 72 32.60 0.51 -44.56
N GLY E 73 31.69 1.42 -44.16
CA GLY E 73 32.02 2.71 -43.57
C GLY E 73 32.80 2.71 -42.25
N LYS E 74 33.32 3.89 -41.89
CA LYS E 74 34.11 4.11 -40.66
C LYS E 74 33.18 4.23 -39.44
N VAL E 75 33.26 3.27 -38.51
CA VAL E 75 32.48 3.25 -37.25
C VAL E 75 33.34 3.86 -36.13
N GLN E 76 32.83 4.94 -35.52
CA GLN E 76 33.47 5.63 -34.40
C GLN E 76 32.46 5.94 -33.30
N VAL E 77 32.95 6.18 -32.07
CA VAL E 77 32.09 6.50 -30.94
C VAL E 77 32.50 7.85 -30.37
N LEU E 78 31.52 8.79 -30.29
CA LEU E 78 31.76 10.11 -29.73
C LEU E 78 31.33 10.17 -28.26
N LEU E 79 32.28 10.45 -27.39
CA LEU E 79 32.03 10.59 -25.94
C LEU E 79 32.20 12.04 -25.49
N GLY E 80 31.63 12.38 -24.33
CA GLY E 80 31.69 13.69 -23.71
C GLY E 80 31.02 14.81 -24.45
N ALA E 81 30.06 14.48 -25.31
CA ALA E 81 29.42 15.50 -26.12
C ALA E 81 28.06 15.97 -25.66
N HIS E 82 27.78 17.22 -25.98
CA HIS E 82 26.44 17.79 -25.86
C HIS E 82 26.04 18.10 -27.29
N SER E 83 26.86 18.93 -27.96
CA SER E 83 26.71 19.30 -29.35
C SER E 83 27.46 18.30 -30.23
N LEU E 84 26.85 17.88 -31.35
CA LEU E 84 27.51 16.99 -32.30
C LEU E 84 28.54 17.72 -33.15
N SER E 85 28.32 19.01 -33.42
CA SER E 85 29.17 19.78 -34.33
C SER E 85 30.11 20.78 -33.70
N GLN E 86 29.79 21.26 -32.50
CA GLN E 86 30.58 22.30 -31.86
C GLN E 86 31.71 21.81 -30.99
N PRO E 87 32.86 22.55 -30.96
CA PRO E 87 33.99 22.14 -30.11
C PRO E 87 33.66 22.22 -28.62
N GLU E 88 34.06 21.20 -27.89
CA GLU E 88 33.85 21.11 -26.44
C GLU E 88 35.09 20.39 -25.91
N PRO E 89 35.75 20.91 -24.84
CA PRO E 89 36.96 20.23 -24.30
C PRO E 89 36.80 18.75 -23.93
N SER E 90 35.59 18.33 -23.50
CA SER E 90 35.30 16.95 -23.13
C SER E 90 35.03 16.03 -24.34
N LYS E 91 34.72 16.58 -25.53
CA LYS E 91 34.42 15.79 -26.72
C LYS E 91 35.62 15.00 -27.21
N ARG E 92 35.43 13.71 -27.43
CA ARG E 92 36.48 12.84 -27.96
C ARG E 92 35.87 11.72 -28.79
N LEU E 93 36.34 11.62 -30.03
CA LEU E 93 35.91 10.61 -30.98
C LEU E 93 36.89 9.43 -30.88
N TYR E 94 36.37 8.22 -30.62
CA TYR E 94 37.19 7.01 -30.48
C TYR E 94 36.93 6.07 -31.61
N ASP E 95 37.97 5.34 -32.03
CA ASP E 95 37.82 4.30 -33.04
C ASP E 95 37.35 3.04 -32.32
N VAL E 96 36.71 2.15 -33.04
CA VAL E 96 36.23 0.90 -32.49
C VAL E 96 37.25 -0.22 -32.84
N LEU E 97 37.75 -0.89 -31.80
CA LEU E 97 38.71 -1.99 -31.83
C LEU E 97 38.02 -3.29 -32.16
N ARG E 98 36.76 -3.45 -31.69
CA ARG E 98 35.98 -4.67 -31.81
C ARG E 98 34.48 -4.40 -31.61
N ALA E 99 33.65 -4.92 -32.55
CA ALA E 99 32.20 -4.82 -32.48
C ALA E 99 31.69 -6.19 -32.08
N VAL E 100 30.92 -6.25 -31.00
CA VAL E 100 30.38 -7.51 -30.49
C VAL E 100 28.87 -7.47 -30.51
N PRO E 101 28.23 -7.83 -31.63
CA PRO E 101 26.77 -7.90 -31.59
C PRO E 101 26.38 -9.13 -30.76
N HIS E 102 25.20 -9.09 -30.12
CA HIS E 102 24.74 -10.25 -29.38
C HIS E 102 24.66 -11.45 -30.35
N PRO E 103 25.21 -12.63 -29.95
CA PRO E 103 25.24 -13.78 -30.88
C PRO E 103 23.88 -14.30 -31.36
N ASP E 104 22.78 -13.96 -30.66
CA ASP E 104 21.44 -14.37 -31.05
C ASP E 104 20.69 -13.31 -31.86
N SER E 105 21.34 -12.14 -32.06
CA SER E 105 20.74 -11.04 -32.83
CA SER E 105 20.74 -11.04 -32.83
C SER E 105 20.61 -11.45 -34.29
N GLN E 106 19.50 -11.09 -34.92
CA GLN E 106 19.24 -11.39 -36.32
C GLN E 106 18.73 -10.12 -36.99
N PRO E 107 18.95 -9.90 -38.31
CA PRO E 107 18.39 -8.68 -38.93
C PRO E 107 16.87 -8.77 -38.99
N ASP E 108 16.19 -7.60 -38.92
CA ASP E 108 14.73 -7.48 -38.90
C ASP E 108 14.05 -8.15 -37.69
N THR E 109 14.83 -8.34 -36.61
CA THR E 109 14.31 -8.92 -35.37
C THR E 109 14.53 -7.91 -34.28
N ILE E 110 13.59 -7.88 -33.35
CA ILE E 110 13.67 -6.93 -32.27
C ILE E 110 14.30 -7.58 -31.02
N ASP E 111 14.43 -8.90 -31.02
CA ASP E 111 15.02 -9.70 -29.94
C ASP E 111 16.54 -9.68 -30.02
N HIS E 112 17.22 -9.65 -28.85
CA HIS E 112 18.67 -9.65 -28.59
C HIS E 112 19.41 -8.55 -29.35
N ASP E 113 18.74 -7.41 -29.50
CA ASP E 113 19.25 -6.27 -30.26
C ASP E 113 20.27 -5.45 -29.47
N LEU E 114 21.35 -6.11 -29.05
CA LEU E 114 22.42 -5.47 -28.29
C LEU E 114 23.73 -5.55 -29.02
N LEU E 115 24.57 -4.58 -28.79
CA LEU E 115 25.87 -4.46 -29.44
C LEU E 115 26.87 -3.89 -28.46
N LEU E 116 28.02 -4.56 -28.32
CA LEU E 116 29.08 -4.04 -27.47
C LEU E 116 30.25 -3.57 -28.31
N LEU E 117 30.67 -2.34 -28.09
CA LEU E 117 31.74 -1.74 -28.88
C LEU E 117 32.92 -1.46 -28.02
N GLN E 118 34.07 -2.02 -28.40
CA GLN E 118 35.32 -1.82 -27.66
C GLN E 118 36.06 -0.67 -28.26
N LEU E 119 36.35 0.34 -27.43
CA LEU E 119 37.03 1.53 -27.92
C LEU E 119 38.53 1.24 -28.14
N SER E 120 39.17 2.09 -28.95
CA SER E 120 40.59 2.02 -29.31
C SER E 120 41.48 1.96 -28.05
N GLU E 121 41.02 2.64 -27.00
CA GLU E 121 41.69 2.68 -25.70
C GLU E 121 40.65 3.01 -24.65
N LYS E 122 41.00 2.84 -23.36
CA LYS E 122 40.12 3.22 -22.27
C LYS E 122 39.81 4.71 -22.41
N ALA E 123 38.52 5.06 -22.29
CA ALA E 123 38.05 6.44 -22.43
C ALA E 123 38.62 7.30 -21.32
N THR E 124 39.01 8.55 -21.64
CA THR E 124 39.50 9.50 -20.63
C THR E 124 38.28 9.91 -19.82
N LEU E 125 38.28 9.56 -18.52
CA LEU E 125 37.17 9.85 -17.64
C LEU E 125 37.29 11.22 -16.99
N GLY E 126 36.13 11.80 -16.69
CA GLY E 126 36.02 13.10 -16.05
C GLY E 126 34.58 13.46 -15.76
N PRO E 127 34.28 14.74 -15.47
CA PRO E 127 32.88 15.13 -15.18
C PRO E 127 31.90 14.90 -16.33
N ALA E 128 32.37 14.96 -17.58
CA ALA E 128 31.57 14.80 -18.78
C ALA E 128 31.65 13.42 -19.43
N VAL E 129 32.52 12.52 -18.93
CA VAL E 129 32.73 11.15 -19.45
C VAL E 129 32.82 10.19 -18.28
N ARG E 130 31.76 9.41 -18.07
CA ARG E 130 31.71 8.48 -16.94
C ARG E 130 30.77 7.32 -17.28
N PRO E 131 31.19 6.05 -17.06
CA PRO E 131 30.29 4.93 -17.35
C PRO E 131 29.08 4.91 -16.42
N LEU E 132 28.00 4.34 -16.91
CA LEU E 132 26.75 4.27 -16.15
C LEU E 132 26.56 2.89 -15.56
N PRO E 133 26.31 2.79 -14.24
CA PRO E 133 25.98 1.49 -13.65
C PRO E 133 24.68 0.95 -14.27
N TRP E 134 24.67 -0.34 -14.56
CA TRP E 134 23.55 -0.99 -15.22
C TRP E 134 22.95 -2.09 -14.35
N GLN E 135 21.65 -2.34 -14.54
CA GLN E 135 20.89 -3.30 -13.77
C GLN E 135 21.32 -4.74 -14.00
N ARG E 136 21.66 -5.42 -12.91
CA ARG E 136 22.12 -6.82 -12.93
C ARG E 136 21.11 -7.77 -12.31
N VAL E 137 20.16 -7.21 -11.57
CA VAL E 137 19.09 -7.97 -10.91
C VAL E 137 17.99 -8.15 -11.93
N ASP E 138 17.75 -9.38 -12.37
CA ASP E 138 16.76 -9.65 -13.39
C ASP E 138 15.33 -9.65 -12.84
N ARG E 139 14.80 -8.44 -12.64
CA ARG E 139 13.43 -8.20 -12.16
C ARG E 139 12.95 -6.97 -12.91
N ASP E 140 11.73 -7.06 -13.43
CA ASP E 140 11.09 -5.98 -14.18
C ASP E 140 11.05 -4.67 -13.40
N VAL E 141 11.14 -3.54 -14.14
CA VAL E 141 10.97 -2.22 -13.57
C VAL E 141 9.46 -2.12 -13.41
N ALA E 142 9.00 -1.65 -12.22
CA ALA E 142 7.59 -1.52 -11.91
C ALA E 142 6.86 -0.64 -12.97
N PRO E 143 5.65 -1.04 -13.41
CA PRO E 143 4.92 -0.19 -14.35
C PRO E 143 4.63 1.17 -13.70
N GLY E 144 4.65 2.22 -14.50
CA GLY E 144 4.43 3.58 -13.99
C GLY E 144 5.70 4.31 -13.60
N THR E 145 6.82 3.57 -13.38
CA THR E 145 8.12 4.18 -13.03
C THR E 145 8.52 5.13 -14.15
N LEU E 146 9.00 6.31 -13.78
CA LEU E 146 9.43 7.34 -14.71
C LEU E 146 10.91 7.13 -15.04
N CYS E 147 11.20 6.91 -16.33
CA CYS E 147 12.54 6.64 -16.80
C CYS E 147 12.94 7.62 -17.85
N ASP E 148 14.18 8.07 -17.79
CA ASP E 148 14.69 9.02 -18.74
C ASP E 148 15.28 8.34 -19.93
N VAL E 149 14.93 8.84 -21.12
N VAL E 149 14.93 8.86 -21.13
CA VAL E 149 15.50 8.42 -22.39
CA VAL E 149 15.45 8.40 -22.43
C VAL E 149 16.14 9.66 -23.02
C VAL E 149 16.09 9.61 -23.12
N ALA E 150 17.38 9.50 -23.51
CA ALA E 150 18.11 10.60 -24.14
C ALA E 150 18.65 10.15 -25.52
N GLY E 151 18.81 11.12 -26.43
CA GLY E 151 19.35 10.86 -27.74
C GLY E 151 19.44 12.06 -28.66
N TRP E 152 20.13 11.86 -29.77
CA TRP E 152 20.29 12.82 -30.85
C TRP E 152 19.41 12.40 -32.04
N GLY E 153 18.39 11.59 -31.76
CA GLY E 153 17.43 11.16 -32.77
C GLY E 153 16.52 12.31 -33.21
N ILE E 154 15.71 12.07 -34.23
CA ILE E 154 14.80 13.10 -34.79
C ILE E 154 13.84 13.66 -33.72
N VAL E 155 13.59 14.98 -33.79
CA VAL E 155 12.78 15.73 -32.82
C VAL E 155 11.37 16.07 -33.31
N ASN E 156 11.02 15.71 -34.56
CA ASN E 156 9.69 15.89 -35.13
C ASN E 156 9.46 14.84 -36.19
N HIS E 157 8.20 14.64 -36.62
CA HIS E 157 7.89 13.64 -37.65
C HIS E 157 8.47 13.99 -39.03
N ALA E 158 8.82 15.27 -39.27
CA ALA E 158 9.46 15.72 -40.51
C ALA E 158 10.94 15.24 -40.62
N GLY E 159 11.48 14.73 -39.51
CA GLY E 159 12.84 14.21 -39.47
C GLY E 159 13.95 15.20 -39.12
N ARG E 160 13.61 16.33 -38.46
CA ARG E 160 14.61 17.32 -38.04
C ARG E 160 15.56 16.69 -37.01
N ARG E 161 16.86 16.75 -37.31
CA ARG E 161 17.90 16.18 -36.48
C ARG E 161 18.50 17.26 -35.56
N PRO E 162 18.47 17.06 -34.22
CA PRO E 162 19.03 18.09 -33.33
C PRO E 162 20.55 18.05 -33.29
N ASP E 163 21.17 19.21 -33.07
CA ASP E 163 22.62 19.23 -32.95
C ASP E 163 23.00 18.86 -31.50
N SER E 164 22.14 19.25 -30.55
CA SER E 164 22.34 19.02 -29.12
CA SER E 164 22.36 19.00 -29.12
C SER E 164 21.50 17.86 -28.59
N LEU E 165 22.00 17.19 -27.54
CA LEU E 165 21.35 16.06 -26.90
C LEU E 165 19.98 16.45 -26.32
N GLN E 166 18.96 15.62 -26.60
CA GLN E 166 17.59 15.78 -26.10
C GLN E 166 17.26 14.67 -25.12
N HIS E 167 16.22 14.85 -24.31
CA HIS E 167 15.77 13.84 -23.36
C HIS E 167 14.29 13.98 -23.06
N VAL E 168 13.67 12.91 -22.60
CA VAL E 168 12.26 12.90 -22.21
C VAL E 168 12.05 11.86 -21.09
N LEU E 169 11.12 12.15 -20.19
CA LEU E 169 10.71 11.25 -19.12
C LEU E 169 9.54 10.47 -19.62
N LEU E 170 9.65 9.15 -19.59
CA LEU E 170 8.57 8.28 -20.04
C LEU E 170 8.16 7.26 -18.96
N PRO E 171 6.85 6.98 -18.78
CA PRO E 171 6.46 5.99 -17.78
C PRO E 171 6.57 4.58 -18.36
N VAL E 172 7.05 3.63 -17.56
CA VAL E 172 7.14 2.20 -17.96
C VAL E 172 5.71 1.69 -18.06
N LEU E 173 5.44 0.92 -19.11
CA LEU E 173 4.14 0.29 -19.37
C LEU E 173 4.25 -1.18 -19.06
N ASP E 174 3.27 -1.75 -18.34
CA ASP E 174 3.27 -3.18 -17.98
C ASP E 174 3.28 -4.04 -19.23
N ARG E 175 4.05 -5.14 -19.21
CA ARG E 175 4.20 -6.07 -20.35
C ARG E 175 2.86 -6.56 -20.88
N ALA E 176 1.92 -6.93 -19.97
CA ALA E 176 0.57 -7.40 -20.32
C ALA E 176 -0.16 -6.40 -21.25
N THR E 177 -0.21 -5.10 -20.87
CA THR E 177 -0.81 -4.05 -21.69
C THR E 177 -0.07 -3.93 -23.05
N CYS E 178 1.27 -3.90 -22.99
CA CYS E 178 2.11 -3.79 -24.19
C CYS E 178 1.92 -4.96 -25.17
N ASN E 179 1.61 -6.14 -24.64
CA ASN E 179 1.41 -7.36 -25.41
C ASN E 179 0.01 -7.57 -25.98
N ARG E 180 -0.95 -6.65 -25.71
CA ARG E 180 -2.31 -6.74 -26.23
C ARG E 180 -2.32 -6.68 -27.76
N ARG E 181 -3.32 -7.30 -28.39
CA ARG E 181 -3.48 -7.35 -29.85
C ARG E 181 -3.47 -5.96 -30.49
N THR E 182 -4.08 -4.98 -29.80
CA THR E 182 -4.14 -3.56 -30.21
C THR E 182 -2.76 -2.86 -30.10
N HIS E 183 -1.82 -3.45 -29.31
CA HIS E 183 -0.48 -2.91 -29.07
C HIS E 183 0.60 -3.69 -29.83
N HIS E 184 1.41 -4.49 -29.13
CA HIS E 184 2.46 -5.25 -29.83
C HIS E 184 2.16 -6.75 -29.95
N ASP E 185 0.91 -7.15 -29.65
CA ASP E 185 0.38 -8.50 -29.83
C ASP E 185 1.38 -9.66 -29.59
N GLY E 186 1.72 -9.89 -28.32
CA GLY E 186 2.61 -10.98 -27.88
C GLY E 186 4.09 -10.89 -28.19
N ALA E 187 4.57 -9.83 -28.90
CA ALA E 187 5.99 -9.70 -29.26
C ALA E 187 6.94 -9.32 -28.11
N ILE E 188 6.37 -8.79 -27.00
CA ILE E 188 7.19 -8.36 -25.87
C ILE E 188 7.51 -9.54 -24.99
N THR E 189 8.74 -10.01 -25.10
CA THR E 189 9.23 -11.16 -24.32
C THR E 189 9.60 -10.65 -22.93
N GLU E 190 10.05 -11.54 -22.04
CA GLU E 190 10.56 -11.20 -20.71
C GLU E 190 11.88 -10.39 -20.79
N ARG E 191 12.54 -10.37 -21.96
CA ARG E 191 13.82 -9.69 -22.20
C ARG E 191 13.65 -8.28 -22.72
N LEU E 192 12.38 -7.86 -22.88
CA LEU E 192 12.02 -6.54 -23.37
C LEU E 192 11.09 -5.85 -22.41
N MET E 193 11.14 -4.52 -22.43
CA MET E 193 10.26 -3.68 -21.63
C MET E 193 9.68 -2.56 -22.52
N CYS E 194 8.54 -2.03 -22.12
CA CYS E 194 7.83 -1.01 -22.87
C CYS E 194 7.71 0.25 -22.07
N ALA E 195 7.65 1.39 -22.78
CA ALA E 195 7.39 2.68 -22.18
C ALA E 195 6.31 3.30 -22.99
N GLU E 196 5.49 4.16 -22.34
CA GLU E 196 4.42 4.87 -23.01
C GLU E 196 4.97 5.70 -24.17
N SER E 197 4.23 5.72 -25.29
CA SER E 197 4.66 6.41 -26.50
C SER E 197 3.66 7.47 -26.92
N ASN E 198 2.77 7.91 -26.01
CA ASN E 198 1.79 8.92 -26.37
C ASN E 198 2.43 10.29 -26.61
N ARG E 199 2.67 10.60 -27.90
CA ARG E 199 3.29 11.83 -28.42
C ARG E 199 4.81 11.90 -28.02
N ARG E 200 5.12 11.91 -26.71
CA ARG E 200 6.48 11.89 -26.16
C ARG E 200 7.04 10.48 -26.43
N ASP E 201 8.23 10.39 -27.07
CA ASP E 201 8.77 9.06 -27.40
C ASP E 201 10.21 9.12 -27.89
N SER E 202 10.87 7.94 -27.98
CA SER E 202 12.16 7.76 -28.63
C SER E 202 11.85 7.60 -30.14
N CYS E 203 12.75 8.04 -31.03
CA CYS E 203 12.55 7.89 -32.48
C CYS E 203 13.86 7.67 -33.23
N LYS E 204 13.81 7.60 -34.57
CA LYS E 204 14.97 7.32 -35.43
C LYS E 204 16.20 8.13 -35.04
N GLY E 205 17.28 7.41 -34.75
CA GLY E 205 18.54 7.97 -34.30
C GLY E 205 18.73 7.80 -32.80
N ASP E 206 17.69 7.35 -32.08
CA ASP E 206 17.74 7.10 -30.62
C ASP E 206 18.04 5.64 -30.22
N SER E 207 17.88 4.66 -31.11
CA SER E 207 18.17 3.25 -30.79
C SER E 207 19.62 3.12 -30.30
N GLY E 208 19.85 2.20 -29.36
CA GLY E 208 21.17 2.02 -28.79
C GLY E 208 21.42 2.88 -27.56
N GLY E 209 20.61 3.94 -27.42
CA GLY E 209 20.68 4.87 -26.31
C GLY E 209 20.04 4.32 -25.05
N PRO E 210 20.18 5.04 -23.94
CA PRO E 210 19.70 4.50 -22.67
C PRO E 210 18.30 4.86 -22.19
N LEU E 211 17.67 3.86 -21.54
CA LEU E 211 16.46 4.03 -20.78
CA LEU E 211 16.44 4.02 -20.77
C LEU E 211 16.96 3.87 -19.33
N VAL E 212 17.07 4.98 -18.61
CA VAL E 212 17.60 5.07 -17.24
C VAL E 212 16.48 5.36 -16.24
N CYS E 213 16.41 4.58 -15.13
CA CYS E 213 15.41 4.71 -14.09
C CYS E 213 16.16 4.85 -12.79
N GLY E 214 15.98 5.98 -12.10
CA GLY E 214 16.64 6.28 -10.83
C GLY E 214 18.15 6.21 -10.88
N GLY E 215 18.72 6.67 -11.98
CA GLY E 215 20.16 6.70 -12.18
C GLY E 215 20.83 5.40 -12.58
N VAL E 216 20.06 4.35 -12.91
CA VAL E 216 20.59 3.06 -13.33
C VAL E 216 20.08 2.70 -14.71
N LEU E 217 20.97 2.17 -15.58
CA LEU E 217 20.58 1.71 -16.92
C LEU E 217 19.67 0.49 -16.80
N GLU E 218 18.47 0.59 -17.37
CA GLU E 218 17.50 -0.50 -17.37
C GLU E 218 17.24 -1.02 -18.77
N GLY E 219 17.21 -0.11 -19.75
CA GLY E 219 16.90 -0.44 -21.13
C GLY E 219 17.79 0.21 -22.16
N VAL E 220 17.89 -0.43 -23.28
CA VAL E 220 18.59 0.07 -24.47
C VAL E 220 17.49 0.21 -25.54
N VAL E 221 17.37 1.40 -26.11
CA VAL E 221 16.34 1.72 -27.11
C VAL E 221 16.46 0.78 -28.31
N THR E 222 15.32 0.24 -28.76
CA THR E 222 15.29 -0.51 -30.01
C THR E 222 14.23 0.17 -30.88
N SER E 223 14.24 -0.14 -32.18
CA SER E 223 13.41 0.50 -33.20
C SER E 223 11.98 0.05 -33.21
N GLY E 224 11.66 -1.06 -32.52
CA GLY E 224 10.33 -1.61 -32.38
C GLY E 224 9.63 -1.81 -33.72
N SER E 225 8.44 -1.24 -33.87
CA SER E 225 7.63 -1.30 -35.10
C SER E 225 7.91 -0.12 -36.02
N ARG E 226 8.96 0.67 -35.70
CA ARG E 226 9.48 1.81 -36.45
C ARG E 226 8.43 2.91 -36.61
N VAL E 227 7.57 3.02 -35.58
CA VAL E 227 6.51 4.03 -35.47
C VAL E 227 6.79 4.80 -34.17
N CYS E 228 6.75 6.14 -34.23
CA CYS E 228 7.01 6.98 -33.06
C CYS E 228 5.82 7.90 -32.76
N GLY E 229 5.59 8.14 -31.47
CA GLY E 229 4.52 9.02 -30.97
C GLY E 229 3.11 8.47 -30.99
N ASN E 230 2.94 7.22 -31.37
CA ASN E 230 1.65 6.55 -31.44
C ASN E 230 1.47 5.70 -30.18
N ARG E 231 0.51 6.10 -29.32
CA ARG E 231 0.19 5.43 -28.06
C ARG E 231 -0.09 3.94 -28.19
N LYS E 232 -0.67 3.52 -29.33
CA LYS E 232 -0.98 2.11 -29.58
C LYS E 232 0.26 1.30 -29.94
N LYS E 233 1.39 1.98 -30.24
CA LYS E 233 2.65 1.28 -30.51
C LYS E 233 3.73 1.75 -29.53
N PRO E 234 3.70 1.25 -28.26
CA PRO E 234 4.69 1.68 -27.26
C PRO E 234 6.17 1.48 -27.65
N GLY E 235 7.03 2.30 -27.04
CA GLY E 235 8.48 2.20 -27.23
C GLY E 235 8.97 0.87 -26.69
N ILE E 236 9.88 0.21 -27.41
CA ILE E 236 10.44 -1.09 -26.99
C ILE E 236 11.90 -0.89 -26.62
N TYR E 237 12.28 -1.36 -25.44
CA TYR E 237 13.62 -1.22 -24.87
C TYR E 237 14.11 -2.58 -24.43
N THR E 238 15.35 -2.93 -24.80
CA THR E 238 15.96 -4.21 -24.40
C THR E 238 16.36 -4.11 -22.92
N ARG E 239 15.91 -5.05 -22.08
CA ARG E 239 16.24 -5.09 -20.66
C ARG E 239 17.66 -5.60 -20.46
N VAL E 240 18.56 -4.71 -20.01
CA VAL E 240 19.98 -5.04 -19.78
C VAL E 240 20.19 -6.18 -18.76
N ALA E 241 19.35 -6.24 -17.70
CA ALA E 241 19.41 -7.25 -16.63
C ALA E 241 19.32 -8.67 -17.22
N SER E 242 18.49 -8.84 -18.28
CA SER E 242 18.30 -10.12 -19.01
C SER E 242 19.58 -10.60 -19.70
N TYR E 243 20.56 -9.69 -19.91
CA TYR E 243 21.81 -9.98 -20.62
C TYR E 243 23.05 -9.78 -19.79
N ALA E 244 22.89 -9.80 -18.46
CA ALA E 244 23.97 -9.58 -17.48
C ALA E 244 25.17 -10.47 -17.69
N ALA E 245 24.95 -11.79 -17.89
CA ALA E 245 26.01 -12.77 -18.12
C ALA E 245 26.83 -12.49 -19.38
N TRP E 246 26.15 -12.17 -20.51
CA TRP E 246 26.77 -11.82 -21.79
C TRP E 246 27.58 -10.51 -21.67
N ILE E 247 26.97 -9.45 -21.09
CA ILE E 247 27.67 -8.17 -20.92
C ILE E 247 28.95 -8.37 -20.09
N ASP E 248 28.84 -9.04 -18.92
CA ASP E 248 29.98 -9.35 -18.04
C ASP E 248 31.11 -10.11 -18.75
N SER E 249 30.74 -11.13 -19.53
CA SER E 249 31.71 -11.94 -20.26
C SER E 249 32.52 -11.12 -21.26
N VAL E 250 31.86 -10.20 -21.99
CA VAL E 250 32.50 -9.34 -22.98
C VAL E 250 33.36 -8.27 -22.31
N LEU E 251 32.81 -7.59 -21.28
CA LEU E 251 33.53 -6.57 -20.51
C LEU E 251 34.79 -7.13 -19.83
N ALA E 252 34.81 -8.46 -19.52
CA ALA E 252 35.95 -9.14 -18.90
C ALA E 252 37.06 -9.44 -19.92
N SER E 253 36.69 -9.55 -21.24
CA SER E 253 37.62 -9.87 -22.34
C SER E 253 38.31 -8.67 -22.99
N ILE F 25 -13.90 -13.62 29.97
CA ILE F 25 -13.68 -12.50 29.07
C ILE F 25 -13.83 -11.18 29.81
N LEU F 26 -12.78 -10.36 29.84
CA LEU F 26 -12.84 -9.02 30.45
C LEU F 26 -13.04 -7.99 29.35
N GLY F 27 -13.86 -6.96 29.63
CA GLY F 27 -14.13 -5.87 28.70
C GLY F 27 -14.94 -6.24 27.47
N GLY F 28 -15.62 -7.37 27.56
CA GLY F 28 -16.44 -7.86 26.47
C GLY F 28 -17.90 -7.62 26.70
N ARG F 29 -18.73 -8.34 25.92
CA ARG F 29 -20.18 -8.27 26.01
C ARG F 29 -20.78 -9.62 25.72
N GLU F 30 -22.07 -9.78 26.06
CA GLU F 30 -22.77 -11.03 25.84
C GLU F 30 -22.82 -11.33 24.36
N ALA F 31 -22.43 -12.55 23.98
CA ALA F 31 -22.48 -12.99 22.61
C ALA F 31 -23.95 -13.18 22.19
N GLU F 32 -24.23 -13.09 20.88
CA GLU F 32 -25.58 -13.39 20.38
C GLU F 32 -25.74 -14.90 20.56
N ALA F 33 -26.87 -15.35 21.13
CA ALA F 33 -27.12 -16.76 21.36
C ALA F 33 -26.94 -17.62 20.10
N HIS F 34 -26.06 -18.64 20.20
CA HIS F 34 -25.81 -19.66 19.19
C HIS F 34 -25.20 -19.14 17.89
N ALA F 35 -24.66 -17.90 17.89
CA ALA F 35 -24.00 -17.28 16.72
C ALA F 35 -22.60 -17.88 16.50
N ARG F 36 -22.09 -18.62 17.50
CA ARG F 36 -20.78 -19.31 17.43
C ARG F 36 -21.07 -20.79 17.71
N PRO F 37 -21.64 -21.50 16.70
CA PRO F 37 -22.05 -22.91 16.93
C PRO F 37 -20.94 -23.90 17.22
N TYR F 38 -19.70 -23.47 17.06
CA TYR F 38 -18.50 -24.28 17.30
C TYR F 38 -18.04 -24.17 18.76
N MET F 39 -18.60 -23.21 19.53
N MET F 39 -18.68 -23.28 19.54
CA MET F 39 -18.17 -22.97 20.91
CA MET F 39 -18.32 -23.07 20.96
C MET F 39 -18.62 -24.08 21.88
C MET F 39 -18.64 -24.25 21.83
N ALA F 40 -17.64 -24.69 22.59
CA ALA F 40 -17.86 -25.80 23.54
C ALA F 40 -17.54 -25.34 24.95
N SER F 41 -18.22 -25.91 25.94
CA SER F 41 -17.83 -25.67 27.33
C SER F 41 -17.21 -27.00 27.81
N VAL F 42 -15.90 -27.03 28.16
CA VAL F 42 -15.24 -28.21 28.71
C VAL F 42 -15.53 -28.16 30.24
N GLN F 43 -16.29 -29.16 30.73
CA GLN F 43 -16.76 -29.23 32.12
C GLN F 43 -16.11 -30.32 32.95
N LEU F 44 -15.86 -30.02 34.25
CA LEU F 44 -15.32 -30.96 35.25
C LEU F 44 -16.29 -30.99 36.42
N ASN F 45 -16.90 -32.17 36.65
CA ASN F 45 -17.90 -32.44 37.70
C ASN F 45 -19.10 -31.49 37.61
N GLY F 46 -19.59 -31.30 36.39
CA GLY F 46 -20.75 -30.47 36.10
C GLY F 46 -20.53 -28.98 36.07
N ALA F 47 -19.26 -28.54 36.18
CA ALA F 47 -18.91 -27.11 36.18
C ALA F 47 -17.99 -26.74 35.01
N HIS F 48 -18.27 -25.59 34.38
CA HIS F 48 -17.42 -25.06 33.31
C HIS F 48 -15.98 -24.88 33.84
N LEU F 49 -15.02 -25.39 33.08
CA LEU F 49 -13.62 -25.32 33.46
C LEU F 49 -12.83 -24.54 32.43
N CYS F 50 -13.04 -24.87 31.15
CA CYS F 50 -12.29 -24.27 30.06
C CYS F 50 -13.20 -24.17 28.85
N GLY F 51 -12.79 -23.37 27.88
CA GLY F 51 -13.47 -23.31 26.60
C GLY F 51 -12.95 -24.45 25.73
N GLY F 52 -13.57 -24.61 24.59
CA GLY F 52 -13.16 -25.59 23.61
C GLY F 52 -13.75 -25.18 22.28
N VAL F 53 -13.29 -25.83 21.20
CA VAL F 53 -13.75 -25.56 19.84
C VAL F 53 -14.08 -26.89 19.18
N LEU F 54 -15.29 -27.04 18.65
CA LEU F 54 -15.67 -28.23 17.88
C LEU F 54 -14.97 -28.08 16.51
N VAL F 55 -14.01 -28.97 16.19
CA VAL F 55 -13.21 -28.90 14.95
C VAL F 55 -13.58 -30.01 13.93
N ALA F 56 -14.30 -31.03 14.38
CA ALA F 56 -14.79 -32.14 13.56
C ALA F 56 -16.03 -32.64 14.27
N GLU F 57 -16.84 -33.50 13.61
CA GLU F 57 -18.09 -34.01 14.20
C GLU F 57 -17.94 -34.65 15.57
N GLN F 58 -16.85 -35.35 15.86
CA GLN F 58 -16.65 -36.05 17.14
C GLN F 58 -15.46 -35.51 17.95
N TRP F 59 -14.82 -34.41 17.48
CA TRP F 59 -13.64 -33.88 18.15
C TRP F 59 -13.74 -32.41 18.58
N VAL F 60 -13.27 -32.13 19.81
CA VAL F 60 -13.21 -30.80 20.40
C VAL F 60 -11.76 -30.47 20.75
N LEU F 61 -11.28 -29.31 20.31
CA LEU F 61 -9.95 -28.85 20.61
C LEU F 61 -10.01 -27.92 21.79
N SER F 62 -9.12 -28.14 22.77
CA SER F 62 -9.04 -27.33 23.98
C SER F 62 -7.56 -27.18 24.37
N ALA F 63 -7.27 -26.78 25.62
CA ALA F 63 -5.91 -26.56 26.09
C ALA F 63 -5.54 -27.71 27.04
N ALA F 64 -4.33 -28.27 26.92
CA ALA F 64 -3.90 -29.41 27.73
C ALA F 64 -3.90 -29.15 29.25
N HIS F 65 -3.44 -27.94 29.68
CA HIS F 65 -3.39 -27.57 31.10
C HIS F 65 -4.75 -27.62 31.81
N CYS F 66 -5.85 -27.56 31.06
CA CYS F 66 -7.21 -27.61 31.60
C CYS F 66 -7.46 -28.90 32.40
N LEU F 67 -6.94 -30.04 31.91
CA LEU F 67 -7.14 -31.34 32.55
C LEU F 67 -5.97 -31.82 33.45
N GLU F 68 -5.02 -30.92 33.79
CA GLU F 68 -3.85 -31.25 34.61
C GLU F 68 -4.23 -31.68 36.04
N ASP F 69 -5.01 -30.87 36.77
CA ASP F 69 -5.46 -31.20 38.13
C ASP F 69 -6.93 -31.70 38.13
N ALA F 70 -7.29 -32.47 37.07
CA ALA F 70 -8.63 -33.01 36.85
C ALA F 70 -8.72 -34.51 37.07
N ALA F 71 -7.61 -35.26 36.74
CA ALA F 71 -7.45 -36.71 36.81
C ALA F 71 -8.13 -37.34 38.05
N ASP F 72 -9.42 -37.71 37.86
CA ASP F 72 -10.39 -38.29 38.81
C ASP F 72 -11.82 -37.96 38.33
N GLY F 73 -12.17 -36.66 38.35
CA GLY F 73 -13.48 -36.10 38.04
C GLY F 73 -14.06 -36.41 36.67
N LYS F 74 -15.38 -36.18 36.52
CA LYS F 74 -16.10 -36.42 35.26
C LYS F 74 -15.87 -35.28 34.27
N VAL F 75 -15.14 -35.56 33.19
CA VAL F 75 -14.86 -34.60 32.12
C VAL F 75 -15.95 -34.74 31.07
N GLN F 76 -16.71 -33.67 30.81
CA GLN F 76 -17.75 -33.65 29.80
C GLN F 76 -17.65 -32.39 28.94
N VAL F 77 -18.20 -32.46 27.73
CA VAL F 77 -18.17 -31.34 26.79
C VAL F 77 -19.60 -30.96 26.49
N LEU F 78 -19.94 -29.69 26.75
CA LEU F 78 -21.25 -29.12 26.47
C LEU F 78 -21.25 -28.38 25.13
N LEU F 79 -22.07 -28.85 24.19
CA LEU F 79 -22.23 -28.23 22.88
C LEU F 79 -23.60 -27.55 22.74
N GLY F 80 -23.71 -26.61 21.81
CA GLY F 80 -24.95 -25.91 21.48
C GLY F 80 -25.48 -24.98 22.54
N ALA F 81 -24.61 -24.51 23.42
CA ALA F 81 -25.04 -23.69 24.52
C ALA F 81 -24.82 -22.20 24.37
N HIS F 82 -25.72 -21.44 25.00
CA HIS F 82 -25.52 -20.03 25.21
C HIS F 82 -25.39 -19.86 26.73
N SER F 83 -26.43 -20.30 27.44
CA SER F 83 -26.50 -20.32 28.89
C SER F 83 -25.93 -21.64 29.40
N LEU F 84 -25.12 -21.60 30.47
CA LEU F 84 -24.60 -22.82 31.08
C LEU F 84 -25.68 -23.55 31.90
N SER F 85 -26.62 -22.80 32.48
CA SER F 85 -27.61 -23.36 33.41
C SER F 85 -29.01 -23.49 32.89
N GLN F 86 -29.38 -22.70 31.89
CA GLN F 86 -30.75 -22.68 31.40
C GLN F 86 -31.06 -23.67 30.28
N PRO F 87 -32.27 -24.28 30.27
CA PRO F 87 -32.61 -25.23 29.20
C PRO F 87 -32.68 -24.59 27.81
N GLU F 88 -32.09 -25.25 26.82
CA GLU F 88 -32.06 -24.80 25.43
C GLU F 88 -32.14 -26.06 24.59
N PRO F 89 -33.03 -26.10 23.57
CA PRO F 89 -33.15 -27.31 22.74
C PRO F 89 -31.87 -27.83 22.09
N SER F 90 -30.94 -26.91 21.73
CA SER F 90 -29.66 -27.26 21.12
C SER F 90 -28.59 -27.74 22.12
N LYS F 91 -28.77 -27.50 23.44
CA LYS F 91 -27.79 -27.91 24.45
C LYS F 91 -27.69 -29.43 24.57
N ARG F 92 -26.45 -29.94 24.52
CA ARG F 92 -26.19 -31.36 24.72
C ARG F 92 -24.83 -31.60 25.33
N LEU F 93 -24.83 -32.35 26.43
CA LEU F 93 -23.63 -32.71 27.17
C LEU F 93 -23.08 -34.05 26.67
N TYR F 94 -21.77 -34.09 26.35
CA TYR F 94 -21.12 -35.30 25.82
C TYR F 94 -20.05 -35.79 26.75
N ASP F 95 -19.93 -37.13 26.83
CA ASP F 95 -18.84 -37.72 27.59
C ASP F 95 -17.62 -37.75 26.70
N VAL F 96 -16.44 -37.90 27.30
CA VAL F 96 -15.19 -38.00 26.56
C VAL F 96 -14.80 -39.48 26.43
N LEU F 97 -14.64 -39.94 25.18
CA LEU F 97 -14.23 -41.27 24.76
C LEU F 97 -12.71 -41.42 24.92
N ARG F 98 -11.95 -40.35 24.60
CA ARG F 98 -10.50 -40.30 24.78
C ARG F 98 -9.98 -38.87 24.74
N ALA F 99 -8.98 -38.60 25.58
CA ALA F 99 -8.34 -37.30 25.71
C ALA F 99 -6.93 -37.41 25.16
N VAL F 100 -6.62 -36.56 24.19
CA VAL F 100 -5.33 -36.55 23.53
C VAL F 100 -4.59 -35.23 23.78
N PRO F 101 -3.83 -35.12 24.90
CA PRO F 101 -3.02 -33.89 25.08
C PRO F 101 -1.85 -33.92 24.12
N HIS F 102 -1.39 -32.74 23.67
CA HIS F 102 -0.23 -32.73 22.77
C HIS F 102 0.94 -33.46 23.48
N PRO F 103 1.62 -34.41 22.79
CA PRO F 103 2.69 -35.18 23.45
C PRO F 103 3.87 -34.37 24.00
N ASP F 104 4.08 -33.13 23.53
CA ASP F 104 5.16 -32.27 24.00
C ASP F 104 4.70 -31.30 25.11
N SER F 105 3.41 -31.39 25.51
CA SER F 105 2.85 -30.55 26.57
CA SER F 105 2.84 -30.55 26.57
C SER F 105 3.32 -31.00 27.95
N GLN F 106 3.83 -30.04 28.74
CA GLN F 106 4.33 -30.30 30.08
C GLN F 106 3.60 -29.42 31.08
N PRO F 107 3.44 -29.85 32.35
CA PRO F 107 2.74 -28.97 33.30
C PRO F 107 3.55 -27.71 33.59
N ASP F 108 2.86 -26.60 33.87
CA ASP F 108 3.46 -25.29 34.16
C ASP F 108 4.29 -24.69 33.00
N THR F 109 4.17 -25.22 31.75
CA THR F 109 4.84 -24.67 30.55
C THR F 109 3.74 -24.20 29.58
N ILE F 110 3.99 -23.13 28.80
CA ILE F 110 2.97 -22.58 27.91
C ILE F 110 3.05 -23.14 26.47
N ASP F 111 4.09 -23.93 26.17
CA ASP F 111 4.29 -24.51 24.85
C ASP F 111 3.49 -25.79 24.61
N HIS F 112 3.00 -25.95 23.37
CA HIS F 112 2.23 -27.12 22.89
C HIS F 112 0.99 -27.40 23.77
N ASP F 113 0.38 -26.33 24.29
CA ASP F 113 -0.76 -26.45 25.20
C ASP F 113 -2.08 -26.74 24.48
N LEU F 114 -2.13 -27.88 23.79
CA LEU F 114 -3.30 -28.29 23.04
C LEU F 114 -3.81 -29.62 23.53
N LEU F 115 -5.12 -29.80 23.43
CA LEU F 115 -5.80 -31.00 23.86
C LEU F 115 -6.92 -31.34 22.89
N LEU F 116 -6.96 -32.59 22.42
CA LEU F 116 -8.04 -33.04 21.56
C LEU F 116 -8.93 -34.02 22.30
N LEU F 117 -10.23 -33.75 22.30
CA LEU F 117 -11.19 -34.57 23.02
C LEU F 117 -12.16 -35.25 22.06
N GLN F 118 -12.22 -36.59 22.08
CA GLN F 118 -13.15 -37.32 21.22
C GLN F 118 -14.41 -37.56 22.03
N LEU F 119 -15.54 -37.07 21.54
CA LEU F 119 -16.84 -37.17 22.20
C LEU F 119 -17.36 -38.60 22.16
N SER F 120 -18.39 -38.86 23.01
CA SER F 120 -19.09 -40.16 23.16
C SER F 120 -19.53 -40.73 21.80
N GLU F 121 -19.91 -39.84 20.89
CA GLU F 121 -20.40 -40.14 19.53
C GLU F 121 -20.30 -38.85 18.72
N LYS F 122 -20.49 -38.92 17.38
CA LYS F 122 -20.51 -37.74 16.54
C LYS F 122 -21.61 -36.80 17.07
N ALA F 123 -21.27 -35.51 17.22
CA ALA F 123 -22.18 -34.48 17.70
C ALA F 123 -23.34 -34.31 16.73
N THR F 124 -24.55 -34.09 17.27
CA THR F 124 -25.73 -33.82 16.46
C THR F 124 -25.55 -32.38 15.94
N LEU F 125 -25.43 -32.26 14.62
CA LEU F 125 -25.21 -30.97 13.97
C LEU F 125 -26.50 -30.26 13.65
N GLY F 126 -26.44 -28.94 13.66
CA GLY F 126 -27.56 -28.06 13.38
C GLY F 126 -27.15 -26.61 13.38
N PRO F 127 -28.12 -25.66 13.36
CA PRO F 127 -27.76 -24.22 13.40
C PRO F 127 -26.95 -23.78 14.62
N ALA F 128 -27.09 -24.48 15.76
CA ALA F 128 -26.40 -24.15 17.00
C ALA F 128 -25.19 -25.02 17.32
N VAL F 129 -24.92 -26.09 16.51
CA VAL F 129 -23.79 -27.02 16.69
C VAL F 129 -23.17 -27.28 15.31
N ARG F 130 -21.98 -26.74 15.09
CA ARG F 130 -21.30 -26.86 13.80
C ARG F 130 -19.79 -26.71 13.99
N PRO F 131 -18.96 -27.64 13.43
CA PRO F 131 -17.50 -27.48 13.57
C PRO F 131 -16.99 -26.27 12.83
N LEU F 132 -15.89 -25.72 13.34
CA LEU F 132 -15.28 -24.53 12.77
C LEU F 132 -14.07 -24.91 11.94
N PRO F 133 -14.00 -24.45 10.68
CA PRO F 133 -12.78 -24.67 9.89
C PRO F 133 -11.60 -23.96 10.57
N TRP F 134 -10.45 -24.63 10.58
CA TRP F 134 -9.24 -24.14 11.23
C TRP F 134 -8.11 -23.93 10.22
N GLN F 135 -7.25 -22.94 10.52
CA GLN F 135 -6.13 -22.56 9.67
C GLN F 135 -5.08 -23.65 9.52
N ARG F 136 -4.82 -24.01 8.26
CA ARG F 136 -3.85 -25.04 7.89
C ARG F 136 -2.61 -24.46 7.25
N VAL F 137 -2.70 -23.20 6.80
CA VAL F 137 -1.59 -22.48 6.17
C VAL F 137 -0.76 -21.87 7.27
N ASP F 138 0.47 -22.37 7.44
CA ASP F 138 1.35 -21.90 8.51
C ASP F 138 2.01 -20.57 8.17
N ARG F 139 1.25 -19.48 8.33
CA ARG F 139 1.68 -18.10 8.13
C ARG F 139 0.99 -17.29 9.20
N ASP F 140 1.75 -16.40 9.87
CA ASP F 140 1.22 -15.55 10.93
C ASP F 140 0.03 -14.72 10.48
N VAL F 141 -0.93 -14.49 11.38
CA VAL F 141 -2.05 -13.58 11.12
C VAL F 141 -1.38 -12.20 11.23
N ALA F 142 -1.68 -11.30 10.28
CA ALA F 142 -1.08 -9.97 10.22
C ALA F 142 -1.30 -9.20 11.52
N PRO F 143 -0.28 -8.49 12.07
CA PRO F 143 -0.53 -7.69 13.27
C PRO F 143 -1.60 -6.64 12.98
N GLY F 144 -2.42 -6.35 13.98
CA GLY F 144 -3.52 -5.40 13.82
C GLY F 144 -4.84 -6.02 13.40
N THR F 145 -4.82 -7.28 12.85
CA THR F 145 -6.05 -7.98 12.44
C THR F 145 -6.94 -8.15 13.70
N LEU F 146 -8.24 -7.86 13.56
CA LEU F 146 -9.18 -7.99 14.65
C LEU F 146 -9.72 -9.39 14.64
N CYS F 147 -9.54 -10.07 15.76
CA CYS F 147 -9.95 -11.45 15.93
C CYS F 147 -10.91 -11.57 17.12
N ASP F 148 -11.87 -12.44 16.99
CA ASP F 148 -12.90 -12.67 17.99
C ASP F 148 -12.53 -13.78 18.98
N VAL F 149 -12.58 -13.47 20.28
N VAL F 149 -12.61 -13.46 20.28
CA VAL F 149 -12.36 -14.45 21.34
CA VAL F 149 -12.34 -14.41 21.37
C VAL F 149 -13.62 -14.55 22.19
C VAL F 149 -13.60 -14.54 22.23
N ALA F 150 -14.11 -15.78 22.39
CA ALA F 150 -15.31 -16.05 23.16
C ALA F 150 -15.06 -17.05 24.28
N GLY F 151 -15.86 -16.96 25.34
CA GLY F 151 -15.76 -17.85 26.47
C GLY F 151 -16.70 -17.55 27.62
N TRP F 152 -16.75 -18.49 28.56
CA TRP F 152 -17.53 -18.40 29.79
C TRP F 152 -16.57 -18.13 30.96
N GLY F 153 -15.39 -17.59 30.66
CA GLY F 153 -14.40 -17.25 31.66
C GLY F 153 -14.83 -16.05 32.49
N ILE F 154 -14.09 -15.74 33.57
CA ILE F 154 -14.42 -14.64 34.48
C ILE F 154 -14.52 -13.29 33.73
N VAL F 155 -15.50 -12.46 34.15
CA VAL F 155 -15.82 -11.17 33.50
C VAL F 155 -15.30 -9.95 34.27
N ASN F 156 -14.65 -10.17 35.43
CA ASN F 156 -14.02 -9.11 36.25
C ASN F 156 -12.90 -9.70 37.07
N HIS F 157 -12.03 -8.86 37.65
CA HIS F 157 -10.90 -9.38 38.44
C HIS F 157 -11.35 -10.01 39.78
N ALA F 158 -12.57 -9.73 40.22
CA ALA F 158 -13.16 -10.32 41.44
C ALA F 158 -13.54 -11.81 41.21
N GLY F 159 -13.50 -12.26 39.95
CA GLY F 159 -13.77 -13.66 39.57
C GLY F 159 -15.20 -14.01 39.28
N ARG F 160 -16.05 -13.01 38.93
CA ARG F 160 -17.46 -13.26 38.61
C ARG F 160 -17.53 -14.12 37.33
N ARG F 161 -18.26 -15.24 37.44
CA ARG F 161 -18.42 -16.17 36.33
C ARG F 161 -19.75 -15.89 35.62
N PRO F 162 -19.74 -15.63 34.29
CA PRO F 162 -21.02 -15.38 33.58
C PRO F 162 -21.78 -16.68 33.31
N ASP F 163 -23.10 -16.59 33.27
CA ASP F 163 -23.88 -17.78 32.94
C ASP F 163 -23.93 -17.94 31.40
N SER F 164 -23.93 -16.80 30.70
CA SER F 164 -24.03 -16.74 29.24
CA SER F 164 -24.01 -16.77 29.25
C SER F 164 -22.69 -16.47 28.59
N LEU F 165 -22.51 -16.98 27.36
CA LEU F 165 -21.29 -16.80 26.57
C LEU F 165 -20.98 -15.32 26.28
N GLN F 166 -19.72 -14.93 26.52
CA GLN F 166 -19.22 -13.57 26.29
C GLN F 166 -18.23 -13.61 25.14
N HIS F 167 -17.92 -12.44 24.56
CA HIS F 167 -16.96 -12.32 23.48
C HIS F 167 -16.34 -10.93 23.45
N VAL F 168 -15.16 -10.81 22.84
CA VAL F 168 -14.48 -9.52 22.66
C VAL F 168 -13.62 -9.60 21.36
N LEU F 169 -13.56 -8.50 20.56
CA LEU F 169 -12.68 -8.40 19.38
C LEU F 169 -11.36 -7.84 19.86
N LEU F 170 -10.26 -8.55 19.57
CA LEU F 170 -8.93 -8.13 20.00
C LEU F 170 -8.02 -8.04 18.80
N PRO F 171 -7.12 -7.03 18.78
CA PRO F 171 -6.18 -6.93 17.67
C PRO F 171 -4.97 -7.81 17.91
N VAL F 172 -4.51 -8.49 16.85
CA VAL F 172 -3.29 -9.32 16.91
C VAL F 172 -2.11 -8.36 17.13
N LEU F 173 -1.17 -8.76 17.99
CA LEU F 173 0.04 -8.02 18.31
C LEU F 173 1.21 -8.76 17.67
N ASP F 174 2.14 -8.02 17.01
CA ASP F 174 3.33 -8.62 16.38
C ASP F 174 4.18 -9.33 17.41
N ARG F 175 4.74 -10.49 17.04
CA ARG F 175 5.57 -11.33 17.93
C ARG F 175 6.74 -10.56 18.53
N ALA F 176 7.42 -9.71 17.73
CA ALA F 176 8.54 -8.88 18.17
C ALA F 176 8.18 -8.03 19.39
N THR F 177 7.04 -7.28 19.32
CA THR F 177 6.55 -6.47 20.45
C THR F 177 6.23 -7.37 21.65
N CYS F 178 5.54 -8.49 21.40
CA CYS F 178 5.16 -9.42 22.44
C CYS F 178 6.36 -10.07 23.15
N ASN F 179 7.48 -10.23 22.44
CA ASN F 179 8.70 -10.84 22.96
C ASN F 179 9.65 -9.89 23.67
N ARG F 180 9.32 -8.59 23.76
CA ARG F 180 10.17 -7.60 24.45
C ARG F 180 10.30 -7.95 25.94
N ARG F 181 11.42 -7.58 26.55
CA ARG F 181 11.72 -7.81 27.98
C ARG F 181 10.62 -7.30 28.90
N THR F 182 9.99 -6.17 28.54
CA THR F 182 8.87 -5.53 29.25
C THR F 182 7.55 -6.32 29.08
N HIS F 183 7.49 -7.21 28.06
CA HIS F 183 6.31 -8.01 27.74
C HIS F 183 6.49 -9.47 28.12
N HIS F 184 6.66 -10.38 27.15
CA HIS F 184 6.82 -11.80 27.48
C HIS F 184 8.28 -12.29 27.34
N ASP F 185 9.23 -11.36 27.16
CA ASP F 185 10.68 -11.60 27.15
C ASP F 185 11.13 -12.94 26.51
N GLY F 186 11.02 -13.02 25.18
CA GLY F 186 11.44 -14.18 24.38
C GLY F 186 10.64 -15.47 24.47
N ALA F 187 9.57 -15.54 25.31
CA ALA F 187 8.77 -16.76 25.45
C ALA F 187 7.85 -17.09 24.26
N ILE F 188 7.58 -16.10 23.39
CA ILE F 188 6.67 -16.29 22.26
C ILE F 188 7.41 -16.91 21.12
N THR F 189 7.20 -18.21 20.90
CA THR F 189 7.84 -18.96 19.83
C THR F 189 7.04 -18.69 18.54
N GLU F 190 7.46 -19.27 17.43
CA GLU F 190 6.78 -19.19 16.13
C GLU F 190 5.40 -19.94 16.18
N ARG F 191 5.19 -20.77 17.21
CA ARG F 191 3.97 -21.59 17.38
C ARG F 191 2.91 -20.89 18.23
N LEU F 192 3.23 -19.68 18.69
CA LEU F 192 2.37 -18.87 19.53
C LEU F 192 2.14 -17.52 18.89
N MET F 193 0.98 -16.94 19.17
CA MET F 193 0.61 -15.61 18.71
C MET F 193 0.08 -14.81 19.91
N CYS F 194 0.14 -13.48 19.79
CA CYS F 194 -0.30 -12.57 20.84
C CYS F 194 -1.40 -11.68 20.38
N ALA F 195 -2.26 -11.28 21.30
CA ALA F 195 -3.30 -10.30 21.05
C ALA F 195 -3.20 -9.28 22.13
N GLU F 196 -3.59 -8.04 21.81
CA GLU F 196 -3.58 -6.93 22.78
C GLU F 196 -4.44 -7.28 24.00
N SER F 197 -3.93 -6.94 25.19
CA SER F 197 -4.59 -7.26 26.46
C SER F 197 -4.94 -6.01 27.26
N ASN F 198 -4.99 -4.83 26.62
CA ASN F 198 -5.31 -3.60 27.36
C ASN F 198 -6.77 -3.56 27.74
N ARG F 199 -7.04 -3.92 29.04
CA ARG F 199 -8.34 -4.03 29.71
CA ARG F 199 -8.35 -4.00 29.70
C ARG F 199 -9.23 -5.12 29.12
N ARG F 200 -9.47 -5.13 27.79
CA ARG F 200 -10.21 -6.14 27.05
C ARG F 200 -9.26 -7.35 26.91
N ASP F 201 -9.72 -8.55 27.32
CA ASP F 201 -8.82 -9.71 27.30
C ASP F 201 -9.57 -11.03 27.56
N SER F 202 -8.86 -12.16 27.31
CA SER F 202 -9.33 -13.49 27.68
C SER F 202 -8.81 -13.66 29.15
N CYS F 203 -9.55 -14.44 29.98
CA CYS F 203 -9.13 -14.66 31.36
C CYS F 203 -9.53 -16.04 31.85
N LYS F 204 -9.24 -16.39 33.12
CA LYS F 204 -9.49 -17.70 33.72
C LYS F 204 -10.89 -18.24 33.38
N GLY F 205 -10.88 -19.40 32.76
CA GLY F 205 -12.08 -20.07 32.29
C GLY F 205 -12.22 -19.95 30.79
N ASP F 206 -11.37 -19.13 30.13
CA ASP F 206 -11.37 -18.96 28.66
C ASP F 206 -10.33 -19.80 27.92
N SER F 207 -9.29 -20.34 28.63
CA SER F 207 -8.29 -21.18 27.94
C SER F 207 -8.98 -22.34 27.21
N GLY F 208 -8.42 -22.74 26.09
CA GLY F 208 -8.99 -23.84 25.29
C GLY F 208 -10.00 -23.34 24.27
N GLY F 209 -10.53 -22.13 24.49
CA GLY F 209 -11.50 -21.51 23.59
C GLY F 209 -10.85 -20.92 22.35
N PRO F 210 -11.69 -20.42 21.42
CA PRO F 210 -11.14 -19.95 20.14
C PRO F 210 -10.80 -18.49 19.98
N LEU F 211 -9.80 -18.26 19.13
CA LEU F 211 -9.40 -16.93 18.64
CA LEU F 211 -9.40 -16.93 18.64
C LEU F 211 -9.66 -17.08 17.14
N VAL F 212 -10.77 -16.51 16.69
CA VAL F 212 -11.28 -16.58 15.30
C VAL F 212 -11.06 -15.30 14.52
N CYS F 213 -10.42 -15.44 13.33
CA CYS F 213 -10.11 -14.30 12.44
C CYS F 213 -10.77 -14.54 11.10
N GLY F 214 -11.72 -13.68 10.74
CA GLY F 214 -12.48 -13.77 9.49
C GLY F 214 -13.20 -15.10 9.31
N GLY F 215 -13.74 -15.61 10.41
CA GLY F 215 -14.48 -16.87 10.41
C GLY F 215 -13.68 -18.15 10.45
N VAL F 216 -12.35 -18.06 10.62
CA VAL F 216 -11.47 -19.25 10.67
C VAL F 216 -10.75 -19.30 12.01
N LEU F 217 -10.62 -20.51 12.59
CA LEU F 217 -9.88 -20.69 13.84
C LEU F 217 -8.40 -20.44 13.60
N GLU F 218 -7.82 -19.46 14.32
CA GLU F 218 -6.39 -19.15 14.22
C GLU F 218 -5.61 -19.54 15.48
N GLY F 219 -6.27 -19.32 16.62
CA GLY F 219 -5.67 -19.56 17.92
C GLY F 219 -6.58 -20.25 18.92
N VAL F 220 -5.92 -20.86 19.92
CA VAL F 220 -6.54 -21.53 21.05
C VAL F 220 -5.96 -20.82 22.27
N VAL F 221 -6.85 -20.29 23.11
CA VAL F 221 -6.47 -19.51 24.29
C VAL F 221 -5.60 -20.33 25.24
N THR F 222 -4.49 -19.75 25.71
CA THR F 222 -3.69 -20.36 26.76
C THR F 222 -3.62 -19.34 27.92
N SER F 223 -3.23 -19.82 29.11
CA SER F 223 -3.23 -19.06 30.35
C SER F 223 -2.10 -18.05 30.48
N GLY F 224 -1.08 -18.17 29.61
CA GLY F 224 0.07 -17.27 29.57
C GLY F 224 0.76 -17.10 30.91
N SER F 225 0.89 -15.84 31.38
CA SER F 225 1.52 -15.52 32.67
C SER F 225 0.48 -15.44 33.81
N ARG F 226 -0.77 -15.88 33.51
CA ARG F 226 -1.93 -15.94 34.40
C ARG F 226 -2.32 -14.54 34.93
N VAL F 227 -2.08 -13.53 34.09
CA VAL F 227 -2.40 -12.12 34.32
C VAL F 227 -3.35 -11.72 33.19
N CYS F 228 -4.44 -11.07 33.54
CA CYS F 228 -5.42 -10.61 32.55
C CYS F 228 -5.62 -9.10 32.61
N GLY F 229 -5.87 -8.51 31.44
CA GLY F 229 -6.17 -7.08 31.34
C GLY F 229 -5.00 -6.14 31.49
N ASN F 230 -3.77 -6.66 31.55
CA ASN F 230 -2.56 -5.87 31.67
C ASN F 230 -1.90 -5.81 30.31
N ARG F 231 -1.85 -4.59 29.69
CA ARG F 231 -1.25 -4.35 28.38
C ARG F 231 0.18 -4.83 28.23
N LYS F 232 0.95 -4.83 29.34
CA LYS F 232 2.33 -5.29 29.35
C LYS F 232 2.44 -6.81 29.34
N LYS F 233 1.31 -7.51 29.56
CA LYS F 233 1.30 -8.98 29.50
C LYS F 233 0.23 -9.43 28.49
N PRO F 234 0.53 -9.35 27.16
CA PRO F 234 -0.46 -9.72 26.14
C PRO F 234 -1.02 -11.14 26.24
N GLY F 235 -2.23 -11.32 25.71
CA GLY F 235 -2.86 -12.63 25.65
C GLY F 235 -2.04 -13.55 24.78
N ILE F 236 -1.89 -14.82 25.18
CA ILE F 236 -1.11 -15.82 24.41
C ILE F 236 -2.06 -16.88 23.89
N TYR F 237 -1.98 -17.12 22.60
CA TYR F 237 -2.85 -18.06 21.88
C TYR F 237 -1.98 -19.00 21.08
N THR F 238 -2.28 -20.31 21.18
CA THR F 238 -1.55 -21.32 20.44
C THR F 238 -2.02 -21.29 18.97
N ARG F 239 -1.09 -21.12 18.02
CA ARG F 239 -1.39 -21.06 16.58
C ARG F 239 -1.71 -22.44 16.08
N VAL F 240 -2.96 -22.68 15.70
CA VAL F 240 -3.44 -24.00 15.22
C VAL F 240 -2.71 -24.46 13.97
N ALA F 241 -2.36 -23.51 13.04
CA ALA F 241 -1.64 -23.78 11.79
C ALA F 241 -0.31 -24.52 12.06
N SER F 242 0.40 -24.17 13.16
CA SER F 242 1.66 -24.79 13.59
C SER F 242 1.52 -26.24 13.99
N TYR F 243 0.29 -26.68 14.28
CA TYR F 243 0.00 -28.03 14.73
C TYR F 243 -0.92 -28.77 13.79
N ALA F 244 -0.97 -28.34 12.50
CA ALA F 244 -1.81 -28.94 11.45
C ALA F 244 -1.57 -30.44 11.30
N ALA F 245 -0.29 -30.86 11.25
CA ALA F 245 0.16 -32.25 11.16
C ALA F 245 -0.33 -33.09 12.32
N TRP F 246 -0.19 -32.61 13.59
CA TRP F 246 -0.65 -33.32 14.79
C TRP F 246 -2.18 -33.42 14.83
N ILE F 247 -2.90 -32.32 14.58
CA ILE F 247 -4.37 -32.33 14.58
C ILE F 247 -4.87 -33.37 13.56
N ASP F 248 -4.38 -33.30 12.31
CA ASP F 248 -4.72 -34.25 11.23
C ASP F 248 -4.40 -35.70 11.61
N SER F 249 -3.21 -35.91 12.24
CA SER F 249 -2.71 -37.21 12.71
C SER F 249 -3.57 -37.83 13.81
N VAL F 250 -4.04 -37.03 14.79
CA VAL F 250 -4.95 -37.48 15.87
C VAL F 250 -6.36 -37.68 15.30
N LEU F 251 -6.75 -36.85 14.32
CA LEU F 251 -8.07 -36.94 13.67
C LEU F 251 -8.02 -37.91 12.49
#